data_9GV3
#
_entry.id   9GV3
#
_cell.length_a   203.495
_cell.length_b   111.166
_cell.length_c   123.244
_cell.angle_alpha   90
_cell.angle_beta   90
_cell.angle_gamma   90
#
_symmetry.space_group_name_H-M   'P 21 21 2'
#
loop_
_entity.id
_entity.type
_entity.pdbx_description
1 polymer 'Fructose-bisphosphate aldolase'
2 polymer 'Nb474 mutant R53A,D125A'
3 non-polymer 'ACETATE ION'
4 non-polymer GLYCEROL
5 water water
#
loop_
_entity_poly.entity_id
_entity_poly.type
_entity_poly.pdbx_seq_one_letter_code
_entity_poly.pdbx_strand_id
1 'polypeptide(L)'
;MSRRVEVLLTQLPAYNRLKTPYEEELIETAKKMTAPGKGLLAADESTGSCSKRFAGIGLSNTAEHRRQYRALMLECAGFE
QYISGVILHDETVYQRASTGETFPQLLRRRGVVPGIKTDCGLEPLVEGADGEQMTAGLDGYVKRAKKYYAVGCRFCKWRN
VYKIQNGTVSEAVVRFNAETLARYAVLSQLCGLVPIVEPEVMIDGTHDIETCQRVSQHVWAEVVSALHRHGVVWEGCLLK
PNMVVPGAESGQTATAEQVAEYTVKTLARVLPPALPGVTFLSGGLSEVMASEYLNAMNNSPLPRPWKLTFSYARALQSSA
IKAWGGKSSGVAAGRRAFMHRAKMNSLAQLGRYNRGDDDKDSQSLYVAGNTYENLYFQSGGHHHHHH
;
A,B,C,D
2 'polypeptide(L)'
;QVQLQESGGGLVQPGGSLRLSCAASETALTYYAIGWFRQAPGKEREGVSCISAINSGSGARTDYADSVKGRFTISRDDAK
NTVTLQMNSLEPEDTARYYCALDTTDRYDSANGRYYCTISSDTYAYWGQGTQVTVSSHHHHHH
;
E,F,G,H
#
loop_
_chem_comp.id
_chem_comp.type
_chem_comp.name
_chem_comp.formula
ACT non-polymer 'ACETATE ION' 'C2 H3 O2 -1'
GOL non-polymer GLYCEROL 'C3 H8 O3'
#
# COMPACT_ATOMS: atom_id res chain seq x y z
N SER A 2 3.93 17.08 23.71
CA SER A 2 4.98 17.77 22.92
C SER A 2 6.35 17.16 23.23
N ARG A 3 6.51 15.90 22.84
CA ARG A 3 7.81 15.25 22.75
C ARG A 3 8.33 15.43 21.30
N ARG A 4 9.53 16.02 21.16
CA ARG A 4 10.06 16.46 19.86
C ARG A 4 11.44 15.84 19.66
N VAL A 5 11.93 15.80 18.41
CA VAL A 5 13.23 15.21 18.16
C VAL A 5 13.74 15.86 16.89
N GLU A 6 15.04 16.09 16.83
CA GLU A 6 15.61 16.64 15.62
C GLU A 6 16.02 15.51 14.66
N VAL A 7 15.50 15.49 13.43
CA VAL A 7 15.69 14.39 12.51
C VAL A 7 16.32 14.96 11.24
N LEU A 8 16.86 14.07 10.40
CA LEU A 8 17.28 14.49 9.06
C LEU A 8 16.06 14.69 8.19
N LEU A 9 16.07 15.74 7.32
CA LEU A 9 14.95 15.84 6.37
C LEU A 9 14.79 14.54 5.60
N THR A 10 15.91 13.92 5.20
CA THR A 10 15.84 12.73 4.34
C THR A 10 15.26 11.53 5.11
N GLN A 11 15.03 11.65 6.42
CA GLN A 11 14.30 10.57 7.11
C GLN A 11 12.78 10.77 7.07
N LEU A 12 12.32 11.90 6.52
CA LEU A 12 10.88 12.19 6.48
C LEU A 12 10.35 11.74 5.14
N PRO A 13 9.11 11.16 5.11
CA PRO A 13 8.55 10.65 3.85
C PRO A 13 8.50 11.63 2.70
N ALA A 14 8.22 12.92 2.99
CA ALA A 14 8.02 13.83 1.86
C ALA A 14 9.37 14.19 1.23
N TYR A 15 10.50 13.82 1.88
CA TYR A 15 11.81 14.25 1.37
C TYR A 15 12.55 13.07 0.72
N ASN A 16 11.82 12.20 0.04
CA ASN A 16 12.41 10.94 -0.42
C ASN A 16 13.01 11.13 -1.83
N ARG A 17 12.88 12.30 -2.48
CA ARG A 17 13.34 12.43 -3.86
C ARG A 17 14.85 12.16 -3.94
N LEU A 18 15.29 11.44 -4.98
CA LEU A 18 16.71 11.17 -5.15
C LEU A 18 17.48 12.48 -5.29
N LYS A 19 18.66 12.53 -4.65
CA LYS A 19 19.59 13.64 -4.88
C LYS A 19 20.75 13.10 -5.71
N THR A 20 20.88 13.57 -6.93
CA THR A 20 21.88 13.01 -7.82
C THR A 20 22.63 14.19 -8.39
N PRO A 21 23.98 14.13 -8.44
CA PRO A 21 24.75 15.25 -8.96
C PRO A 21 24.50 15.39 -10.47
N TYR A 22 23.87 14.38 -11.10
CA TYR A 22 23.70 14.43 -12.55
C TYR A 22 22.34 15.03 -12.94
N GLU A 23 21.58 15.57 -11.97
CA GLU A 23 20.19 15.95 -12.30
C GLU A 23 20.07 16.79 -13.58
N GLU A 24 20.86 17.88 -13.69
CA GLU A 24 20.68 18.76 -14.85
C GLU A 24 21.08 18.04 -16.14
N GLU A 25 22.18 17.27 -16.10
CA GLU A 25 22.56 16.52 -17.30
C GLU A 25 21.48 15.51 -17.69
N LEU A 26 20.88 14.79 -16.73
CA LEU A 26 19.82 13.84 -17.07
C LEU A 26 18.65 14.53 -17.77
N ILE A 27 18.27 15.70 -17.21
CA ILE A 27 17.14 16.42 -17.82
C ILE A 27 17.48 16.83 -19.27
N GLU A 28 18.73 17.28 -19.50
CA GLU A 28 19.15 17.71 -20.83
C GLU A 28 19.21 16.50 -21.78
N THR A 29 19.72 15.34 -21.29
CA THR A 29 19.72 14.16 -22.13
C THR A 29 18.30 13.76 -22.52
N ALA A 30 17.37 13.76 -21.55
CA ALA A 30 16.02 13.31 -21.86
C ALA A 30 15.38 14.26 -22.88
N LYS A 31 15.69 15.56 -22.80
CA LYS A 31 15.23 16.51 -23.82
C LYS A 31 15.82 16.21 -25.21
N LYS A 32 17.13 15.91 -25.29
CA LYS A 32 17.73 15.53 -26.57
C LYS A 32 17.10 14.27 -27.12
N MET A 33 16.82 13.27 -26.26
CA MET A 33 16.31 11.98 -26.72
C MET A 33 14.89 12.16 -27.28
N THR A 34 14.19 13.21 -26.84
CA THR A 34 12.79 13.36 -27.27
C THR A 34 12.67 14.58 -28.21
N ALA A 35 13.73 14.90 -28.94
CA ALA A 35 13.67 15.96 -29.96
C ALA A 35 12.57 15.65 -30.99
N PRO A 36 11.86 16.70 -31.46
CA PRO A 36 10.77 16.50 -32.45
C PRO A 36 11.27 15.74 -33.69
N GLY A 37 10.49 14.78 -34.21
CA GLY A 37 10.85 14.11 -35.44
C GLY A 37 11.89 13.03 -35.21
N LYS A 38 12.23 12.71 -33.95
CA LYS A 38 13.28 11.73 -33.75
C LYS A 38 12.85 10.68 -32.72
N GLY A 39 13.50 9.50 -32.80
CA GLY A 39 13.23 8.45 -31.80
C GLY A 39 14.48 7.60 -31.63
N LEU A 40 14.36 6.46 -30.93
CA LEU A 40 15.55 5.65 -30.62
C LEU A 40 15.59 4.43 -31.52
N LEU A 41 16.81 4.09 -31.96
CA LEU A 41 17.05 2.80 -32.55
C LEU A 41 17.43 1.85 -31.40
N ALA A 42 16.63 0.78 -31.18
CA ALA A 42 16.97 -0.20 -30.13
C ALA A 42 17.81 -1.30 -30.81
N ALA A 43 19.11 -1.29 -30.59
CA ALA A 43 19.99 -2.26 -31.23
C ALA A 43 20.57 -3.20 -30.15
N ASP A 44 19.83 -3.47 -29.09
CA ASP A 44 20.38 -4.14 -27.91
C ASP A 44 20.02 -5.63 -27.84
N GLU A 45 19.78 -6.29 -28.98
CA GLU A 45 19.52 -7.74 -29.00
C GLU A 45 20.70 -8.54 -28.41
N SER A 46 20.34 -9.52 -27.57
CA SER A 46 21.32 -10.45 -27.00
C SER A 46 21.86 -11.30 -28.14
N THR A 47 22.96 -12.02 -27.89
CA THR A 47 23.53 -12.96 -28.84
C THR A 47 22.50 -14.04 -29.25
N GLY A 48 21.63 -14.49 -28.32
CA GLY A 48 20.49 -15.37 -28.61
C GLY A 48 19.46 -14.79 -29.57
N SER A 49 19.07 -13.50 -29.40
CA SER A 49 18.23 -12.81 -30.37
C SER A 49 18.92 -12.75 -31.73
N CYS A 50 20.23 -12.51 -31.75
CA CYS A 50 20.96 -12.41 -33.01
C CYS A 50 20.86 -13.71 -33.83
N SER A 51 20.80 -14.89 -33.17
CA SER A 51 20.62 -16.15 -33.89
C SER A 51 19.34 -16.12 -34.71
N LYS A 52 18.27 -15.62 -34.06
CA LYS A 52 16.96 -15.46 -34.68
C LYS A 52 17.02 -14.45 -35.83
N ARG A 53 17.59 -13.26 -35.59
CA ARG A 53 17.81 -12.26 -36.63
C ARG A 53 18.62 -12.83 -37.81
N PHE A 54 19.55 -13.75 -37.57
CA PHE A 54 20.52 -14.16 -38.59
C PHE A 54 20.06 -15.44 -39.27
N ALA A 55 18.96 -16.01 -38.76
CA ALA A 55 18.47 -17.32 -39.19
C ALA A 55 18.09 -17.26 -40.68
N GLY A 56 17.35 -16.20 -41.04
CA GLY A 56 16.88 -15.96 -42.40
C GLY A 56 18.02 -15.77 -43.38
N ILE A 57 19.10 -15.08 -42.98
CA ILE A 57 20.08 -14.72 -43.99
C ILE A 57 21.23 -15.72 -44.01
N GLY A 58 21.20 -16.72 -43.10
CA GLY A 58 22.24 -17.74 -43.02
C GLY A 58 23.60 -17.15 -42.61
N LEU A 59 23.61 -16.15 -41.72
CA LEU A 59 24.87 -15.61 -41.24
C LEU A 59 25.21 -16.30 -39.91
N SER A 60 26.44 -16.80 -39.77
CA SER A 60 26.80 -17.42 -38.48
C SER A 60 26.87 -16.35 -37.39
N ASN A 61 26.47 -16.77 -36.18
CA ASN A 61 26.35 -15.87 -35.05
C ASN A 61 27.73 -15.68 -34.41
N THR A 62 28.59 -14.82 -34.96
CA THR A 62 29.85 -14.57 -34.28
C THR A 62 29.86 -13.12 -33.77
N ALA A 63 30.81 -12.80 -32.87
CA ALA A 63 31.04 -11.45 -32.39
C ALA A 63 31.30 -10.51 -33.58
N GLU A 64 32.13 -10.93 -34.56
CA GLU A 64 32.44 -10.11 -35.73
C GLU A 64 31.19 -9.86 -36.59
N HIS A 65 30.37 -10.92 -36.79
CA HIS A 65 29.16 -10.75 -37.58
C HIS A 65 28.18 -9.83 -36.85
N ARG A 66 28.10 -9.96 -35.51
CA ARG A 66 27.22 -9.07 -34.78
C ARG A 66 27.71 -7.61 -34.93
N ARG A 67 29.04 -7.43 -34.94
CA ARG A 67 29.61 -6.11 -35.05
C ARG A 67 29.21 -5.53 -36.42
N GLN A 68 29.29 -6.36 -37.47
CA GLN A 68 28.99 -5.89 -38.83
C GLN A 68 27.49 -5.56 -38.95
N TYR A 69 26.64 -6.33 -38.26
CA TYR A 69 25.21 -6.04 -38.27
C TYR A 69 24.94 -4.68 -37.60
N ARG A 70 25.57 -4.41 -36.44
CA ARG A 70 25.40 -3.09 -35.84
C ARG A 70 26.01 -2.00 -36.75
N ALA A 71 27.20 -2.26 -37.32
CA ALA A 71 27.87 -1.29 -38.19
C ALA A 71 27.03 -0.94 -39.43
N LEU A 72 26.24 -1.92 -39.94
CA LEU A 72 25.38 -1.66 -41.09
C LEU A 72 24.57 -0.40 -40.79
N MET A 73 24.01 -0.37 -39.57
CA MET A 73 23.17 0.76 -39.18
C MET A 73 24.01 1.95 -38.65
N LEU A 74 24.99 1.71 -37.78
CA LEU A 74 25.65 2.78 -37.04
C LEU A 74 26.62 3.55 -37.93
N GLU A 75 27.19 2.92 -38.95
CA GLU A 75 28.10 3.62 -39.85
C GLU A 75 27.38 4.15 -41.09
N CYS A 76 26.05 4.05 -41.09
CA CYS A 76 25.21 4.60 -42.15
C CYS A 76 25.14 6.13 -41.94
N ALA A 77 25.56 6.92 -42.92
CA ALA A 77 25.45 8.37 -42.85
C ALA A 77 23.98 8.80 -42.76
N GLY A 78 23.72 9.85 -41.99
CA GLY A 78 22.44 10.51 -42.14
C GLY A 78 21.37 10.10 -41.14
N PHE A 79 21.57 9.01 -40.40
CA PHE A 79 20.44 8.52 -39.58
C PHE A 79 20.16 9.49 -38.41
N GLU A 80 21.09 10.38 -38.11
CA GLU A 80 20.92 11.35 -37.03
C GLU A 80 19.85 12.40 -37.34
N GLN A 81 19.39 12.44 -38.61
CA GLN A 81 18.23 13.26 -38.91
C GLN A 81 16.99 12.70 -38.24
N TYR A 82 16.95 11.40 -37.96
CA TYR A 82 15.70 10.74 -37.53
C TYR A 82 15.87 10.05 -36.18
N ILE A 83 17.12 9.84 -35.72
CA ILE A 83 17.40 9.00 -34.55
C ILE A 83 18.09 9.90 -33.52
N SER A 84 17.49 9.99 -32.33
CA SER A 84 18.09 10.83 -31.28
C SER A 84 19.02 10.01 -30.36
N GLY A 85 18.86 8.68 -30.33
CA GLY A 85 19.64 7.88 -29.38
C GLY A 85 19.64 6.42 -29.85
N VAL A 86 20.70 5.65 -29.50
CA VAL A 86 20.79 4.25 -29.87
C VAL A 86 20.95 3.43 -28.60
N ILE A 87 20.09 2.43 -28.37
CA ILE A 87 20.27 1.50 -27.26
C ILE A 87 21.23 0.40 -27.72
N LEU A 88 22.43 0.39 -27.14
CA LEU A 88 23.40 -0.62 -27.50
C LEU A 88 23.28 -1.80 -26.53
N HIS A 89 23.75 -2.94 -27.01
CA HIS A 89 24.04 -4.10 -26.19
C HIS A 89 25.46 -3.88 -25.62
N ASP A 90 25.68 -4.42 -24.45
CA ASP A 90 26.97 -4.43 -23.76
C ASP A 90 28.11 -4.77 -24.72
N GLU A 91 27.97 -5.80 -25.56
CA GLU A 91 29.11 -6.19 -26.37
C GLU A 91 29.46 -5.06 -27.35
N THR A 92 28.42 -4.38 -27.92
CA THR A 92 28.68 -3.38 -28.97
C THR A 92 29.31 -2.13 -28.38
N VAL A 93 29.01 -1.82 -27.11
CA VAL A 93 29.59 -0.64 -26.47
C VAL A 93 31.12 -0.66 -26.58
N TYR A 94 31.72 -1.86 -26.59
CA TYR A 94 33.16 -2.03 -26.54
C TYR A 94 33.72 -2.30 -27.94
N GLN A 95 32.86 -2.46 -28.95
CA GLN A 95 33.37 -2.74 -30.28
C GLN A 95 33.73 -1.41 -31.00
N ARG A 96 34.48 -1.53 -32.09
CA ARG A 96 34.96 -0.34 -32.79
C ARG A 96 34.35 -0.27 -34.19
N ALA A 97 34.04 0.97 -34.57
CA ALA A 97 33.64 1.28 -35.93
C ALA A 97 34.85 1.27 -36.85
N SER A 98 34.58 1.20 -38.15
CA SER A 98 35.69 1.24 -39.08
C SER A 98 36.28 2.65 -39.13
N THR A 99 35.64 3.65 -38.50
CA THR A 99 36.18 4.99 -38.40
C THR A 99 37.33 4.99 -37.38
N GLY A 100 37.49 3.92 -36.58
CA GLY A 100 38.53 3.97 -35.56
C GLY A 100 37.94 4.28 -34.18
N GLU A 101 36.67 4.66 -34.09
CA GLU A 101 36.13 5.04 -32.79
C GLU A 101 35.41 3.86 -32.13
N THR A 102 35.15 3.97 -30.81
CA THR A 102 34.15 3.06 -30.23
C THR A 102 32.78 3.51 -30.74
N PHE A 103 31.81 2.60 -30.75
CA PHE A 103 30.46 2.98 -31.14
C PHE A 103 29.93 4.17 -30.33
N PRO A 104 30.05 4.22 -28.98
CA PRO A 104 29.59 5.40 -28.26
C PRO A 104 30.30 6.69 -28.72
N GLN A 105 31.59 6.63 -29.05
CA GLN A 105 32.26 7.84 -29.50
C GLN A 105 31.72 8.28 -30.86
N LEU A 106 31.50 7.30 -31.76
CA LEU A 106 30.94 7.63 -33.06
C LEU A 106 29.58 8.33 -32.87
N LEU A 107 28.73 7.77 -31.98
CA LEU A 107 27.41 8.35 -31.76
C LEU A 107 27.52 9.79 -31.21
N ARG A 108 28.34 10.00 -30.18
CA ARG A 108 28.51 11.35 -29.59
C ARG A 108 29.02 12.31 -30.67
N ARG A 109 29.99 11.91 -31.50
CA ARG A 109 30.42 12.85 -32.54
C ARG A 109 29.26 13.31 -33.41
N ARG A 110 28.29 12.41 -33.68
CA ARG A 110 27.18 12.73 -34.57
C ARG A 110 26.00 13.32 -33.83
N GLY A 111 26.18 13.64 -32.54
CA GLY A 111 25.11 14.24 -31.75
C GLY A 111 24.00 13.26 -31.37
N VAL A 112 24.26 11.93 -31.46
CA VAL A 112 23.22 10.94 -31.12
C VAL A 112 23.60 10.42 -29.72
N VAL A 113 22.62 10.24 -28.83
CA VAL A 113 22.94 9.87 -27.45
C VAL A 113 23.20 8.35 -27.42
N PRO A 114 24.36 7.86 -26.90
CA PRO A 114 24.56 6.44 -26.72
C PRO A 114 23.84 5.95 -25.44
N GLY A 115 23.14 4.81 -25.56
CA GLY A 115 22.55 4.19 -24.36
C GLY A 115 22.91 2.71 -24.29
N ILE A 116 22.48 2.07 -23.18
CA ILE A 116 22.91 0.72 -22.88
C ILE A 116 21.72 -0.02 -22.25
N LYS A 117 21.50 -1.26 -22.68
CA LYS A 117 20.55 -2.09 -21.99
C LYS A 117 21.25 -2.65 -20.74
N THR A 118 20.73 -2.42 -19.54
CA THR A 118 21.46 -2.80 -18.34
C THR A 118 20.78 -3.94 -17.56
N ASP A 119 19.61 -4.46 -18.00
CA ASP A 119 19.02 -5.56 -17.24
C ASP A 119 19.79 -6.83 -17.55
N CYS A 120 19.59 -7.91 -16.75
CA CYS A 120 20.30 -9.17 -16.97
C CYS A 120 19.29 -10.26 -17.32
N GLY A 121 18.15 -9.89 -17.90
CA GLY A 121 17.31 -10.92 -18.51
C GLY A 121 16.14 -11.39 -17.61
N LEU A 122 15.24 -12.17 -18.20
CA LEU A 122 14.00 -12.56 -17.56
C LEU A 122 14.23 -13.85 -16.77
N GLU A 123 13.55 -14.01 -15.63
CA GLU A 123 13.63 -15.28 -14.92
C GLU A 123 12.22 -15.58 -14.38
N PRO A 124 11.96 -16.83 -13.90
CA PRO A 124 10.61 -17.15 -13.41
C PRO A 124 10.30 -16.26 -12.19
N LEU A 125 9.07 -15.76 -12.11
CA LEU A 125 8.70 -14.88 -11.00
C LEU A 125 8.60 -15.68 -9.70
N VAL A 126 8.28 -16.97 -9.81
CA VAL A 126 8.12 -17.88 -8.64
C VAL A 126 6.81 -17.58 -7.88
N GLU A 127 6.58 -16.34 -7.45
CA GLU A 127 5.26 -15.94 -6.94
C GLU A 127 4.28 -15.83 -8.11
N GLY A 128 3.01 -15.56 -7.83
CA GLY A 128 2.05 -15.26 -8.90
C GLY A 128 1.74 -16.52 -9.68
N ALA A 129 1.56 -16.41 -11.00
CA ALA A 129 1.00 -17.52 -11.78
C ALA A 129 2.10 -18.03 -12.70
N ASP A 130 1.98 -19.30 -13.08
CA ASP A 130 3.00 -19.90 -13.93
C ASP A 130 3.13 -19.14 -15.26
N GLY A 131 4.37 -18.90 -15.69
CA GLY A 131 4.67 -18.19 -16.93
C GLY A 131 4.94 -16.69 -16.69
N GLU A 132 4.66 -16.17 -15.49
CA GLU A 132 5.01 -14.80 -15.20
C GLU A 132 6.50 -14.72 -14.91
N GLN A 133 7.11 -13.55 -15.21
CA GLN A 133 8.56 -13.46 -15.14
C GLN A 133 8.98 -12.16 -14.46
N MET A 134 10.07 -12.25 -13.67
CA MET A 134 10.71 -11.03 -13.19
C MET A 134 11.95 -10.75 -14.06
N THR A 135 12.64 -9.65 -13.78
CA THR A 135 13.88 -9.30 -14.45
C THR A 135 15.01 -9.19 -13.44
N ALA A 136 16.15 -9.86 -13.73
CA ALA A 136 17.35 -9.90 -12.90
C ALA A 136 18.25 -8.72 -13.22
N GLY A 137 19.15 -8.35 -12.29
CA GLY A 137 20.27 -7.48 -12.61
C GLY A 137 20.53 -6.35 -11.63
N LEU A 138 19.81 -6.27 -10.48
CA LEU A 138 20.06 -5.13 -9.59
C LEU A 138 21.36 -5.31 -8.79
N ASP A 139 21.80 -6.55 -8.55
CA ASP A 139 23.08 -6.75 -7.86
C ASP A 139 24.22 -6.22 -8.74
N GLY A 140 25.09 -5.42 -8.13
CA GLY A 140 26.23 -4.83 -8.82
C GLY A 140 25.80 -3.75 -9.82
N TYR A 141 24.53 -3.30 -9.76
CA TYR A 141 24.02 -2.35 -10.75
C TYR A 141 24.81 -1.04 -10.77
N VAL A 142 25.10 -0.49 -9.61
CA VAL A 142 25.71 0.85 -9.57
C VAL A 142 27.10 0.79 -10.22
N LYS A 143 27.89 -0.21 -9.88
CA LYS A 143 29.20 -0.36 -10.51
C LYS A 143 29.07 -0.50 -12.05
N ARG A 144 28.09 -1.28 -12.52
CA ARG A 144 27.93 -1.46 -13.97
C ARG A 144 27.56 -0.13 -14.62
N ALA A 145 26.60 0.57 -13.98
CA ALA A 145 26.09 1.78 -14.60
C ALA A 145 27.19 2.86 -14.66
N LYS A 146 28.00 2.96 -13.60
CA LYS A 146 29.17 3.87 -13.60
C LYS A 146 30.15 3.57 -14.73
N LYS A 147 30.37 2.28 -14.99
CA LYS A 147 31.31 1.89 -16.07
C LYS A 147 30.75 2.30 -17.42
N TYR A 148 29.43 2.12 -17.63
CA TYR A 148 28.84 2.54 -18.89
C TYR A 148 28.88 4.06 -19.05
N TYR A 149 28.63 4.81 -17.97
CA TYR A 149 28.68 6.26 -18.04
C TYR A 149 30.10 6.70 -18.42
N ALA A 150 31.10 5.99 -17.88
CA ALA A 150 32.50 6.34 -18.14
C ALA A 150 32.83 6.21 -19.63
N VAL A 151 32.22 5.26 -20.36
CA VAL A 151 32.59 5.12 -21.75
C VAL A 151 31.63 5.92 -22.63
N GLY A 152 30.71 6.73 -22.03
CA GLY A 152 30.02 7.70 -22.87
C GLY A 152 28.50 7.43 -22.93
N CYS A 153 28.01 6.35 -22.30
CA CYS A 153 26.56 6.15 -22.32
C CYS A 153 25.91 7.20 -21.39
N ARG A 154 24.74 7.70 -21.81
CA ARG A 154 24.02 8.71 -21.03
C ARG A 154 22.57 8.30 -20.77
N PHE A 155 22.15 7.14 -21.28
CA PHE A 155 20.85 6.58 -20.91
C PHE A 155 20.93 5.07 -20.90
N CYS A 156 19.94 4.43 -20.26
CA CYS A 156 19.95 2.98 -20.21
C CYS A 156 18.51 2.48 -20.38
N LYS A 157 18.37 1.16 -20.52
CA LYS A 157 17.07 0.58 -20.73
C LYS A 157 17.00 -0.70 -19.90
N TRP A 158 15.84 -0.97 -19.31
CA TRP A 158 15.62 -2.18 -18.52
C TRP A 158 14.18 -2.62 -18.80
N ARG A 159 14.04 -3.86 -19.21
CA ARG A 159 12.77 -4.39 -19.67
C ARG A 159 12.20 -5.34 -18.59
N ASN A 160 10.97 -5.06 -18.16
CA ASN A 160 10.18 -6.05 -17.46
C ASN A 160 9.01 -6.45 -18.34
N VAL A 161 8.48 -7.66 -18.16
CA VAL A 161 7.36 -8.09 -18.99
C VAL A 161 6.20 -8.54 -18.09
N TYR A 162 4.98 -8.43 -18.65
CA TYR A 162 3.77 -8.85 -17.97
C TYR A 162 2.96 -9.67 -18.96
N LYS A 163 2.73 -10.93 -18.59
CA LYS A 163 2.11 -11.85 -19.53
C LYS A 163 0.65 -11.95 -19.15
N ILE A 164 -0.22 -11.50 -20.05
CA ILE A 164 -1.66 -11.67 -19.80
C ILE A 164 -2.05 -13.12 -20.01
N GLN A 165 -2.68 -13.74 -18.97
CA GLN A 165 -3.23 -15.07 -19.16
C GLN A 165 -4.66 -15.03 -18.59
N ASN A 166 -5.62 -15.59 -19.34
CA ASN A 166 -7.01 -15.70 -18.89
C ASN A 166 -7.54 -14.31 -18.56
N GLY A 167 -7.10 -13.29 -19.31
CA GLY A 167 -7.68 -11.98 -19.16
C GLY A 167 -7.09 -11.18 -18.01
N THR A 168 -6.02 -11.68 -17.36
CA THR A 168 -5.54 -10.92 -16.21
C THR A 168 -4.06 -11.22 -15.99
N VAL A 169 -3.47 -10.61 -14.92
CA VAL A 169 -2.13 -10.89 -14.45
C VAL A 169 -2.21 -10.92 -12.93
N SER A 170 -1.27 -11.59 -12.26
CA SER A 170 -1.36 -11.66 -10.81
C SER A 170 -1.00 -10.31 -10.21
N GLU A 171 -1.53 -10.04 -9.00
CA GLU A 171 -1.07 -8.87 -8.26
C GLU A 171 0.43 -9.00 -7.93
N ALA A 172 0.91 -10.23 -7.69
CA ALA A 172 2.32 -10.45 -7.42
C ALA A 172 3.21 -9.87 -8.54
N VAL A 173 2.87 -10.10 -9.81
CA VAL A 173 3.76 -9.59 -10.86
C VAL A 173 3.62 -8.08 -10.98
N VAL A 174 2.39 -7.55 -10.82
CA VAL A 174 2.13 -6.13 -10.93
C VAL A 174 3.00 -5.39 -9.88
N ARG A 175 2.99 -5.88 -8.63
CA ARG A 175 3.74 -5.21 -7.56
C ARG A 175 5.25 -5.43 -7.75
N PHE A 176 5.68 -6.68 -7.98
CA PHE A 176 7.10 -6.95 -7.95
C PHE A 176 7.84 -6.30 -9.11
N ASN A 177 7.29 -6.40 -10.32
CA ASN A 177 7.96 -5.81 -11.47
C ASN A 177 7.95 -4.27 -11.38
N ALA A 178 6.89 -3.65 -10.84
CA ALA A 178 6.90 -2.19 -10.63
C ALA A 178 8.03 -1.80 -9.67
N GLU A 179 8.17 -2.57 -8.57
CA GLU A 179 9.22 -2.29 -7.58
C GLU A 179 10.59 -2.41 -8.24
N THR A 180 10.80 -3.46 -9.05
CA THR A 180 12.06 -3.68 -9.73
C THR A 180 12.38 -2.47 -10.63
N LEU A 181 11.40 -2.07 -11.46
CA LEU A 181 11.61 -0.95 -12.39
C LEU A 181 11.91 0.32 -11.61
N ALA A 182 11.16 0.57 -10.51
CA ALA A 182 11.40 1.85 -9.83
C ALA A 182 12.81 1.91 -9.18
N ARG A 183 13.28 0.78 -8.63
CA ARG A 183 14.60 0.69 -8.03
C ARG A 183 15.69 0.87 -9.12
N TYR A 184 15.49 0.20 -10.29
CA TYR A 184 16.39 0.35 -11.40
C TYR A 184 16.48 1.84 -11.78
N ALA A 185 15.34 2.53 -11.83
CA ALA A 185 15.35 3.90 -12.35
C ALA A 185 16.17 4.84 -11.43
N VAL A 186 16.00 4.73 -10.13
CA VAL A 186 16.74 5.60 -9.22
C VAL A 186 18.22 5.26 -9.20
N LEU A 187 18.59 3.97 -9.20
CA LEU A 187 20.03 3.62 -9.26
C LEU A 187 20.65 4.16 -10.58
N SER A 188 19.93 4.05 -11.70
CA SER A 188 20.42 4.61 -12.95
C SER A 188 20.69 6.12 -12.86
N GLN A 189 19.71 6.85 -12.32
CA GLN A 189 19.85 8.31 -12.23
C GLN A 189 21.01 8.69 -11.31
N LEU A 190 21.22 7.91 -10.24
CA LEU A 190 22.35 8.13 -9.35
C LEU A 190 23.66 8.11 -10.13
N CYS A 191 23.74 7.27 -11.15
CA CYS A 191 24.96 7.04 -11.88
C CYS A 191 25.00 7.83 -13.19
N GLY A 192 24.03 8.73 -13.41
CA GLY A 192 24.10 9.64 -14.57
C GLY A 192 23.50 9.05 -15.84
N LEU A 193 22.73 7.96 -15.76
CA LEU A 193 22.05 7.42 -16.92
C LEU A 193 20.54 7.72 -16.84
N VAL A 194 19.97 8.35 -17.89
CA VAL A 194 18.54 8.50 -18.01
C VAL A 194 17.93 7.12 -18.14
N PRO A 195 17.08 6.68 -17.20
CA PRO A 195 16.50 5.34 -17.31
C PRO A 195 15.30 5.37 -18.27
N ILE A 196 15.32 4.44 -19.23
CA ILE A 196 14.12 4.07 -19.93
C ILE A 196 13.48 2.93 -19.14
N VAL A 197 12.30 3.20 -18.58
CA VAL A 197 11.52 2.23 -17.80
C VAL A 197 10.59 1.52 -18.79
N GLU A 198 10.81 0.21 -19.02
CA GLU A 198 10.03 -0.51 -20.01
C GLU A 198 9.15 -1.54 -19.29
N PRO A 199 7.85 -1.26 -19.02
CA PRO A 199 6.93 -2.27 -18.47
C PRO A 199 6.11 -2.79 -19.64
N GLU A 200 6.57 -3.87 -20.23
CA GLU A 200 5.96 -4.31 -21.48
C GLU A 200 4.82 -5.32 -21.17
N VAL A 201 3.59 -4.89 -21.40
CA VAL A 201 2.48 -5.85 -21.40
C VAL A 201 2.52 -6.56 -22.73
N MET A 202 2.76 -7.86 -22.73
CA MET A 202 3.18 -8.50 -23.96
C MET A 202 1.99 -8.75 -24.88
N ILE A 203 2.25 -8.70 -26.19
CA ILE A 203 1.22 -8.93 -27.20
C ILE A 203 0.84 -10.41 -27.26
N ASP A 204 1.70 -11.31 -26.75
CA ASP A 204 1.40 -12.75 -26.86
C ASP A 204 0.10 -13.11 -26.14
N GLY A 205 -0.72 -13.92 -26.79
CA GLY A 205 -1.92 -14.39 -26.11
C GLY A 205 -3.18 -14.03 -26.86
N THR A 206 -4.29 -14.44 -26.28
CA THR A 206 -5.57 -14.46 -26.98
C THR A 206 -6.41 -13.27 -26.45
N HIS A 207 -5.87 -12.37 -25.63
CA HIS A 207 -6.68 -11.31 -25.04
C HIS A 207 -7.04 -10.25 -26.07
N ASP A 208 -8.18 -9.56 -25.87
CA ASP A 208 -8.60 -8.51 -26.78
C ASP A 208 -8.03 -7.14 -26.35
N ILE A 209 -8.35 -6.08 -27.12
CA ILE A 209 -7.72 -4.78 -26.87
C ILE A 209 -8.27 -4.17 -25.57
N GLU A 210 -9.55 -4.45 -25.24
CA GLU A 210 -10.12 -4.03 -23.97
C GLU A 210 -9.32 -4.60 -22.79
N THR A 211 -8.99 -5.90 -22.86
CA THR A 211 -8.20 -6.51 -21.80
C THR A 211 -6.81 -5.90 -21.74
N CYS A 212 -6.18 -5.70 -22.91
CA CYS A 212 -4.86 -5.08 -22.91
C CYS A 212 -4.96 -3.70 -22.22
N GLN A 213 -6.02 -2.91 -22.51
CA GLN A 213 -6.18 -1.57 -21.95
C GLN A 213 -6.24 -1.68 -20.42
N ARG A 214 -7.11 -2.56 -19.87
CA ARG A 214 -7.31 -2.62 -18.45
C ARG A 214 -6.02 -3.05 -17.76
N VAL A 215 -5.39 -4.13 -18.28
CA VAL A 215 -4.15 -4.62 -17.68
C VAL A 215 -3.02 -3.58 -17.81
N SER A 216 -2.90 -2.91 -18.97
CA SER A 216 -1.85 -1.91 -19.13
C SER A 216 -2.04 -0.75 -18.16
N GLN A 217 -3.29 -0.32 -18.00
CA GLN A 217 -3.53 0.82 -17.13
C GLN A 217 -3.12 0.44 -15.69
N HIS A 218 -3.49 -0.77 -15.29
CA HIS A 218 -3.26 -1.22 -13.92
C HIS A 218 -1.76 -1.42 -13.69
N VAL A 219 -1.05 -2.06 -14.63
CA VAL A 219 0.39 -2.31 -14.51
C VAL A 219 1.14 -0.96 -14.47
N TRP A 220 0.82 -0.05 -15.40
CA TRP A 220 1.54 1.22 -15.51
C TRP A 220 1.26 2.13 -14.31
N ALA A 221 0.00 2.14 -13.83
CA ALA A 221 -0.28 2.92 -12.61
C ALA A 221 0.59 2.44 -11.44
N GLU A 222 0.80 1.15 -11.30
CA GLU A 222 1.62 0.65 -10.21
C GLU A 222 3.11 1.02 -10.43
N VAL A 223 3.60 0.96 -11.67
CA VAL A 223 4.95 1.43 -11.96
C VAL A 223 5.10 2.90 -11.53
N VAL A 224 4.13 3.76 -11.86
CA VAL A 224 4.18 5.16 -11.49
C VAL A 224 4.18 5.32 -9.97
N SER A 225 3.29 4.57 -9.27
CA SER A 225 3.27 4.61 -7.81
CA SER A 225 3.26 4.62 -7.80
C SER A 225 4.63 4.25 -7.22
N ALA A 226 5.24 3.19 -7.74
CA ALA A 226 6.55 2.74 -7.25
C ALA A 226 7.62 3.81 -7.53
N LEU A 227 7.57 4.45 -8.71
CA LEU A 227 8.49 5.54 -9.03
C LEU A 227 8.38 6.67 -8.02
N HIS A 228 7.13 7.03 -7.61
CA HIS A 228 6.99 8.04 -6.56
C HIS A 228 7.65 7.57 -5.26
N ARG A 229 7.35 6.32 -4.87
CA ARG A 229 7.87 5.81 -3.59
C ARG A 229 9.39 5.79 -3.58
N HIS A 230 10.06 5.42 -4.69
CA HIS A 230 11.52 5.34 -4.71
C HIS A 230 12.17 6.68 -4.98
N GLY A 231 11.40 7.72 -5.31
CA GLY A 231 11.96 9.06 -5.38
C GLY A 231 12.64 9.38 -6.74
N VAL A 232 12.10 8.89 -7.85
CA VAL A 232 12.66 9.17 -9.18
C VAL A 232 12.60 10.69 -9.48
N VAL A 233 13.60 11.17 -10.23
CA VAL A 233 13.55 12.50 -10.85
C VAL A 233 12.73 12.36 -12.14
N TRP A 234 11.45 12.75 -12.07
CA TRP A 234 10.51 12.53 -13.16
C TRP A 234 11.02 13.12 -14.46
N GLU A 235 11.64 14.30 -14.37
CA GLU A 235 12.00 15.09 -15.52
C GLU A 235 13.19 14.45 -16.23
N GLY A 236 13.82 13.44 -15.62
CA GLY A 236 15.01 12.83 -16.21
C GLY A 236 14.78 11.32 -16.40
N CYS A 237 13.55 10.93 -16.74
CA CYS A 237 13.15 9.52 -16.83
C CYS A 237 12.31 9.40 -18.12
N LEU A 238 12.29 8.25 -18.79
CA LEU A 238 11.42 8.02 -19.94
C LEU A 238 10.66 6.70 -19.75
N LEU A 239 9.52 6.57 -20.43
CA LEU A 239 8.77 5.32 -20.37
C LEU A 239 8.81 4.69 -21.74
N LYS A 240 9.05 3.37 -21.79
CA LYS A 240 8.96 2.58 -23.02
C LYS A 240 7.88 1.52 -22.86
N PRO A 241 6.59 1.86 -23.09
CA PRO A 241 5.50 0.91 -22.93
C PRO A 241 5.11 0.24 -24.24
N ASN A 242 4.33 -0.83 -24.11
CA ASN A 242 3.59 -1.41 -25.24
C ASN A 242 2.53 -0.38 -25.66
N MET A 243 2.20 -0.40 -26.97
CA MET A 243 0.95 0.21 -27.38
C MET A 243 -0.18 -0.71 -26.90
N VAL A 244 -1.39 -0.16 -26.74
CA VAL A 244 -2.52 -0.99 -26.33
C VAL A 244 -3.16 -1.56 -27.61
N VAL A 245 -3.00 -2.87 -27.84
CA VAL A 245 -3.42 -3.53 -29.09
C VAL A 245 -4.03 -4.87 -28.70
N PRO A 246 -4.78 -5.53 -29.62
CA PRO A 246 -5.27 -6.88 -29.37
C PRO A 246 -4.08 -7.83 -29.26
N GLY A 247 -4.23 -8.90 -28.48
CA GLY A 247 -3.25 -9.96 -28.42
C GLY A 247 -3.07 -10.61 -29.80
N ALA A 248 -1.86 -11.15 -30.00
CA ALA A 248 -1.42 -11.67 -31.29
C ALA A 248 -2.27 -12.86 -31.73
N GLU A 249 -2.85 -13.62 -30.81
CA GLU A 249 -3.66 -14.75 -31.23
C GLU A 249 -5.14 -14.45 -30.90
N SER A 250 -5.51 -13.17 -30.70
CA SER A 250 -6.91 -12.89 -30.33
C SER A 250 -7.79 -12.95 -31.58
N GLY A 251 -7.22 -12.68 -32.75
CA GLY A 251 -8.00 -12.60 -33.98
C GLY A 251 -8.71 -11.25 -34.13
N GLN A 252 -8.51 -10.29 -33.20
CA GLN A 252 -9.39 -9.12 -33.20
C GLN A 252 -8.87 -8.01 -34.13
N THR A 253 -9.76 -7.40 -34.94
CA THR A 253 -9.37 -6.22 -35.73
C THR A 253 -9.17 -5.00 -34.84
N ALA A 254 -8.21 -4.17 -35.18
CA ALA A 254 -8.14 -2.85 -34.53
C ALA A 254 -7.46 -1.96 -35.55
N THR A 255 -8.00 -0.76 -35.74
CA THR A 255 -7.39 0.18 -36.68
C THR A 255 -6.35 0.99 -35.91
N ALA A 256 -5.53 1.73 -36.67
CA ALA A 256 -4.54 2.60 -36.08
C ALA A 256 -5.21 3.62 -35.16
N GLU A 257 -6.35 4.15 -35.56
CA GLU A 257 -7.03 5.17 -34.78
C GLU A 257 -7.54 4.60 -33.46
N GLN A 258 -8.02 3.34 -33.47
CA GLN A 258 -8.46 2.72 -32.23
C GLN A 258 -7.26 2.46 -31.31
N VAL A 259 -6.16 1.94 -31.85
CA VAL A 259 -4.95 1.72 -31.04
C VAL A 259 -4.50 3.04 -30.38
N ALA A 260 -4.52 4.14 -31.15
CA ALA A 260 -4.05 5.41 -30.63
C ALA A 260 -4.99 5.86 -29.49
N GLU A 261 -6.29 5.73 -29.71
CA GLU A 261 -7.24 6.17 -28.72
C GLU A 261 -7.12 5.33 -27.43
N TYR A 262 -7.06 3.98 -27.55
CA TYR A 262 -6.89 3.18 -26.37
C TYR A 262 -5.55 3.45 -25.68
N THR A 263 -4.46 3.66 -26.44
CA THR A 263 -3.13 3.82 -25.84
C THR A 263 -3.04 5.15 -25.14
N VAL A 264 -3.42 6.22 -25.85
CA VAL A 264 -3.25 7.56 -25.32
C VAL A 264 -4.18 7.77 -24.12
N LYS A 265 -5.42 7.28 -24.19
CA LYS A 265 -6.29 7.42 -23.04
C LYS A 265 -5.70 6.72 -21.81
N THR A 266 -5.03 5.58 -22.02
CA THR A 266 -4.48 4.83 -20.87
C THR A 266 -3.29 5.62 -20.29
N LEU A 267 -2.39 6.10 -21.15
CA LEU A 267 -1.22 6.89 -20.70
C LEU A 267 -1.71 8.14 -19.96
N ALA A 268 -2.76 8.79 -20.51
CA ALA A 268 -3.23 10.05 -19.94
C ALA A 268 -3.80 9.78 -18.53
N ARG A 269 -4.25 8.55 -18.24
CA ARG A 269 -4.82 8.29 -16.91
C ARG A 269 -3.75 8.10 -15.85
N VAL A 270 -2.52 7.79 -16.26
CA VAL A 270 -1.56 7.30 -15.27
C VAL A 270 -0.26 8.10 -15.23
N LEU A 271 0.13 8.76 -16.34
CA LEU A 271 1.56 9.09 -16.50
C LEU A 271 1.77 10.57 -16.24
N PRO A 272 2.51 10.99 -15.18
CA PRO A 272 2.70 12.42 -14.90
C PRO A 272 3.28 13.18 -16.13
N PRO A 273 2.76 14.38 -16.40
CA PRO A 273 3.25 15.19 -17.52
C PRO A 273 4.70 15.64 -17.36
N ALA A 274 5.27 15.54 -16.15
CA ALA A 274 6.67 15.96 -15.98
C ALA A 274 7.60 14.99 -16.72
N LEU A 275 7.13 13.74 -16.95
CA LEU A 275 7.95 12.79 -17.65
C LEU A 275 8.06 13.21 -19.11
N PRO A 276 9.26 13.47 -19.65
CA PRO A 276 9.37 14.14 -20.95
C PRO A 276 8.91 13.35 -22.16
N GLY A 277 8.95 12.01 -22.09
CA GLY A 277 8.64 11.32 -23.32
C GLY A 277 8.32 9.84 -23.12
N VAL A 278 7.59 9.30 -24.08
CA VAL A 278 7.22 7.92 -24.16
C VAL A 278 7.85 7.42 -25.48
N THR A 279 8.62 6.34 -25.43
CA THR A 279 9.30 5.79 -26.60
C THR A 279 8.76 4.38 -26.75
N PHE A 280 7.75 4.22 -27.63
CA PHE A 280 7.02 2.96 -27.72
C PHE A 280 7.95 1.85 -28.22
N LEU A 281 7.77 0.66 -27.65
CA LEU A 281 8.37 -0.55 -28.23
C LEU A 281 7.49 -1.04 -29.37
N SER A 282 8.09 -1.75 -30.33
CA SER A 282 7.32 -2.18 -31.50
C SER A 282 6.91 -3.66 -31.34
N GLY A 283 7.56 -4.41 -30.44
N GLY A 283 7.58 -4.41 -30.44
CA GLY A 283 7.17 -5.76 -30.03
CA GLY A 283 7.10 -5.73 -30.02
C GLY A 283 5.90 -6.33 -30.67
C GLY A 283 6.70 -6.58 -31.22
N GLY A 284 6.12 -7.12 -31.75
N GLY A 284 5.41 -6.94 -31.29
CA GLY A 284 5.06 -7.91 -32.37
CA GLY A 284 4.97 -7.88 -32.30
C GLY A 284 4.36 -7.16 -33.51
N LEU A 285 4.64 -5.88 -33.70
CA LEU A 285 4.00 -5.17 -34.82
C LEU A 285 4.89 -5.32 -36.05
N SER A 286 4.33 -5.31 -37.25
CA SER A 286 5.15 -5.22 -38.47
C SER A 286 5.83 -3.84 -38.56
N GLU A 287 6.83 -3.71 -39.40
CA GLU A 287 7.48 -2.42 -39.68
C GLU A 287 6.45 -1.32 -39.98
N VAL A 288 5.54 -1.59 -40.93
CA VAL A 288 4.57 -0.60 -41.37
C VAL A 288 3.56 -0.29 -40.27
N MET A 289 3.11 -1.31 -39.54
CA MET A 289 2.13 -1.06 -38.49
C MET A 289 2.76 -0.21 -37.40
N ALA A 290 4.05 -0.46 -37.11
CA ALA A 290 4.67 0.35 -36.07
C ALA A 290 4.65 1.85 -36.45
N SER A 291 4.84 2.13 -37.73
CA SER A 291 4.81 3.52 -38.21
C SER A 291 3.35 4.03 -38.21
N GLU A 292 2.41 3.25 -38.74
CA GLU A 292 1.00 3.69 -38.78
C GLU A 292 0.47 4.00 -37.38
N TYR A 293 0.83 3.14 -36.40
CA TYR A 293 0.25 3.29 -35.07
C TYR A 293 0.83 4.52 -34.38
N LEU A 294 2.18 4.71 -34.52
CA LEU A 294 2.79 5.88 -33.88
C LEU A 294 2.19 7.14 -34.51
N ASN A 295 2.01 7.10 -35.84
CA ASN A 295 1.46 8.28 -36.53
C ASN A 295 0.07 8.62 -35.96
N ALA A 296 -0.78 7.58 -35.76
CA ALA A 296 -2.11 7.86 -35.22
C ALA A 296 -2.03 8.44 -33.78
N MET A 297 -1.06 8.03 -32.97
CA MET A 297 -0.96 8.65 -31.65
C MET A 297 -0.67 10.13 -31.75
N ASN A 298 0.15 10.49 -32.76
CA ASN A 298 0.53 11.88 -32.97
C ASN A 298 -0.54 12.61 -33.78
N ASN A 299 -1.72 11.99 -33.93
CA ASN A 299 -2.88 12.72 -34.47
C ASN A 299 -4.04 12.62 -33.49
N SER A 300 -3.82 12.09 -32.29
CA SER A 300 -4.92 11.89 -31.35
C SER A 300 -5.35 13.25 -30.77
N PRO A 301 -6.67 13.51 -30.60
CA PRO A 301 -7.10 14.72 -29.89
C PRO A 301 -7.04 14.58 -28.35
N LEU A 302 -6.65 13.40 -27.80
CA LEU A 302 -6.63 13.21 -26.34
C LEU A 302 -5.39 13.90 -25.73
N PRO A 303 -5.35 14.09 -24.38
CA PRO A 303 -4.21 14.75 -23.74
C PRO A 303 -2.95 13.93 -23.92
N ARG A 304 -1.88 14.56 -24.40
CA ARG A 304 -0.63 13.85 -24.58
C ARG A 304 0.52 14.83 -24.39
N PRO A 305 0.79 15.28 -23.16
CA PRO A 305 1.79 16.32 -22.94
C PRO A 305 3.23 15.84 -23.20
N TRP A 306 3.50 14.55 -23.05
CA TRP A 306 4.85 14.02 -23.20
C TRP A 306 5.02 13.80 -24.71
N LYS A 307 6.27 13.82 -25.19
CA LYS A 307 6.52 13.40 -26.57
C LYS A 307 6.16 11.94 -26.74
N LEU A 308 5.51 11.62 -27.86
CA LEU A 308 5.21 10.23 -28.20
C LEU A 308 6.08 9.86 -29.39
N THR A 309 7.05 8.95 -29.15
CA THR A 309 7.96 8.63 -30.23
C THR A 309 8.20 7.13 -30.16
N PHE A 310 9.27 6.67 -30.79
CA PHE A 310 9.53 5.25 -30.98
C PHE A 310 10.87 4.91 -30.34
N SER A 311 10.99 3.66 -29.89
CA SER A 311 12.23 3.01 -29.54
C SER A 311 12.16 1.61 -30.15
N TYR A 312 12.52 1.51 -31.42
CA TYR A 312 12.14 0.37 -32.26
C TYR A 312 13.35 -0.46 -32.57
N ALA A 313 13.15 -1.80 -32.51
CA ALA A 313 14.21 -2.74 -32.85
C ALA A 313 13.91 -3.32 -34.23
N ARG A 314 13.16 -4.44 -34.26
CA ARG A 314 12.81 -5.09 -35.53
C ARG A 314 12.09 -4.10 -36.46
N ALA A 315 11.25 -3.21 -35.89
CA ALA A 315 10.48 -2.33 -36.77
C ALA A 315 11.38 -1.35 -37.54
N LEU A 316 12.67 -1.22 -37.13
CA LEU A 316 13.61 -0.40 -37.88
C LEU A 316 14.54 -1.26 -38.72
N GLN A 317 14.72 -2.55 -38.35
CA GLN A 317 15.83 -3.32 -38.89
C GLN A 317 15.43 -4.51 -39.77
N SER A 318 14.16 -4.98 -39.75
CA SER A 318 13.85 -6.23 -40.46
C SER A 318 14.19 -6.16 -41.96
N SER A 319 13.64 -5.17 -42.66
CA SER A 319 13.96 -5.03 -44.08
C SER A 319 15.47 -4.84 -44.30
N ALA A 320 16.13 -4.12 -43.39
CA ALA A 320 17.52 -3.79 -43.60
C ALA A 320 18.35 -5.07 -43.55
N ILE A 321 18.07 -5.94 -42.55
CA ILE A 321 18.80 -7.19 -42.39
C ILE A 321 18.60 -8.06 -43.62
N LYS A 322 17.35 -8.14 -44.08
CA LYS A 322 17.03 -8.98 -45.21
C LYS A 322 17.77 -8.50 -46.46
N ALA A 323 17.80 -7.18 -46.69
CA ALA A 323 18.42 -6.66 -47.90
C ALA A 323 19.95 -6.78 -47.79
N TRP A 324 20.48 -6.64 -46.58
CA TRP A 324 21.91 -6.80 -46.37
C TRP A 324 22.32 -8.23 -46.67
N GLY A 325 21.60 -9.18 -46.09
CA GLY A 325 21.88 -10.60 -46.33
C GLY A 325 23.20 -11.05 -45.70
N GLY A 326 23.77 -10.22 -44.82
CA GLY A 326 25.00 -10.55 -44.14
C GLY A 326 26.24 -10.37 -45.01
N LYS A 327 26.13 -9.71 -46.17
CA LYS A 327 27.19 -9.65 -47.16
C LYS A 327 27.61 -8.20 -47.37
N SER A 328 28.89 -7.98 -47.66
CA SER A 328 29.32 -6.60 -47.90
C SER A 328 28.63 -6.03 -49.16
N SER A 329 28.28 -6.89 -50.12
CA SER A 329 27.58 -6.42 -51.29
C SER A 329 26.13 -6.00 -50.99
N GLY A 330 25.56 -6.32 -49.81
CA GLY A 330 24.20 -5.92 -49.54
C GLY A 330 24.16 -4.69 -48.63
N VAL A 331 25.33 -4.10 -48.35
CA VAL A 331 25.38 -2.98 -47.41
C VAL A 331 24.54 -1.81 -47.93
N ALA A 332 24.67 -1.51 -49.23
CA ALA A 332 23.95 -0.36 -49.77
C ALA A 332 22.44 -0.57 -49.66
N ALA A 333 21.95 -1.72 -50.13
CA ALA A 333 20.51 -2.02 -50.06
C ALA A 333 20.03 -2.03 -48.58
N GLY A 334 20.84 -2.58 -47.66
CA GLY A 334 20.40 -2.65 -46.28
C GLY A 334 20.28 -1.24 -45.69
N ARG A 335 21.22 -0.33 -46.08
CA ARG A 335 21.21 1.02 -45.55
C ARG A 335 19.99 1.77 -46.10
N ARG A 336 19.68 1.55 -47.38
CA ARG A 336 18.53 2.21 -47.95
C ARG A 336 17.27 1.80 -47.19
N ALA A 337 17.14 0.50 -46.86
CA ALA A 337 15.93 0.06 -46.19
C ALA A 337 15.88 0.63 -44.77
N PHE A 338 17.05 0.65 -44.09
CA PHE A 338 17.03 1.17 -42.76
C PHE A 338 16.65 2.66 -42.78
N MET A 339 17.28 3.43 -43.68
CA MET A 339 17.03 4.86 -43.72
C MET A 339 15.59 5.16 -44.10
N HIS A 340 15.02 4.35 -45.01
CA HIS A 340 13.61 4.50 -45.31
C HIS A 340 12.71 4.35 -44.05
N ARG A 341 12.94 3.29 -43.25
CA ARG A 341 12.10 3.07 -42.09
C ARG A 341 12.36 4.18 -41.06
N ALA A 342 13.62 4.65 -40.94
CA ALA A 342 13.90 5.68 -39.93
C ALA A 342 13.11 6.95 -40.30
N LYS A 343 13.10 7.28 -41.61
CA LYS A 343 12.39 8.43 -42.12
C LYS A 343 10.88 8.27 -41.87
N MET A 344 10.32 7.08 -42.19
CA MET A 344 8.89 6.89 -41.94
C MET A 344 8.52 7.11 -40.47
N ASN A 345 9.37 6.64 -39.54
CA ASN A 345 9.07 6.73 -38.13
C ASN A 345 9.28 8.18 -37.65
N SER A 346 10.25 8.89 -38.23
CA SER A 346 10.40 10.31 -37.97
C SER A 346 9.11 11.08 -38.36
N LEU A 347 8.60 10.81 -39.55
CA LEU A 347 7.35 11.41 -39.99
C LEU A 347 6.20 11.03 -39.06
N ALA A 348 6.15 9.76 -38.66
CA ALA A 348 5.09 9.29 -37.75
C ALA A 348 5.14 10.05 -36.40
N GLN A 349 6.34 10.36 -35.91
CA GLN A 349 6.44 11.08 -34.64
C GLN A 349 5.78 12.47 -34.83
N LEU A 350 5.93 13.01 -36.04
CA LEU A 350 5.41 14.33 -36.39
C LEU A 350 3.92 14.25 -36.75
N GLY A 351 3.34 13.06 -36.85
CA GLY A 351 1.94 12.94 -37.26
C GLY A 351 1.77 13.14 -38.78
N ARG A 352 2.87 13.04 -39.54
CA ARG A 352 2.80 13.35 -40.97
C ARG A 352 3.12 12.12 -41.81
N TYR A 353 3.12 10.92 -41.21
CA TYR A 353 3.42 9.74 -42.00
C TYR A 353 2.27 9.44 -42.95
N ASN A 354 2.59 8.82 -44.10
CA ASN A 354 1.63 8.51 -45.14
C ASN A 354 1.88 7.08 -45.62
N ARG A 355 0.94 6.17 -45.40
CA ARG A 355 1.10 4.77 -45.77
C ARG A 355 1.36 4.63 -47.29
N GLY A 356 0.70 5.44 -48.12
CA GLY A 356 0.84 5.33 -49.58
C GLY A 356 2.28 5.67 -49.99
N ASP A 357 2.86 6.68 -49.33
CA ASP A 357 4.24 7.01 -49.62
C ASP A 357 5.18 5.94 -49.11
N ASP A 358 4.80 5.30 -48.00
CA ASP A 358 5.61 4.22 -47.45
C ASP A 358 5.72 3.08 -48.47
N ASP A 359 4.57 2.63 -48.99
CA ASP A 359 4.48 1.54 -49.92
C ASP A 359 5.19 1.89 -51.23
N LYS A 360 5.07 3.17 -51.66
CA LYS A 360 5.65 3.60 -52.95
C LYS A 360 7.16 3.53 -52.84
N ASP A 361 7.68 4.10 -51.75
CA ASP A 361 9.10 4.38 -51.66
C ASP A 361 9.83 3.10 -51.29
N SER A 362 9.20 2.22 -50.48
CA SER A 362 9.95 1.01 -50.20
C SER A 362 9.79 0.07 -51.41
N GLN A 363 8.72 0.24 -52.20
CA GLN A 363 8.56 -0.49 -53.46
C GLN A 363 9.77 -0.24 -54.39
N SER A 364 10.48 0.88 -54.20
CA SER A 364 11.79 1.17 -54.79
C SER A 364 12.94 0.74 -53.85
N SER B 2 -2.99 -26.30 -12.13
CA SER B 2 -3.97 -25.76 -13.10
C SER B 2 -5.39 -25.97 -12.58
N ARG B 3 -5.62 -25.41 -11.38
CA ARG B 3 -6.96 -25.20 -10.82
C ARG B 3 -7.45 -23.79 -11.24
N ARG B 4 -8.62 -23.72 -11.88
CA ARG B 4 -9.16 -22.53 -12.52
C ARG B 4 -10.59 -22.30 -11.99
N VAL B 5 -11.14 -21.10 -12.16
CA VAL B 5 -12.45 -20.78 -11.64
C VAL B 5 -12.98 -19.63 -12.49
N GLU B 6 -14.27 -19.61 -12.74
CA GLU B 6 -14.83 -18.47 -13.43
C GLU B 6 -15.22 -17.34 -12.47
N VAL B 7 -14.73 -16.12 -12.69
CA VAL B 7 -14.95 -15.02 -11.76
C VAL B 7 -15.64 -13.91 -12.54
N LEU B 8 -16.19 -12.94 -11.82
CA LEU B 8 -16.66 -11.70 -12.43
C LEU B 8 -15.44 -10.84 -12.79
N LEU B 9 -15.47 -10.17 -13.97
CA LEU B 9 -14.39 -9.22 -14.25
C LEU B 9 -14.24 -8.22 -13.09
N THR B 10 -15.37 -7.73 -12.53
CA THR B 10 -15.27 -6.70 -11.49
C THR B 10 -14.65 -7.27 -10.19
N GLN B 11 -14.38 -8.57 -10.11
CA GLN B 11 -13.63 -9.10 -8.98
C GLN B 11 -12.11 -9.07 -9.21
N LEU B 12 -11.66 -8.67 -10.42
CA LEU B 12 -10.25 -8.66 -10.76
C LEU B 12 -9.72 -7.27 -10.49
N PRO B 13 -8.47 -7.17 -9.93
CA PRO B 13 -7.87 -5.86 -9.63
C PRO B 13 -7.84 -4.84 -10.77
N ALA B 14 -7.62 -5.33 -12.01
CA ALA B 14 -7.46 -4.36 -13.12
C ALA B 14 -8.82 -3.80 -13.55
N TYR B 15 -9.92 -4.35 -13.04
CA TYR B 15 -11.24 -3.90 -13.51
C TYR B 15 -11.97 -3.13 -12.40
N ASN B 16 -11.26 -2.27 -11.67
CA ASN B 16 -11.86 -1.59 -10.52
C ASN B 16 -12.50 -0.28 -10.96
N ARG B 17 -12.41 0.14 -12.23
CA ARG B 17 -12.90 1.49 -12.54
C ARG B 17 -14.42 1.62 -12.28
N LEU B 18 -14.86 2.72 -11.68
CA LEU B 18 -16.29 2.91 -11.45
C LEU B 18 -17.09 2.82 -12.77
N LYS B 19 -18.25 2.16 -12.68
CA LYS B 19 -19.23 2.17 -13.76
C LYS B 19 -20.39 3.05 -13.32
N THR B 20 -20.59 4.16 -14.01
CA THR B 20 -21.65 5.07 -13.60
C THR B 20 -22.40 5.42 -14.87
N PRO B 21 -23.73 5.42 -14.84
CA PRO B 21 -24.49 5.77 -16.05
C PRO B 21 -24.33 7.27 -16.35
N TYR B 22 -23.74 8.07 -15.43
CA TYR B 22 -23.58 9.49 -15.69
C TYR B 22 -22.24 9.82 -16.37
N GLU B 23 -21.46 8.80 -16.77
CA GLU B 23 -20.09 9.08 -17.19
C GLU B 23 -20.00 10.17 -18.27
N GLU B 24 -20.78 10.07 -19.36
CA GLU B 24 -20.72 11.04 -20.42
C GLU B 24 -21.12 12.43 -19.93
N GLU B 25 -22.19 12.50 -19.13
CA GLU B 25 -22.57 13.81 -18.62
C GLU B 25 -21.49 14.40 -17.69
N LEU B 26 -20.81 13.57 -16.87
CA LEU B 26 -19.78 14.09 -15.97
C LEU B 26 -18.67 14.71 -16.81
N ILE B 27 -18.30 14.03 -17.90
CA ILE B 27 -17.19 14.49 -18.71
C ILE B 27 -17.58 15.82 -19.34
N GLU B 28 -18.85 15.93 -19.82
CA GLU B 28 -19.34 17.16 -20.42
C GLU B 28 -19.36 18.29 -19.39
N THR B 29 -19.85 18.01 -18.16
CA THR B 29 -19.84 19.02 -17.14
C THR B 29 -18.40 19.52 -16.87
N ALA B 30 -17.46 18.57 -16.73
CA ALA B 30 -16.09 18.98 -16.35
C ALA B 30 -15.51 19.87 -17.46
N LYS B 31 -15.87 19.60 -18.71
CA LYS B 31 -15.45 20.42 -19.83
C LYS B 31 -16.09 21.81 -19.75
N LYS B 32 -17.40 21.89 -19.46
CA LYS B 32 -18.02 23.21 -19.31
C LYS B 32 -17.37 24.01 -18.17
N MET B 33 -17.07 23.36 -17.03
CA MET B 33 -16.50 24.02 -15.87
C MET B 33 -15.10 24.59 -16.18
N THR B 34 -14.43 24.00 -17.15
CA THR B 34 -13.05 24.41 -17.43
C THR B 34 -12.96 25.14 -18.78
N ALA B 35 -14.07 25.74 -19.24
CA ALA B 35 -14.09 26.56 -20.45
C ALA B 35 -13.01 27.63 -20.40
N PRO B 36 -12.34 27.92 -21.54
CA PRO B 36 -11.28 28.94 -21.57
C PRO B 36 -11.80 30.28 -21.01
N GLY B 37 -11.01 30.94 -20.15
CA GLY B 37 -11.39 32.28 -19.74
C GLY B 37 -12.38 32.23 -18.57
N LYS B 38 -12.66 31.03 -18.03
CA LYS B 38 -13.66 30.95 -16.96
C LYS B 38 -13.10 30.17 -15.76
N GLY B 39 -13.69 30.45 -14.60
CA GLY B 39 -13.36 29.70 -13.40
C GLY B 39 -14.60 29.61 -12.49
N LEU B 40 -14.43 29.10 -11.27
CA LEU B 40 -15.57 28.92 -10.38
C LEU B 40 -15.63 30.03 -9.33
N LEU B 41 -16.85 30.43 -8.98
CA LEU B 41 -17.06 31.22 -7.78
C LEU B 41 -17.35 30.22 -6.64
N ALA B 42 -16.52 30.23 -5.59
CA ALA B 42 -16.80 29.41 -4.41
C ALA B 42 -17.65 30.26 -3.46
N ALA B 43 -18.97 29.99 -3.39
CA ALA B 43 -19.83 30.79 -2.53
C ALA B 43 -20.38 29.90 -1.41
N ASP B 44 -19.59 28.90 -0.97
CA ASP B 44 -20.12 27.85 -0.09
C ASP B 44 -19.69 28.07 1.38
N GLU B 45 -19.41 29.33 1.81
CA GLU B 45 -19.18 29.63 3.23
C GLU B 45 -20.34 29.14 4.12
N SER B 46 -19.96 28.46 5.22
CA SER B 46 -20.90 28.06 6.28
C SER B 46 -21.43 29.36 6.92
N THR B 47 -22.49 29.22 7.72
CA THR B 47 -23.06 30.34 8.47
C THR B 47 -22.00 30.99 9.39
N GLY B 48 -21.10 30.17 10.00
CA GLY B 48 -19.95 30.66 10.77
C GLY B 48 -18.97 31.51 9.97
N SER B 49 -18.61 31.07 8.75
CA SER B 49 -17.79 31.90 7.86
C SER B 49 -18.49 33.22 7.53
N CYS B 50 -19.82 33.18 7.32
CA CYS B 50 -20.54 34.41 7.00
C CYS B 50 -20.39 35.47 8.11
N SER B 51 -20.31 35.08 9.39
CA SER B 51 -20.13 36.09 10.44
C SER B 51 -18.81 36.82 10.27
N LYS B 52 -17.76 36.08 9.87
CA LYS B 52 -16.46 36.65 9.55
C LYS B 52 -16.56 37.60 8.34
N ARG B 53 -17.17 37.14 7.24
CA ARG B 53 -17.41 37.97 6.07
C ARG B 53 -18.20 39.24 6.41
N PHE B 54 -19.12 39.18 7.41
CA PHE B 54 -20.05 40.27 7.64
C PHE B 54 -19.54 41.19 8.75
N ALA B 55 -18.42 40.77 9.37
CA ALA B 55 -17.89 41.43 10.57
C ALA B 55 -17.56 42.89 10.25
N GLY B 56 -16.84 43.11 9.14
CA GLY B 56 -16.39 44.44 8.73
C GLY B 56 -17.56 45.35 8.35
N ILE B 57 -18.63 44.81 7.74
CA ILE B 57 -19.67 45.71 7.24
C ILE B 57 -20.80 45.85 8.26
N GLY B 58 -20.72 45.13 9.40
CA GLY B 58 -21.74 45.15 10.44
C GLY B 58 -23.11 44.68 9.95
N LEU B 59 -23.15 43.66 9.08
CA LEU B 59 -24.44 43.08 8.68
C LEU B 59 -24.75 41.90 9.60
N SER B 60 -25.95 41.83 10.18
CA SER B 60 -26.28 40.68 11.02
C SER B 60 -26.35 39.38 10.21
N ASN B 61 -25.93 38.29 10.83
CA ASN B 61 -25.84 37.00 10.18
C ASN B 61 -27.20 36.30 10.18
N THR B 62 -28.10 36.66 9.24
CA THR B 62 -29.37 35.93 9.19
C THR B 62 -29.44 35.15 7.89
N ALA B 63 -30.40 34.21 7.79
CA ALA B 63 -30.67 33.49 6.55
C ALA B 63 -30.96 34.47 5.41
N GLU B 64 -31.77 35.52 5.68
CA GLU B 64 -32.11 36.52 4.68
C GLU B 64 -30.88 37.32 4.23
N HIS B 65 -30.04 37.71 5.19
CA HIS B 65 -28.83 38.46 4.84
C HIS B 65 -27.86 37.58 4.06
N ARG B 66 -27.79 36.29 4.40
CA ARG B 66 -26.95 35.37 3.64
C ARG B 66 -27.46 35.28 2.21
N ARG B 67 -28.79 35.28 2.06
CA ARG B 67 -29.41 35.18 0.75
C ARG B 67 -29.02 36.43 -0.06
N GLN B 68 -29.07 37.61 0.58
CA GLN B 68 -28.77 38.88 -0.09
C GLN B 68 -27.29 38.96 -0.48
N TYR B 69 -26.42 38.40 0.38
CA TYR B 69 -25.01 38.37 0.03
C TYR B 69 -24.77 37.46 -1.19
N ARG B 70 -25.40 36.27 -1.22
CA ARG B 70 -25.33 35.41 -2.41
C ARG B 70 -25.93 36.14 -3.61
N ALA B 71 -27.07 36.81 -3.43
CA ALA B 71 -27.76 37.52 -4.51
C ALA B 71 -26.87 38.65 -5.09
N LEU B 72 -26.06 39.30 -4.25
CA LEU B 72 -25.16 40.34 -4.73
C LEU B 72 -24.39 39.79 -5.91
N MET B 73 -23.85 38.57 -5.74
CA MET B 73 -23.04 37.96 -6.78
C MET B 73 -23.88 37.21 -7.82
N LEU B 74 -24.89 36.44 -7.38
CA LEU B 74 -25.56 35.50 -8.30
C LEU B 74 -26.57 36.26 -9.17
N GLU B 75 -27.10 37.39 -8.70
CA GLU B 75 -28.04 38.17 -9.51
C GLU B 75 -27.33 39.30 -10.25
N CYS B 76 -25.99 39.26 -10.24
CA CYS B 76 -25.14 40.18 -10.96
C CYS B 76 -25.18 39.85 -12.45
N ALA B 77 -25.72 40.71 -13.31
CA ALA B 77 -25.72 40.50 -14.75
C ALA B 77 -24.29 40.32 -15.28
N GLY B 78 -24.11 39.41 -16.23
CA GLY B 78 -22.87 39.36 -16.98
C GLY B 78 -21.77 38.45 -16.36
N PHE B 79 -21.94 37.96 -15.12
CA PHE B 79 -20.84 37.22 -14.51
C PHE B 79 -20.55 35.91 -15.27
N GLU B 80 -21.54 35.44 -16.06
CA GLU B 80 -21.38 34.19 -16.78
C GLU B 80 -20.35 34.29 -17.90
N GLN B 81 -19.88 35.51 -18.21
CA GLN B 81 -18.77 35.67 -19.14
C GLN B 81 -17.48 35.11 -18.51
N TYR B 82 -17.38 35.09 -17.19
CA TYR B 82 -16.11 34.79 -16.51
C TYR B 82 -16.23 33.61 -15.57
N ILE B 83 -17.46 33.20 -15.23
CA ILE B 83 -17.71 32.21 -14.19
C ILE B 83 -18.41 31.03 -14.88
N SER B 84 -17.79 29.82 -14.77
CA SER B 84 -18.40 28.66 -15.41
C SER B 84 -19.27 27.87 -14.44
N GLY B 85 -19.03 28.04 -13.13
CA GLY B 85 -19.75 27.22 -12.14
C GLY B 85 -19.71 27.95 -10.80
N VAL B 86 -20.72 27.71 -9.95
CA VAL B 86 -20.79 28.29 -8.62
C VAL B 86 -20.92 27.17 -7.59
N ILE B 87 -20.03 27.13 -6.59
CA ILE B 87 -20.16 26.20 -5.47
C ILE B 87 -21.12 26.83 -4.46
N LEU B 88 -22.30 26.25 -4.31
CA LEU B 88 -23.25 26.74 -3.33
C LEU B 88 -23.09 25.99 -2.01
N HIS B 89 -23.53 26.65 -0.95
CA HIS B 89 -23.82 26.04 0.32
C HIS B 89 -25.20 25.38 0.23
N ASP B 90 -25.40 24.30 0.99
CA ASP B 90 -26.67 23.60 1.14
C ASP B 90 -27.84 24.57 1.34
N GLU B 91 -27.69 25.60 2.20
CA GLU B 91 -28.81 26.50 2.48
C GLU B 91 -29.22 27.22 1.19
N THR B 92 -28.22 27.67 0.40
CA THR B 92 -28.50 28.51 -0.76
C THR B 92 -29.13 27.69 -1.88
N VAL B 93 -28.84 26.38 -1.97
CA VAL B 93 -29.41 25.53 -3.00
C VAL B 93 -30.94 25.66 -3.02
N TYR B 94 -31.54 25.90 -1.83
CA TYR B 94 -32.98 25.86 -1.69
C TYR B 94 -33.52 27.29 -1.61
N GLN B 95 -32.65 28.31 -1.60
CA GLN B 95 -33.15 29.67 -1.53
C GLN B 95 -33.55 30.15 -2.93
N ARG B 96 -34.34 31.23 -2.97
CA ARG B 96 -34.82 31.79 -4.22
C ARG B 96 -34.18 33.13 -4.45
N ALA B 97 -33.81 33.39 -5.70
CA ALA B 97 -33.39 34.70 -6.18
C ALA B 97 -34.63 35.59 -6.26
N SER B 98 -34.39 36.88 -6.39
CA SER B 98 -35.54 37.76 -6.51
C SER B 98 -36.18 37.57 -7.90
N THR B 99 -35.57 36.81 -8.80
CA THR B 99 -36.20 36.44 -10.07
C THR B 99 -37.35 35.44 -9.84
N GLY B 100 -37.44 34.85 -8.64
CA GLY B 100 -38.46 33.86 -8.36
C GLY B 100 -37.91 32.43 -8.47
N GLU B 101 -36.72 32.28 -9.08
CA GLU B 101 -36.13 30.97 -9.29
C GLU B 101 -35.30 30.56 -8.08
N THR B 102 -35.12 29.23 -7.89
CA THR B 102 -34.08 28.77 -6.98
C THR B 102 -32.74 29.17 -7.59
N PHE B 103 -31.73 29.33 -6.74
CA PHE B 103 -30.42 29.68 -7.25
C PHE B 103 -29.94 28.66 -8.29
N PRO B 104 -30.04 27.31 -8.11
CA PRO B 104 -29.68 26.40 -9.20
C PRO B 104 -30.41 26.66 -10.49
N GLN B 105 -31.70 26.99 -10.44
CA GLN B 105 -32.43 27.24 -11.68
C GLN B 105 -31.92 28.52 -12.35
N LEU B 106 -31.65 29.55 -11.54
CA LEU B 106 -31.10 30.81 -12.05
C LEU B 106 -29.79 30.51 -12.77
N LEU B 107 -28.92 29.71 -12.13
CA LEU B 107 -27.61 29.38 -12.71
C LEU B 107 -27.78 28.67 -14.05
N ARG B 108 -28.63 27.64 -14.09
CA ARG B 108 -28.84 26.85 -15.30
C ARG B 108 -29.37 27.76 -16.40
N ARG B 109 -30.34 28.65 -16.12
CA ARG B 109 -30.81 29.53 -17.17
C ARG B 109 -29.65 30.33 -17.80
N ARG B 110 -28.65 30.71 -16.97
CA ARG B 110 -27.56 31.56 -17.45
C ARG B 110 -26.39 30.72 -17.99
N GLY B 111 -26.56 29.41 -18.07
CA GLY B 111 -25.50 28.55 -18.61
C GLY B 111 -24.37 28.35 -17.58
N VAL B 112 -24.57 28.64 -16.29
CA VAL B 112 -23.54 28.42 -15.29
C VAL B 112 -23.87 27.09 -14.58
N VAL B 113 -22.85 26.27 -14.28
CA VAL B 113 -23.11 24.98 -13.68
C VAL B 113 -23.35 25.19 -12.17
N PRO B 114 -24.48 24.75 -11.57
CA PRO B 114 -24.63 24.79 -10.12
C PRO B 114 -23.86 23.61 -9.48
N GLY B 115 -23.11 23.90 -8.41
CA GLY B 115 -22.47 22.86 -7.62
C GLY B 115 -22.75 23.05 -6.15
N ILE B 116 -22.32 22.07 -5.33
CA ILE B 116 -22.72 22.03 -3.94
C ILE B 116 -21.51 21.53 -3.15
N LYS B 117 -21.26 22.16 -1.99
CA LYS B 117 -20.22 21.69 -1.09
C LYS B 117 -20.89 20.54 -0.30
N THR B 118 -20.34 19.33 -0.36
CA THR B 118 -21.02 18.16 0.23
C THR B 118 -20.32 17.64 1.46
N ASP B 119 -19.15 18.16 1.86
CA ASP B 119 -18.49 17.62 3.06
C ASP B 119 -19.21 18.15 4.30
N CYS B 120 -18.96 17.54 5.48
CA CYS B 120 -19.62 17.95 6.71
C CYS B 120 -18.59 18.51 7.68
N GLY B 121 -17.47 19.06 7.18
CA GLY B 121 -16.61 19.88 8.04
C GLY B 121 -15.45 19.10 8.66
N LEU B 122 -14.55 19.84 9.31
CA LEU B 122 -13.26 19.29 9.77
C LEU B 122 -13.44 18.73 11.17
N GLU B 123 -12.73 17.65 11.50
CA GLU B 123 -12.75 17.19 12.89
C GLU B 123 -11.34 16.70 13.24
N PRO B 124 -11.02 16.44 14.54
CA PRO B 124 -9.68 15.99 14.92
C PRO B 124 -9.39 14.66 14.21
N LEU B 125 -8.19 14.52 13.66
CA LEU B 125 -7.80 13.30 13.00
C LEU B 125 -7.68 12.15 14.03
N VAL B 126 -7.34 12.49 15.28
CA VAL B 126 -7.12 11.48 16.33
C VAL B 126 -5.78 10.74 16.13
N GLU B 127 -5.61 10.05 15.00
CA GLU B 127 -4.29 9.52 14.68
C GLU B 127 -3.34 10.68 14.30
N GLY B 128 -2.06 10.40 14.07
CA GLY B 128 -1.18 11.43 13.53
C GLY B 128 -0.84 12.41 14.65
N ALA B 129 -0.64 13.69 14.31
CA ALA B 129 -0.08 14.64 15.28
C ALA B 129 -1.16 15.64 15.68
N ASP B 130 -0.98 16.24 16.84
CA ASP B 130 -1.96 17.23 17.30
C ASP B 130 -2.13 18.38 16.28
N GLY B 131 -3.39 18.78 16.05
CA GLY B 131 -3.73 19.84 15.12
C GLY B 131 -4.12 19.30 13.75
N GLU B 132 -3.82 18.01 13.45
CA GLU B 132 -4.19 17.51 12.14
C GLU B 132 -5.66 17.13 12.13
N GLN B 133 -6.30 17.22 10.94
CA GLN B 133 -7.75 17.14 10.87
C GLN B 133 -8.18 16.24 9.74
N MET B 134 -9.24 15.46 9.99
CA MET B 134 -9.92 14.77 8.89
C MET B 134 -11.20 15.55 8.53
N THR B 135 -11.88 15.07 7.49
CA THR B 135 -13.14 15.67 7.06
C THR B 135 -14.25 14.60 7.16
N ALA B 136 -15.35 14.98 7.80
CA ALA B 136 -16.51 14.12 8.00
C ALA B 136 -17.46 14.25 6.81
N GLY B 137 -18.36 13.26 6.65
CA GLY B 137 -19.52 13.42 5.78
C GLY B 137 -19.84 12.26 4.86
N LEU B 138 -19.13 11.12 4.94
CA LEU B 138 -19.44 10.06 3.98
C LEU B 138 -20.71 9.31 4.34
N ASP B 139 -21.10 9.26 5.62
CA ASP B 139 -22.34 8.57 5.98
C ASP B 139 -23.53 9.34 5.38
N GLY B 140 -24.42 8.59 4.70
CA GLY B 140 -25.61 9.15 4.07
C GLY B 140 -25.27 9.95 2.81
N TYR B 141 -24.01 9.84 2.33
CA TYR B 141 -23.51 10.65 1.22
C TYR B 141 -24.36 10.43 -0.04
N VAL B 142 -24.64 9.16 -0.36
CA VAL B 142 -25.29 8.88 -1.64
C VAL B 142 -26.68 9.53 -1.65
N LYS B 143 -27.45 9.37 -0.56
CA LYS B 143 -28.76 9.99 -0.49
C LYS B 143 -28.65 11.52 -0.66
N ARG B 144 -27.65 12.15 -0.02
CA ARG B 144 -27.53 13.60 -0.10
C ARG B 144 -27.22 13.99 -1.55
N ALA B 145 -26.22 13.29 -2.15
CA ALA B 145 -25.76 13.67 -3.48
C ALA B 145 -26.86 13.50 -4.51
N LYS B 146 -27.67 12.41 -4.39
CA LYS B 146 -28.76 12.22 -5.34
C LYS B 146 -29.81 13.33 -5.20
N LYS B 147 -30.04 13.82 -3.97
CA LYS B 147 -31.01 14.90 -3.77
C LYS B 147 -30.48 16.19 -4.41
N TYR B 148 -29.17 16.45 -4.29
CA TYR B 148 -28.62 17.64 -4.91
C TYR B 148 -28.68 17.55 -6.43
N TYR B 149 -28.39 16.38 -6.99
CA TYR B 149 -28.49 16.20 -8.44
C TYR B 149 -29.94 16.45 -8.87
N ALA B 150 -30.90 15.96 -8.09
CA ALA B 150 -32.31 16.12 -8.44
C ALA B 150 -32.74 17.59 -8.44
N VAL B 151 -32.12 18.49 -7.70
CA VAL B 151 -32.55 19.90 -7.79
C VAL B 151 -31.64 20.66 -8.77
N GLY B 152 -30.75 19.96 -9.52
CA GLY B 152 -30.04 20.64 -10.60
C GLY B 152 -28.53 20.79 -10.37
N CYS B 153 -27.98 20.37 -9.22
CA CYS B 153 -26.53 20.42 -9.09
C CYS B 153 -25.86 19.39 -10.00
N ARG B 154 -24.69 19.74 -10.56
CA ARG B 154 -23.97 18.87 -11.47
C ARG B 154 -22.51 18.70 -11.08
N PHE B 155 -22.07 19.37 -10.00
CA PHE B 155 -20.75 19.13 -9.46
C PHE B 155 -20.79 19.35 -7.95
N CYS B 156 -19.77 18.85 -7.23
CA CYS B 156 -19.73 19.06 -5.79
C CYS B 156 -18.30 19.36 -5.39
N LYS B 157 -18.12 19.70 -4.10
CA LYS B 157 -16.81 20.07 -3.62
C LYS B 157 -16.65 19.49 -2.22
N TRP B 158 -15.45 18.96 -1.92
CA TRP B 158 -15.17 18.43 -0.58
C TRP B 158 -13.72 18.79 -0.23
N ARG B 159 -13.56 19.41 0.94
CA ARG B 159 -12.30 19.97 1.33
C ARG B 159 -11.69 19.09 2.44
N ASN B 160 -10.44 18.65 2.23
CA ASN B 160 -9.60 18.11 3.32
C ASN B 160 -8.42 19.06 3.48
N VAL B 161 -7.88 19.15 4.71
CA VAL B 161 -6.76 20.07 4.90
C VAL B 161 -5.58 19.29 5.49
N TYR B 162 -4.39 19.85 5.27
CA TYR B 162 -3.14 19.30 5.76
C TYR B 162 -2.37 20.46 6.35
N LYS B 163 -2.02 20.31 7.61
CA LYS B 163 -1.37 21.40 8.31
C LYS B 163 0.12 21.06 8.42
N ILE B 164 0.96 21.86 7.73
CA ILE B 164 2.41 21.69 7.92
C ILE B 164 2.83 22.15 9.32
N GLN B 165 3.51 21.28 10.08
CA GLN B 165 4.09 21.66 11.34
C GLN B 165 5.49 21.07 11.36
N ASN B 166 6.51 21.87 11.75
CA ASN B 166 7.88 21.42 11.86
C ASN B 166 8.31 20.85 10.53
N GLY B 167 7.85 21.48 9.42
CA GLY B 167 8.39 21.07 8.12
C GLY B 167 7.72 19.79 7.56
N THR B 168 6.67 19.27 8.19
CA THR B 168 6.17 17.99 7.70
C THR B 168 4.69 17.82 8.10
N VAL B 169 4.11 16.66 7.75
CA VAL B 169 2.78 16.23 8.15
C VAL B 169 2.90 14.73 8.41
N SER B 170 2.02 14.16 9.25
CA SER B 170 2.15 12.75 9.57
C SER B 170 1.78 11.89 8.35
N GLU B 171 2.33 10.68 8.27
CA GLU B 171 1.85 9.74 7.27
C GLU B 171 0.38 9.38 7.52
N ALA B 172 -0.06 9.38 8.81
CA ALA B 172 -1.47 9.09 9.10
C ALA B 172 -2.39 10.06 8.34
N VAL B 173 -2.08 11.37 8.35
CA VAL B 173 -2.99 12.31 7.69
C VAL B 173 -2.87 12.19 6.16
N VAL B 174 -1.66 11.90 5.67
CA VAL B 174 -1.45 11.79 4.22
C VAL B 174 -2.32 10.63 3.69
N ARG B 175 -2.28 9.49 4.39
CA ARG B 175 -3.04 8.31 3.95
C ARG B 175 -4.54 8.52 4.18
N PHE B 176 -4.93 8.95 5.37
CA PHE B 176 -6.35 8.90 5.70
C PHE B 176 -7.12 9.97 4.88
N ASN B 177 -6.57 11.19 4.74
CA ASN B 177 -7.26 12.20 3.97
C ASN B 177 -7.33 11.85 2.48
N ALA B 178 -6.28 11.24 1.92
CA ALA B 178 -6.33 10.79 0.53
C ALA B 178 -7.44 9.76 0.32
N GLU B 179 -7.55 8.80 1.27
CA GLU B 179 -8.58 7.74 1.20
C GLU B 179 -9.96 8.38 1.27
N THR B 180 -10.15 9.35 2.17
CA THR B 180 -11.44 10.06 2.29
C THR B 180 -11.79 10.75 0.97
N LEU B 181 -10.85 11.53 0.41
CA LEU B 181 -11.11 12.25 -0.85
C LEU B 181 -11.42 11.26 -1.97
N ALA B 182 -10.73 10.12 -2.02
CA ALA B 182 -10.95 9.22 -3.18
C ALA B 182 -12.34 8.58 -3.07
N ARG B 183 -12.76 8.21 -1.84
CA ARG B 183 -14.07 7.62 -1.61
C ARG B 183 -15.19 8.63 -1.95
N TYR B 184 -15.01 9.88 -1.46
CA TYR B 184 -15.91 10.97 -1.82
C TYR B 184 -16.02 11.10 -3.35
N ALA B 185 -14.91 11.04 -4.06
CA ALA B 185 -14.96 11.29 -5.50
C ALA B 185 -15.79 10.23 -6.24
N VAL B 186 -15.60 8.92 -5.89
CA VAL B 186 -16.32 7.89 -6.60
CA VAL B 186 -16.32 7.87 -6.59
C VAL B 186 -17.81 7.89 -6.22
N LEU B 187 -18.15 8.14 -4.95
CA LEU B 187 -19.56 8.21 -4.57
C LEU B 187 -20.24 9.40 -5.28
N SER B 188 -19.54 10.55 -5.40
CA SER B 188 -20.07 11.68 -6.14
C SER B 188 -20.39 11.28 -7.58
N GLN B 189 -19.42 10.65 -8.23
CA GLN B 189 -19.62 10.30 -9.66
C GLN B 189 -20.78 9.31 -9.84
N LEU B 190 -20.95 8.38 -8.90
CA LEU B 190 -22.07 7.43 -8.95
C LEU B 190 -23.39 8.20 -9.00
N CYS B 191 -23.46 9.35 -8.33
CA CYS B 191 -24.71 10.07 -8.20
C CYS B 191 -24.78 11.21 -9.22
N GLY B 192 -23.82 11.29 -10.15
CA GLY B 192 -23.93 12.27 -11.24
C GLY B 192 -23.36 13.66 -10.90
N LEU B 193 -22.55 13.77 -9.84
CA LEU B 193 -21.86 15.04 -9.56
C LEU B 193 -20.37 14.93 -9.90
N VAL B 194 -19.84 15.86 -10.70
CA VAL B 194 -18.40 15.97 -10.90
C VAL B 194 -17.77 16.35 -9.58
N PRO B 195 -16.90 15.51 -9.00
CA PRO B 195 -16.25 15.86 -7.72
C PRO B 195 -15.08 16.83 -7.94
N ILE B 196 -15.09 17.91 -7.20
CA ILE B 196 -13.89 18.73 -7.03
C ILE B 196 -13.18 18.20 -5.78
N VAL B 197 -12.00 17.63 -5.99
CA VAL B 197 -11.19 17.05 -4.93
C VAL B 197 -10.27 18.15 -4.40
N GLU B 198 -10.49 18.62 -3.16
CA GLU B 198 -9.68 19.70 -2.63
C GLU B 198 -8.77 19.20 -1.50
N PRO B 199 -7.47 18.90 -1.76
CA PRO B 199 -6.52 18.55 -0.70
C PRO B 199 -5.71 19.84 -0.46
N GLU B 200 -6.15 20.64 0.51
CA GLU B 200 -5.52 21.92 0.73
C GLU B 200 -4.35 21.78 1.72
N VAL B 201 -3.12 21.99 1.25
CA VAL B 201 -1.99 22.16 2.15
C VAL B 201 -2.04 23.63 2.61
N MET B 202 -2.24 23.84 3.90
CA MET B 202 -2.62 25.17 4.35
C MET B 202 -1.40 26.09 4.39
N ILE B 203 -1.68 27.41 4.17
CA ILE B 203 -0.63 28.41 4.18
C ILE B 203 -0.11 28.71 5.59
N ASP B 204 -0.87 28.35 6.61
CA ASP B 204 -0.48 28.68 7.99
C ASP B 204 0.87 28.10 8.38
N GLY B 205 1.72 28.94 8.97
CA GLY B 205 2.93 28.49 9.63
C GLY B 205 4.13 29.22 9.06
N THR B 206 5.32 28.79 9.54
CA THR B 206 6.52 29.54 9.25
C THR B 206 7.34 28.84 8.17
N HIS B 207 6.77 27.83 7.49
CA HIS B 207 7.56 27.06 6.53
C HIS B 207 7.84 27.89 5.27
N ASP B 208 8.89 27.52 4.53
CA ASP B 208 9.23 28.22 3.29
C ASP B 208 8.59 27.53 2.07
N ILE B 209 8.84 28.08 0.87
CA ILE B 209 8.17 27.56 -0.31
C ILE B 209 8.67 26.15 -0.68
N GLU B 210 9.95 25.88 -0.44
CA GLU B 210 10.50 24.55 -0.64
C GLU B 210 9.75 23.52 0.20
N THR B 211 9.48 23.83 1.48
CA THR B 211 8.74 22.90 2.32
C THR B 211 7.33 22.72 1.78
N CYS B 212 6.66 23.82 1.40
CA CYS B 212 5.34 23.67 0.81
C CYS B 212 5.39 22.75 -0.42
N GLN B 213 6.41 22.89 -1.29
CA GLN B 213 6.51 22.09 -2.50
C GLN B 213 6.62 20.59 -2.10
N ARG B 214 7.50 20.27 -1.14
CA ARG B 214 7.75 18.87 -0.83
C ARG B 214 6.49 18.26 -0.22
N VAL B 215 5.87 18.98 0.73
CA VAL B 215 4.68 18.44 1.39
C VAL B 215 3.53 18.33 0.37
N SER B 216 3.33 19.38 -0.48
CA SER B 216 2.26 19.32 -1.49
C SER B 216 2.45 18.14 -2.44
N GLN B 217 3.67 17.93 -2.88
CA GLN B 217 3.93 16.86 -3.84
C GLN B 217 3.57 15.51 -3.22
N HIS B 218 3.97 15.34 -1.96
CA HIS B 218 3.78 14.07 -1.26
C HIS B 218 2.28 13.86 -1.02
N VAL B 219 1.59 14.89 -0.51
CA VAL B 219 0.17 14.77 -0.20
C VAL B 219 -0.62 14.47 -1.50
N TRP B 220 -0.36 15.25 -2.57
CA TRP B 220 -1.17 15.10 -3.78
C TRP B 220 -0.86 13.78 -4.50
N ALA B 221 0.39 13.33 -4.50
CA ALA B 221 0.70 12.00 -5.05
C ALA B 221 -0.14 10.91 -4.37
N GLU B 222 -0.33 11.02 -3.05
CA GLU B 222 -1.09 9.98 -2.36
C GLU B 222 -2.58 10.13 -2.70
N VAL B 223 -3.08 11.37 -2.86
CA VAL B 223 -4.45 11.56 -3.32
C VAL B 223 -4.67 10.86 -4.68
N VAL B 224 -3.74 11.08 -5.61
CA VAL B 224 -3.80 10.45 -6.93
C VAL B 224 -3.78 8.91 -6.80
N SER B 225 -2.87 8.36 -5.96
CA SER B 225 -2.80 6.92 -5.77
CA SER B 225 -2.80 6.92 -5.77
C SER B 225 -4.13 6.38 -5.26
N ALA B 226 -4.73 7.05 -4.25
CA ALA B 226 -6.01 6.62 -3.71
C ALA B 226 -7.11 6.68 -4.81
N LEU B 227 -7.12 7.74 -5.62
CA LEU B 227 -8.10 7.85 -6.70
C LEU B 227 -7.96 6.67 -7.68
N HIS B 228 -6.71 6.21 -8.00
CA HIS B 228 -6.59 5.02 -8.83
C HIS B 228 -7.20 3.81 -8.09
N ARG B 229 -6.87 3.65 -6.80
CA ARG B 229 -7.32 2.47 -6.06
C ARG B 229 -8.85 2.42 -5.98
N HIS B 230 -9.53 3.57 -5.81
CA HIS B 230 -10.97 3.59 -5.67
C HIS B 230 -11.68 3.60 -7.03
N GLY B 231 -10.95 3.77 -8.14
CA GLY B 231 -11.51 3.60 -9.47
C GLY B 231 -12.22 4.86 -9.97
N VAL B 232 -11.70 6.09 -9.68
CA VAL B 232 -12.33 7.30 -10.16
C VAL B 232 -12.37 7.32 -11.71
N VAL B 233 -13.39 7.95 -12.27
CA VAL B 233 -13.38 8.28 -13.70
C VAL B 233 -12.57 9.58 -13.84
N TRP B 234 -11.31 9.45 -14.29
CA TRP B 234 -10.39 10.59 -14.22
C TRP B 234 -10.92 11.75 -15.05
N GLU B 235 -11.55 11.41 -16.20
CA GLU B 235 -11.95 12.43 -17.16
C GLU B 235 -13.12 13.24 -16.62
N GLY B 236 -13.70 12.81 -15.49
CA GLY B 236 -14.89 13.46 -14.94
C GLY B 236 -14.64 13.96 -13.52
N CYS B 237 -13.39 14.36 -13.23
CA CYS B 237 -12.97 14.73 -11.88
C CYS B 237 -12.20 16.07 -12.01
N LEU B 238 -12.18 16.92 -10.97
CA LEU B 238 -11.29 18.09 -10.99
C LEU B 238 -10.49 18.14 -9.69
N LEU B 239 -9.36 18.87 -9.69
CA LEU B 239 -8.58 19.03 -8.47
C LEU B 239 -8.66 20.51 -8.08
N LYS B 240 -8.86 20.78 -6.78
CA LYS B 240 -8.77 22.13 -6.26
C LYS B 240 -7.64 22.19 -5.20
N PRO B 241 -6.37 22.43 -5.63
CA PRO B 241 -5.24 22.42 -4.67
C PRO B 241 -4.86 23.83 -4.24
N ASN B 242 -4.04 23.92 -3.17
CA ASN B 242 -3.28 25.15 -2.86
C ASN B 242 -2.25 25.40 -3.98
N MET B 243 -1.95 26.67 -4.24
CA MET B 243 -0.71 26.99 -4.92
C MET B 243 0.46 26.74 -3.95
N VAL B 244 1.65 26.52 -4.50
CA VAL B 244 2.83 26.31 -3.67
C VAL B 244 3.46 27.66 -3.38
N VAL B 245 3.36 28.11 -2.10
CA VAL B 245 3.79 29.44 -1.71
C VAL B 245 4.47 29.34 -0.35
N PRO B 246 5.24 30.38 0.09
CA PRO B 246 5.79 30.38 1.45
C PRO B 246 4.65 30.40 2.47
N GLY B 247 4.91 29.91 3.66
CA GLY B 247 3.94 29.98 4.73
C GLY B 247 3.71 31.42 5.17
N ALA B 248 2.51 31.65 5.71
CA ALA B 248 2.01 33.00 5.99
C ALA B 248 2.85 33.69 7.05
N GLU B 249 3.50 32.95 7.94
CA GLU B 249 4.30 33.57 8.98
C GLU B 249 5.78 33.32 8.69
N SER B 250 6.14 32.95 7.44
CA SER B 250 7.55 32.59 7.18
C SER B 250 8.42 33.86 7.08
N GLY B 251 7.81 34.97 6.69
CA GLY B 251 8.60 36.15 6.33
C GLY B 251 9.34 36.01 4.98
N GLN B 252 9.08 34.95 4.20
CA GLN B 252 9.72 34.78 2.91
C GLN B 252 8.71 35.30 1.88
N THR B 253 9.17 35.98 0.83
CA THR B 253 8.25 36.37 -0.25
C THR B 253 8.65 35.63 -1.52
N ALA B 254 7.68 35.36 -2.40
CA ALA B 254 8.06 34.71 -3.64
C ALA B 254 7.50 35.56 -4.76
N THR B 255 8.14 35.59 -5.95
CA THR B 255 7.53 36.28 -7.08
C THR B 255 6.44 35.40 -7.72
N ALA B 256 5.61 36.02 -8.55
CA ALA B 256 4.59 35.28 -9.28
C ALA B 256 5.22 34.16 -10.12
N GLU B 257 6.36 34.46 -10.75
CA GLU B 257 7.04 33.49 -11.61
C GLU B 257 7.53 32.30 -10.78
N GLN B 258 8.02 32.56 -9.56
CA GLN B 258 8.50 31.47 -8.71
C GLN B 258 7.33 30.60 -8.26
N VAL B 259 6.25 31.24 -7.81
CA VAL B 259 5.05 30.47 -7.41
C VAL B 259 4.57 29.57 -8.54
N ALA B 260 4.54 30.12 -9.77
CA ALA B 260 4.05 29.36 -10.91
C ALA B 260 4.97 28.17 -11.16
N GLU B 261 6.27 28.43 -11.11
CA GLU B 261 7.22 27.35 -11.38
C GLU B 261 7.10 26.24 -10.32
N TYR B 262 7.12 26.62 -9.03
CA TYR B 262 6.97 25.60 -8.00
C TYR B 262 5.62 24.87 -8.08
N THR B 263 4.53 25.57 -8.39
CA THR B 263 3.20 24.95 -8.38
C THR B 263 3.08 23.99 -9.56
N VAL B 264 3.40 24.50 -10.76
CA VAL B 264 3.19 23.71 -11.96
C VAL B 264 4.14 22.50 -11.99
N LYS B 265 5.42 22.68 -11.56
CA LYS B 265 6.31 21.53 -11.59
C LYS B 265 5.76 20.45 -10.65
N THR B 266 5.16 20.85 -9.51
CA THR B 266 4.63 19.88 -8.56
C THR B 266 3.44 19.14 -9.18
N LEU B 267 2.48 19.87 -9.74
CA LEU B 267 1.32 19.23 -10.38
C LEU B 267 1.81 18.30 -11.52
N ALA B 268 2.81 18.75 -12.29
CA ALA B 268 3.24 17.95 -13.44
C ALA B 268 3.87 16.63 -12.97
N ARG B 269 4.37 16.58 -11.72
CA ARG B 269 5.00 15.35 -11.23
C ARG B 269 3.97 14.33 -10.78
N VAL B 270 2.71 14.73 -10.57
CA VAL B 270 1.79 13.81 -9.87
C VAL B 270 0.47 13.64 -10.61
N LEU B 271 0.00 14.64 -11.41
CA LEU B 271 -1.40 14.70 -11.76
C LEU B 271 -1.66 14.15 -13.17
N PRO B 272 -2.41 13.05 -13.37
CA PRO B 272 -2.63 12.48 -14.71
C PRO B 272 -3.22 13.52 -15.67
N PRO B 273 -2.70 13.60 -16.92
CA PRO B 273 -3.23 14.54 -17.89
C PRO B 273 -4.71 14.30 -18.25
N ALA B 274 -5.26 13.14 -17.92
CA ALA B 274 -6.67 12.87 -18.25
C ALA B 274 -7.59 13.74 -17.40
N LEU B 275 -7.13 14.13 -16.20
CA LEU B 275 -7.91 15.02 -15.34
C LEU B 275 -8.05 16.39 -16.04
N PRO B 276 -9.28 16.85 -16.32
CA PRO B 276 -9.47 17.99 -17.26
C PRO B 276 -9.06 19.34 -16.72
N GLY B 277 -8.99 19.52 -15.40
CA GLY B 277 -8.73 20.89 -14.95
C GLY B 277 -8.40 20.96 -13.47
N VAL B 278 -7.61 21.97 -13.13
CA VAL B 278 -7.24 22.32 -11.76
C VAL B 278 -7.88 23.69 -11.49
N THR B 279 -8.61 23.80 -10.38
CA THR B 279 -9.28 25.06 -10.01
C THR B 279 -8.70 25.48 -8.67
N PHE B 280 -7.66 26.33 -8.71
CA PHE B 280 -6.90 26.70 -7.52
C PHE B 280 -7.79 27.39 -6.49
N LEU B 281 -7.58 27.06 -5.21
CA LEU B 281 -8.14 27.82 -4.12
C LEU B 281 -7.21 29.01 -3.85
N SER B 282 -7.76 30.10 -3.28
CA SER B 282 -6.96 31.30 -3.12
C SER B 282 -6.44 31.41 -1.70
N GLY B 283 -7.08 30.72 -0.75
N GLY B 283 -7.10 30.72 -0.77
CA GLY B 283 -6.64 30.56 0.64
CA GLY B 283 -6.67 30.64 0.63
C GLY B 283 -5.46 31.43 1.10
C GLY B 283 -6.26 32.01 1.15
N GLY B 284 -5.76 32.66 1.54
N GLY B 284 -4.99 32.13 1.54
CA GLY B 284 -4.77 33.48 2.21
CA GLY B 284 -4.54 33.34 2.22
C GLY B 284 -4.01 34.41 1.26
C GLY B 284 -3.97 34.39 1.26
N LEU B 285 -4.22 34.27 -0.05
CA LEU B 285 -3.56 35.22 -0.97
C LEU B 285 -4.45 36.46 -1.06
N SER B 286 -3.89 37.63 -1.33
CA SER B 286 -4.70 38.80 -1.61
C SER B 286 -5.44 38.63 -2.97
N GLU B 287 -6.44 39.49 -3.20
CA GLU B 287 -7.14 39.52 -4.49
C GLU B 287 -6.17 39.59 -5.67
N VAL B 288 -5.24 40.56 -5.62
CA VAL B 288 -4.33 40.78 -6.71
C VAL B 288 -3.35 39.61 -6.86
N MET B 289 -2.82 39.08 -5.74
CA MET B 289 -1.87 38.00 -5.85
C MET B 289 -2.55 36.78 -6.47
N ALA B 290 -3.85 36.57 -6.13
CA ALA B 290 -4.50 35.39 -6.70
C ALA B 290 -4.55 35.49 -8.22
N SER B 291 -4.77 36.70 -8.74
CA SER B 291 -4.80 36.95 -10.17
C SER B 291 -3.39 36.84 -10.77
N GLU B 292 -2.41 37.52 -10.14
CA GLU B 292 -1.05 37.50 -10.69
C GLU B 292 -0.49 36.08 -10.74
N TYR B 293 -0.78 35.28 -9.71
CA TYR B 293 -0.20 33.95 -9.64
C TYR B 293 -0.83 33.04 -10.69
N LEU B 294 -2.16 33.12 -10.82
CA LEU B 294 -2.83 32.30 -11.81
C LEU B 294 -2.35 32.67 -13.22
N ASN B 295 -2.13 33.97 -13.43
CA ASN B 295 -1.68 34.42 -14.74
C ASN B 295 -0.27 33.84 -15.02
N ALA B 296 0.62 33.86 -14.02
CA ALA B 296 1.96 33.33 -14.21
C ALA B 296 1.89 31.83 -14.55
N MET B 297 0.95 31.10 -13.94
CA MET B 297 0.85 29.69 -14.30
C MET B 297 0.47 29.48 -15.75
N ASN B 298 -0.36 30.37 -16.25
CA ASN B 298 -0.83 30.28 -17.61
C ASN B 298 0.19 30.94 -18.56
N ASN B 299 1.39 31.27 -18.06
CA ASN B 299 2.49 31.66 -18.94
C ASN B 299 3.69 30.73 -18.69
N SER B 300 3.53 29.67 -17.90
CA SER B 300 4.65 28.81 -17.55
C SER B 300 5.06 27.99 -18.79
N PRO B 301 6.39 27.82 -19.03
CA PRO B 301 6.84 26.89 -20.06
C PRO B 301 6.80 25.42 -19.63
N LEU B 302 6.48 25.10 -18.37
CA LEU B 302 6.42 23.68 -17.91
C LEU B 302 5.20 22.95 -18.45
N PRO B 303 5.19 21.59 -18.45
CA PRO B 303 4.04 20.85 -18.98
C PRO B 303 2.81 21.14 -18.11
N ARG B 304 1.69 21.47 -18.76
CA ARG B 304 0.47 21.76 -18.02
C ARG B 304 -0.72 21.37 -18.90
N PRO B 305 -0.99 20.08 -19.08
CA PRO B 305 -2.02 19.66 -20.03
C PRO B 305 -3.43 19.99 -19.54
N TRP B 306 -3.65 20.09 -18.21
CA TRP B 306 -4.97 20.33 -17.66
C TRP B 306 -5.18 21.83 -17.71
N LYS B 307 -6.46 22.26 -17.76
CA LYS B 307 -6.73 23.70 -17.64
C LYS B 307 -6.34 24.13 -16.22
N LEU B 308 -5.70 25.30 -16.14
CA LEU B 308 -5.38 25.87 -14.85
C LEU B 308 -6.28 27.10 -14.69
N THR B 309 -7.19 27.03 -13.70
CA THR B 309 -8.12 28.12 -13.53
C THR B 309 -8.33 28.32 -12.03
N PHE B 310 -9.40 29.03 -11.65
CA PHE B 310 -9.58 29.47 -10.28
C PHE B 310 -10.89 28.89 -9.75
N SER B 311 -10.93 28.68 -8.43
CA SER B 311 -12.15 28.43 -7.71
C SER B 311 -12.04 29.30 -6.45
N TYR B 312 -12.41 30.58 -6.64
CA TYR B 312 -12.04 31.59 -5.66
C TYR B 312 -13.26 32.03 -4.85
N ALA B 313 -13.03 32.22 -3.55
CA ALA B 313 -14.00 32.78 -2.65
C ALA B 313 -13.57 34.23 -2.32
N ARG B 314 -12.74 34.46 -1.30
CA ARG B 314 -12.44 35.82 -0.88
C ARG B 314 -11.74 36.58 -2.01
N ALA B 315 -10.97 35.87 -2.84
CA ALA B 315 -10.23 36.54 -3.90
C ALA B 315 -11.16 37.11 -4.96
N LEU B 316 -12.45 36.64 -4.99
CA LEU B 316 -13.43 37.25 -5.87
C LEU B 316 -14.32 38.23 -5.10
N GLN B 317 -14.43 38.12 -3.77
CA GLN B 317 -15.53 38.76 -3.05
C GLN B 317 -15.08 39.89 -2.11
N SER B 318 -13.81 40.00 -1.69
CA SER B 318 -13.45 40.93 -0.60
C SER B 318 -13.81 42.35 -0.94
N SER B 319 -13.32 42.85 -2.08
CA SER B 319 -13.64 44.23 -2.45
C SER B 319 -15.14 44.41 -2.63
N ALA B 320 -15.79 43.39 -3.20
CA ALA B 320 -17.22 43.46 -3.50
C ALA B 320 -18.01 43.67 -2.20
N ILE B 321 -17.70 42.88 -1.16
CA ILE B 321 -18.43 42.93 0.10
C ILE B 321 -18.22 44.31 0.73
N LYS B 322 -16.98 44.79 0.68
CA LYS B 322 -16.69 46.09 1.26
C LYS B 322 -17.48 47.20 0.55
N ALA B 323 -17.52 47.19 -0.78
CA ALA B 323 -18.22 48.24 -1.53
C ALA B 323 -19.74 48.09 -1.35
N TRP B 324 -20.23 46.85 -1.24
CA TRP B 324 -21.64 46.63 -0.98
C TRP B 324 -22.06 47.21 0.36
N GLY B 325 -21.30 46.85 1.40
CA GLY B 325 -21.58 47.37 2.73
C GLY B 325 -22.87 46.80 3.32
N GLY B 326 -23.42 45.74 2.71
CA GLY B 326 -24.65 45.11 3.18
C GLY B 326 -25.91 45.91 2.87
N LYS B 327 -25.82 46.92 2.00
CA LYS B 327 -26.93 47.86 1.78
C LYS B 327 -27.37 47.82 0.32
N SER B 328 -28.65 48.06 0.07
CA SER B 328 -29.09 47.99 -1.31
C SER B 328 -28.46 49.13 -2.15
N SER B 329 -28.15 50.26 -1.51
CA SER B 329 -27.46 51.32 -2.24
C SER B 329 -26.00 50.98 -2.62
N GLY B 330 -25.40 49.91 -2.06
CA GLY B 330 -24.03 49.58 -2.45
C GLY B 330 -23.98 48.45 -3.46
N VAL B 331 -25.15 48.00 -3.92
CA VAL B 331 -25.21 46.82 -4.78
C VAL B 331 -24.42 47.06 -6.06
N ALA B 332 -24.62 48.25 -6.66
CA ALA B 332 -23.99 48.53 -7.93
C ALA B 332 -22.46 48.53 -7.79
N ALA B 333 -21.94 49.28 -6.82
CA ALA B 333 -20.50 49.36 -6.56
C ALA B 333 -19.94 47.97 -6.19
N GLY B 334 -20.67 47.16 -5.43
CA GLY B 334 -20.17 45.82 -5.06
C GLY B 334 -20.05 44.96 -6.30
N ARG B 335 -21.06 45.00 -7.16
CA ARG B 335 -21.02 44.23 -8.40
C ARG B 335 -19.92 44.73 -9.33
N ARG B 336 -19.66 46.05 -9.40
CA ARG B 336 -18.57 46.51 -10.23
C ARG B 336 -17.25 45.91 -9.71
N ALA B 337 -17.05 45.84 -8.40
CA ALA B 337 -15.83 45.29 -7.85
C ALA B 337 -15.77 43.78 -8.11
N PHE B 338 -16.91 43.09 -7.97
CA PHE B 338 -16.91 41.67 -8.23
C PHE B 338 -16.57 41.41 -9.69
N MET B 339 -17.24 42.13 -10.60
CA MET B 339 -17.06 41.91 -12.03
C MET B 339 -15.64 42.27 -12.44
N HIS B 340 -15.05 43.29 -11.83
CA HIS B 340 -13.64 43.58 -12.13
C HIS B 340 -12.73 42.39 -11.75
N ARG B 341 -12.90 41.82 -10.56
CA ARG B 341 -12.06 40.67 -10.14
C ARG B 341 -12.33 39.47 -11.05
N ALA B 342 -13.60 39.24 -11.44
CA ALA B 342 -13.93 38.08 -12.24
C ALA B 342 -13.23 38.24 -13.59
N LYS B 343 -13.26 39.45 -14.16
CA LYS B 343 -12.61 39.73 -15.43
C LYS B 343 -11.09 39.55 -15.27
N MET B 344 -10.47 40.07 -14.21
CA MET B 344 -9.02 39.88 -14.03
C MET B 344 -8.67 38.39 -14.00
N ASN B 345 -9.48 37.56 -13.32
CA ASN B 345 -9.19 36.14 -13.16
C ASN B 345 -9.45 35.42 -14.47
N SER B 346 -10.46 35.86 -15.22
CA SER B 346 -10.72 35.34 -16.53
C SER B 346 -9.51 35.58 -17.44
N LEU B 347 -8.97 36.82 -17.46
CA LEU B 347 -7.78 37.12 -18.21
C LEU B 347 -6.60 36.28 -17.71
N ALA B 348 -6.47 36.13 -16.38
CA ALA B 348 -5.38 35.32 -15.80
C ALA B 348 -5.46 33.87 -16.29
N GLN B 349 -6.67 33.33 -16.48
CA GLN B 349 -6.80 31.95 -16.93
C GLN B 349 -6.19 31.87 -18.32
N LEU B 350 -6.39 32.93 -19.10
CA LEU B 350 -5.91 32.99 -20.49
C LEU B 350 -4.44 33.38 -20.56
N GLY B 351 -3.81 33.74 -19.43
CA GLY B 351 -2.43 34.20 -19.45
C GLY B 351 -2.29 35.62 -19.94
N ARG B 352 -3.40 36.37 -19.93
CA ARG B 352 -3.34 37.71 -20.54
C ARG B 352 -3.68 38.77 -19.50
N TYR B 353 -3.58 38.45 -18.22
CA TYR B 353 -3.83 39.43 -17.17
C TYR B 353 -2.71 40.46 -17.17
N ASN B 354 -3.06 41.69 -16.82
CA ASN B 354 -2.13 42.80 -16.82
C ASN B 354 -2.24 43.52 -15.46
N ARG B 355 -1.21 43.42 -14.65
CA ARG B 355 -1.20 44.01 -13.31
C ARG B 355 -1.50 45.52 -13.35
N GLY B 356 -1.00 46.22 -14.38
CA GLY B 356 -1.16 47.67 -14.42
C GLY B 356 -2.61 48.02 -14.68
N ASP B 357 -3.32 47.17 -15.44
CA ASP B 357 -4.75 47.39 -15.63
C ASP B 357 -5.49 47.10 -14.34
N ASP B 358 -4.97 46.21 -13.52
CA ASP B 358 -5.65 45.81 -12.30
C ASP B 358 -5.69 46.99 -11.36
N ASP B 359 -4.54 47.61 -11.11
CA ASP B 359 -4.46 48.96 -10.57
C ASP B 359 -4.60 50.04 -11.67
N SER C 2 -22.66 -8.56 -15.49
CA SER C 2 -22.24 -9.96 -15.20
C SER C 2 -21.42 -10.52 -16.38
N ARG C 3 -20.29 -9.86 -16.66
CA ARG C 3 -19.26 -10.33 -17.58
C ARG C 3 -18.22 -11.11 -16.73
N ARG C 4 -17.94 -12.37 -17.14
CA ARG C 4 -17.18 -13.33 -16.34
C ARG C 4 -15.98 -13.83 -17.15
N VAL C 5 -15.00 -14.46 -16.52
CA VAL C 5 -13.84 -14.95 -17.23
C VAL C 5 -13.27 -16.06 -16.36
N GLU C 6 -12.82 -17.12 -17.00
CA GLU C 6 -12.11 -18.15 -16.24
C GLU C 6 -10.60 -17.83 -16.03
N VAL C 7 -10.12 -17.85 -14.81
CA VAL C 7 -8.74 -17.49 -14.49
C VAL C 7 -8.13 -18.64 -13.71
N LEU C 8 -6.81 -18.60 -13.53
CA LEU C 8 -6.14 -19.51 -12.61
C LEU C 8 -6.35 -19.03 -11.18
N LEU C 9 -6.54 -19.99 -10.24
CA LEU C 9 -6.59 -19.55 -8.83
C LEU C 9 -5.35 -18.75 -8.50
N THR C 10 -4.18 -19.19 -8.97
CA THR C 10 -2.92 -18.53 -8.60
C THR C 10 -2.85 -17.11 -9.19
N GLN C 11 -3.80 -16.69 -10.04
CA GLN C 11 -3.87 -15.27 -10.43
C GLN C 11 -4.70 -14.43 -9.46
N LEU C 12 -5.35 -15.05 -8.46
CA LEU C 12 -6.23 -14.33 -7.54
C LEU C 12 -5.46 -13.98 -6.29
N PRO C 13 -5.69 -12.76 -5.72
CA PRO C 13 -4.88 -12.33 -4.57
C PRO C 13 -4.86 -13.28 -3.37
N ALA C 14 -6.00 -13.94 -3.12
CA ALA C 14 -6.06 -14.75 -1.88
C ALA C 14 -5.27 -16.04 -2.06
N TYR C 15 -4.84 -16.35 -3.29
CA TYR C 15 -4.20 -17.64 -3.52
C TYR C 15 -2.70 -17.45 -3.77
N ASN C 16 -2.07 -16.49 -3.06
CA ASN C 16 -0.69 -16.12 -3.38
C ASN C 16 0.28 -17.04 -2.62
N ARG C 17 -0.18 -17.95 -1.73
CA ARG C 17 0.77 -18.69 -0.92
C ARG C 17 1.74 -19.51 -1.80
N LEU C 18 3.04 -19.50 -1.44
CA LEU C 18 3.99 -20.29 -2.20
C LEU C 18 3.61 -21.77 -2.19
N LYS C 19 3.79 -22.43 -3.34
CA LYS C 19 3.67 -23.87 -3.42
C LYS C 19 5.07 -24.43 -3.66
N THR C 20 5.56 -25.15 -2.67
CA THR C 20 6.92 -25.65 -2.72
C THR C 20 6.82 -27.12 -2.39
N PRO C 21 7.50 -27.99 -3.17
CA PRO C 21 7.42 -29.44 -2.88
C PRO C 21 8.16 -29.73 -1.56
N TYR C 22 8.89 -28.75 -1.00
CA TYR C 22 9.63 -29.01 0.23
C TYR C 22 8.81 -28.68 1.48
N GLU C 23 7.54 -28.30 1.34
CA GLU C 23 6.80 -27.78 2.48
C GLU C 23 6.91 -28.67 3.74
N GLU C 24 6.65 -29.98 3.64
CA GLU C 24 6.70 -30.80 4.85
C GLU C 24 8.11 -30.83 5.43
N GLU C 25 9.13 -30.98 4.57
CA GLU C 25 10.50 -31.02 5.06
C GLU C 25 10.88 -29.70 5.74
N LEU C 26 10.46 -28.54 5.17
CA LEU C 26 10.77 -27.25 5.78
C LEU C 26 10.18 -27.19 7.18
N ILE C 27 8.94 -27.63 7.30
CA ILE C 27 8.29 -27.59 8.60
C ILE C 27 9.00 -28.48 9.62
N GLU C 28 9.44 -29.67 9.18
CA GLU C 28 10.17 -30.60 10.03
C GLU C 28 11.54 -29.99 10.42
N THR C 29 12.25 -29.39 9.45
CA THR C 29 13.52 -28.76 9.79
C THR C 29 13.32 -27.65 10.84
N ALA C 30 12.28 -26.79 10.63
CA ALA C 30 12.10 -25.65 11.53
C ALA C 30 11.83 -26.17 12.97
N LYS C 31 11.13 -27.29 13.06
CA LYS C 31 10.85 -27.91 14.35
C LYS C 31 12.16 -28.44 14.96
N LYS C 32 12.99 -29.14 14.16
CA LYS C 32 14.27 -29.64 14.69
C LYS C 32 15.15 -28.46 15.15
N MET C 33 15.17 -27.33 14.41
CA MET C 33 16.00 -26.20 14.74
C MET C 33 15.57 -25.55 16.06
N THR C 34 14.30 -25.72 16.43
CA THR C 34 13.78 -25.04 17.63
C THR C 34 13.48 -26.08 18.72
N ALA C 35 14.19 -27.22 18.70
CA ALA C 35 14.00 -28.23 19.75
C ALA C 35 14.29 -27.61 21.13
N PRO C 36 13.52 -27.99 22.18
CA PRO C 36 13.75 -27.43 23.52
C PRO C 36 15.21 -27.57 23.96
N GLY C 37 15.75 -26.51 24.60
CA GLY C 37 17.09 -26.60 25.15
C GLY C 37 18.17 -26.40 24.08
N LYS C 38 17.77 -26.04 22.84
CA LYS C 38 18.78 -25.94 21.78
C LYS C 38 18.63 -24.63 20.99
N GLY C 39 19.76 -24.21 20.41
CA GLY C 39 19.76 -23.02 19.56
C GLY C 39 20.79 -23.17 18.44
N LEU C 40 21.03 -22.10 17.67
CA LEU C 40 21.96 -22.18 16.56
C LEU C 40 23.31 -21.57 16.92
N LEU C 41 24.38 -22.20 16.43
CA LEU C 41 25.67 -21.53 16.40
C LEU C 41 25.76 -20.78 15.06
N ALA C 42 25.98 -19.47 15.12
CA ALA C 42 26.19 -18.70 13.89
C ALA C 42 27.68 -18.65 13.62
N ALA C 43 28.19 -19.45 12.67
CA ALA C 43 29.63 -19.44 12.41
C ALA C 43 29.90 -18.89 11.02
N ASP C 44 29.05 -17.97 10.55
CA ASP C 44 29.05 -17.56 9.14
C ASP C 44 29.77 -16.24 8.90
N GLU C 45 30.71 -15.83 9.76
CA GLU C 45 31.51 -14.62 9.53
C GLU C 45 32.25 -14.66 8.18
N SER C 46 32.17 -13.51 7.45
CA SER C 46 32.87 -13.32 6.21
C SER C 46 34.37 -13.32 6.51
N THR C 47 35.22 -13.39 5.46
CA THR C 47 36.67 -13.30 5.65
C THR C 47 37.07 -11.97 6.29
N GLY C 48 36.36 -10.86 5.97
CA GLY C 48 36.49 -9.56 6.62
C GLY C 48 36.18 -9.56 8.12
N SER C 49 35.08 -10.22 8.53
CA SER C 49 34.80 -10.41 9.95
C SER C 49 35.92 -11.21 10.63
N CYS C 50 36.44 -12.25 9.95
CA CYS C 50 37.49 -13.06 10.53
C CYS C 50 38.73 -12.25 10.88
N SER C 51 39.07 -11.19 10.09
CA SER C 51 40.20 -10.32 10.41
C SER C 51 40.02 -9.70 11.79
N LYS C 52 38.79 -9.23 12.05
CA LYS C 52 38.40 -8.64 13.33
C LYS C 52 38.48 -9.68 14.44
N ARG C 53 37.86 -10.87 14.23
CA ARG C 53 37.95 -11.98 15.18
C ARG C 53 39.40 -12.37 15.48
N PHE C 54 40.31 -12.25 14.50
CA PHE C 54 41.65 -12.80 14.65
C PHE C 54 42.62 -11.73 15.12
N ALA C 55 42.14 -10.47 15.15
CA ALA C 55 43.00 -9.31 15.41
C ALA C 55 43.62 -9.45 16.81
N GLY C 56 42.80 -9.81 17.80
CA GLY C 56 43.20 -9.97 19.19
C GLY C 56 44.21 -11.09 19.37
N ILE C 57 44.09 -12.20 18.65
CA ILE C 57 44.98 -13.32 18.95
C ILE C 57 46.19 -13.31 18.02
N GLY C 58 46.25 -12.38 17.06
CA GLY C 58 47.35 -12.29 16.11
C GLY C 58 47.42 -13.50 15.19
N LEU C 59 46.27 -14.03 14.76
CA LEU C 59 46.28 -15.13 13.80
C LEU C 59 46.12 -14.54 12.39
N SER C 60 46.98 -14.92 11.44
CA SER C 60 46.81 -14.41 10.08
C SER C 60 45.54 -14.97 9.44
N ASN C 61 44.89 -14.13 8.64
CA ASN C 61 43.59 -14.48 8.06
C ASN C 61 43.79 -15.34 6.83
N THR C 62 44.00 -16.65 6.96
CA THR C 62 44.09 -17.48 5.77
C THR C 62 42.90 -18.44 5.73
N ALA C 63 42.66 -19.05 4.56
CA ALA C 63 41.64 -20.08 4.40
C ALA C 63 41.86 -21.21 5.41
N GLU C 64 43.13 -21.64 5.58
CA GLU C 64 43.47 -22.71 6.51
C GLU C 64 43.18 -22.31 7.97
N HIS C 65 43.56 -21.08 8.34
CA HIS C 65 43.32 -20.60 9.68
C HIS C 65 41.82 -20.48 9.95
N ARG C 66 41.06 -20.04 8.93
CA ARG C 66 39.61 -19.94 9.09
C ARG C 66 39.03 -21.34 9.31
N ARG C 67 39.60 -22.33 8.61
CA ARG C 67 39.12 -23.70 8.71
C ARG C 67 39.37 -24.16 10.15
N GLN C 68 40.55 -23.86 10.70
CA GLN C 68 40.92 -24.32 12.04
C GLN C 68 40.04 -23.63 13.09
N TYR C 69 39.69 -22.37 12.86
CA TYR C 69 38.79 -21.67 13.77
C TYR C 69 37.40 -22.32 13.78
N ARG C 70 36.86 -22.63 12.59
CA ARG C 70 35.61 -23.35 12.54
C ARG C 70 35.76 -24.75 13.18
N ALA C 71 36.87 -25.44 12.89
CA ALA C 71 37.11 -26.78 13.43
C ALA C 71 37.18 -26.79 14.97
N LEU C 72 37.71 -25.71 15.58
CA LEU C 72 37.76 -25.61 17.03
C LEU C 72 36.37 -25.93 17.58
N MET C 73 35.34 -25.35 16.96
CA MET C 73 33.98 -25.51 17.43
C MET C 73 33.33 -26.77 16.86
N LEU C 74 33.47 -27.01 15.54
CA LEU C 74 32.68 -28.04 14.87
C LEU C 74 33.21 -29.44 15.19
N GLU C 75 34.52 -29.56 15.47
CA GLU C 75 35.07 -30.88 15.81
C GLU C 75 35.10 -31.11 17.31
N CYS C 76 34.47 -30.18 18.05
CA CYS C 76 34.33 -30.31 19.50
C CYS C 76 33.21 -31.35 19.78
N ALA C 77 33.53 -32.44 20.48
CA ALA C 77 32.52 -33.42 20.89
C ALA C 77 31.43 -32.78 21.76
N GLY C 78 30.17 -33.20 21.57
CA GLY C 78 29.18 -32.93 22.59
C GLY C 78 28.32 -31.68 22.35
N PHE C 79 28.69 -30.81 21.39
CA PHE C 79 27.94 -29.55 21.29
C PHE C 79 26.50 -29.79 20.80
N GLU C 80 26.23 -30.97 20.22
CA GLU C 80 24.89 -31.29 19.74
C GLU C 80 23.88 -31.50 20.87
N GLN C 81 24.37 -31.57 22.12
CA GLN C 81 23.46 -31.52 23.26
C GLN C 81 22.75 -30.15 23.30
N TYR C 82 23.41 -29.09 22.81
CA TYR C 82 22.90 -27.73 23.04
C TYR C 82 22.59 -26.97 21.74
N ILE C 83 23.10 -27.47 20.62
CA ILE C 83 23.08 -26.78 19.35
C ILE C 83 22.25 -27.62 18.37
N SER C 84 21.19 -27.00 17.79
CA SER C 84 20.32 -27.73 16.88
C SER C 84 20.78 -27.52 15.41
N GLY C 85 21.52 -26.43 15.14
CA GLY C 85 21.87 -26.12 13.76
C GLY C 85 23.07 -25.18 13.75
N VAL C 86 23.85 -25.22 12.66
CA VAL C 86 25.00 -24.34 12.55
C VAL C 86 24.87 -23.54 11.23
N ILE C 87 24.95 -22.20 11.31
CA ILE C 87 25.02 -21.37 10.13
C ILE C 87 26.45 -21.33 9.64
N LEU C 88 26.68 -21.93 8.46
CA LEU C 88 28.02 -21.92 7.89
C LEU C 88 28.16 -20.77 6.90
N HIS C 89 29.42 -20.36 6.73
CA HIS C 89 29.83 -19.50 5.62
C HIS C 89 30.03 -20.40 4.40
N ASP C 90 29.81 -19.83 3.21
CA ASP C 90 30.02 -20.49 1.93
C ASP C 90 31.36 -21.26 1.90
N GLU C 91 32.45 -20.64 2.36
CA GLU C 91 33.75 -21.29 2.25
C GLU C 91 33.76 -22.58 3.08
N THR C 92 33.17 -22.52 4.29
CA THR C 92 33.24 -23.64 5.23
C THR C 92 32.41 -24.83 4.73
N VAL C 93 31.30 -24.57 3.99
CA VAL C 93 30.45 -25.65 3.52
C VAL C 93 31.28 -26.68 2.73
N TYR C 94 32.38 -26.22 2.08
CA TYR C 94 33.12 -27.10 1.18
C TYR C 94 34.41 -27.56 1.84
N GLN C 95 34.70 -27.07 3.06
CA GLN C 95 35.93 -27.46 3.72
C GLN C 95 35.75 -28.82 4.40
N ARG C 96 36.86 -29.46 4.76
CA ARG C 96 36.82 -30.78 5.35
C ARG C 96 37.30 -30.72 6.79
N ALA C 97 36.59 -31.49 7.63
CA ALA C 97 37.01 -31.74 9.01
C ALA C 97 38.18 -32.71 8.98
N SER C 98 38.90 -32.76 10.09
CA SER C 98 40.02 -33.70 10.15
C SER C 98 39.50 -35.14 10.21
N THR C 99 38.17 -35.35 10.36
CA THR C 99 37.59 -36.68 10.26
C THR C 99 37.58 -37.17 8.80
N GLY C 100 37.86 -36.30 7.84
CA GLY C 100 37.74 -36.67 6.44
C GLY C 100 36.44 -36.16 5.83
N GLU C 101 35.43 -35.79 6.64
CA GLU C 101 34.15 -35.43 6.02
C GLU C 101 34.03 -33.94 5.77
N THR C 102 33.06 -33.56 4.92
CA THR C 102 32.77 -32.12 4.80
C THR C 102 32.08 -31.68 6.08
N PHE C 103 32.18 -30.40 6.43
CA PHE C 103 31.49 -29.92 7.61
C PHE C 103 30.00 -30.24 7.56
N PRO C 104 29.24 -30.02 6.45
CA PRO C 104 27.82 -30.40 6.43
C PRO C 104 27.63 -31.88 6.72
N GLN C 105 28.51 -32.75 6.20
CA GLN C 105 28.35 -34.18 6.48
C GLN C 105 28.57 -34.47 7.96
N LEU C 106 29.61 -33.86 8.55
CA LEU C 106 29.91 -34.03 9.97
C LEU C 106 28.67 -33.62 10.78
N LEU C 107 28.07 -32.47 10.45
CA LEU C 107 26.88 -31.98 11.15
C LEU C 107 25.73 -32.98 11.06
N ARG C 108 25.41 -33.43 9.85
CA ARG C 108 24.34 -34.38 9.62
C ARG C 108 24.60 -35.67 10.38
N ARG C 109 25.82 -36.20 10.35
CA ARG C 109 26.07 -37.40 11.14
C ARG C 109 25.71 -37.19 12.62
N ARG C 110 25.92 -35.98 13.17
CA ARG C 110 25.72 -35.71 14.59
C ARG C 110 24.30 -35.21 14.85
N GLY C 111 23.43 -35.25 13.83
CA GLY C 111 22.05 -34.86 14.00
C GLY C 111 21.86 -33.34 14.06
N VAL C 112 22.84 -32.52 13.65
CA VAL C 112 22.76 -31.07 13.72
C VAL C 112 22.44 -30.59 12.31
N VAL C 113 21.54 -29.60 12.18
CA VAL C 113 21.09 -29.18 10.85
C VAL C 113 22.14 -28.26 10.25
N PRO C 114 22.71 -28.53 9.05
CA PRO C 114 23.65 -27.57 8.42
C PRO C 114 22.82 -26.42 7.78
N GLY C 115 23.25 -25.17 7.99
CA GLY C 115 22.64 -24.07 7.27
C GLY C 115 23.72 -23.20 6.63
N ILE C 116 23.30 -22.16 5.87
CA ILE C 116 24.22 -21.41 5.06
C ILE C 116 23.73 -19.96 5.06
N LYS C 117 24.67 -19.03 5.23
CA LYS C 117 24.37 -17.64 5.07
C LYS C 117 24.35 -17.36 3.54
N THR C 118 23.23 -16.89 2.99
CA THR C 118 23.11 -16.75 1.55
C THR C 118 23.07 -15.30 1.08
N ASP C 119 23.10 -14.30 1.98
CA ASP C 119 23.09 -12.92 1.49
C ASP C 119 24.48 -12.55 0.98
N CYS C 120 24.60 -11.46 0.20
CA CYS C 120 25.89 -11.06 -0.36
C CYS C 120 26.32 -9.72 0.26
N GLY C 121 25.90 -9.43 1.48
CA GLY C 121 26.47 -8.32 2.23
C GLY C 121 25.68 -7.00 2.09
N LEU C 122 26.10 -6.01 2.87
CA LEU C 122 25.40 -4.73 2.97
C LEU C 122 25.90 -3.77 1.90
N GLU C 123 25.00 -2.94 1.34
CA GLU C 123 25.47 -1.88 0.46
C GLU C 123 24.64 -0.62 0.73
N PRO C 124 25.07 0.57 0.28
CA PRO C 124 24.31 1.82 0.53
C PRO C 124 22.88 1.66 -0.01
N LEU C 125 21.91 2.12 0.78
CA LEU C 125 20.51 2.03 0.36
C LEU C 125 20.25 3.01 -0.81
N VAL C 126 21.00 4.12 -0.85
CA VAL C 126 20.85 5.19 -1.84
C VAL C 126 19.60 6.04 -1.54
N GLU C 127 18.39 5.43 -1.52
CA GLU C 127 17.19 6.11 -1.05
C GLU C 127 17.28 6.32 0.46
N GLY C 128 16.34 7.07 1.03
CA GLY C 128 16.30 7.15 2.49
C GLY C 128 17.44 8.05 2.95
N ALA C 129 18.02 7.74 4.12
CA ALA C 129 18.90 8.70 4.78
C ALA C 129 20.31 8.12 4.77
N ASP C 130 21.28 9.01 4.84
CA ASP C 130 22.68 8.60 4.81
C ASP C 130 22.98 7.60 5.96
N GLY C 131 23.75 6.55 5.63
CA GLY C 131 24.12 5.50 6.57
C GLY C 131 23.13 4.32 6.55
N GLU C 132 21.97 4.47 5.88
CA GLU C 132 21.08 3.32 5.77
C GLU C 132 21.58 2.39 4.70
N GLN C 133 21.29 1.09 4.86
CA GLN C 133 21.91 0.09 4.01
C GLN C 133 20.88 -0.94 3.61
N MET C 134 21.00 -1.37 2.36
CA MET C 134 20.26 -2.54 1.89
C MET C 134 21.19 -3.76 1.90
N THR C 135 20.64 -4.93 1.55
CA THR C 135 21.41 -6.17 1.47
C THR C 135 21.27 -6.70 0.03
N ALA C 136 22.42 -7.05 -0.56
CA ALA C 136 22.56 -7.56 -1.92
C ALA C 136 22.40 -9.09 -1.92
N GLY C 137 22.02 -9.67 -3.07
CA GLY C 137 22.25 -11.10 -3.27
C GLY C 137 21.10 -11.88 -3.92
N LEU C 138 20.00 -11.24 -4.32
CA LEU C 138 18.89 -12.00 -4.91
C LEU C 138 19.21 -12.49 -6.34
N ASP C 139 20.09 -11.81 -7.08
CA ASP C 139 20.46 -12.31 -8.40
C ASP C 139 21.20 -13.64 -8.30
N GLY C 140 20.77 -14.62 -9.08
CA GLY C 140 21.28 -15.97 -9.07
C GLY C 140 20.97 -16.71 -7.75
N TYR C 141 20.01 -16.23 -6.95
CA TYR C 141 19.74 -16.79 -5.64
C TYR C 141 19.29 -18.27 -5.77
N VAL C 142 18.36 -18.56 -6.68
CA VAL C 142 17.78 -19.88 -6.78
C VAL C 142 18.87 -20.88 -7.11
N LYS C 143 19.73 -20.56 -8.10
CA LYS C 143 20.81 -21.47 -8.42
C LYS C 143 21.71 -21.73 -7.20
N ARG C 144 22.05 -20.69 -6.47
CA ARG C 144 22.96 -20.84 -5.31
C ARG C 144 22.26 -21.73 -4.28
N ALA C 145 20.98 -21.42 -3.98
CA ALA C 145 20.28 -22.13 -2.91
C ALA C 145 20.14 -23.61 -3.25
N LYS C 146 19.85 -23.95 -4.52
CA LYS C 146 19.76 -25.35 -4.94
C LYS C 146 21.10 -26.09 -4.75
N LYS C 147 22.22 -25.40 -5.03
CA LYS C 147 23.53 -25.99 -4.82
C LYS C 147 23.78 -26.25 -3.34
N TYR C 148 23.35 -25.31 -2.46
CA TYR C 148 23.56 -25.54 -1.04
C TYR C 148 22.69 -26.69 -0.54
N TYR C 149 21.44 -26.79 -1.01
CA TYR C 149 20.58 -27.89 -0.60
C TYR C 149 21.22 -29.22 -1.04
N ALA C 150 21.82 -29.23 -2.23
CA ALA C 150 22.43 -30.45 -2.75
C ALA C 150 23.60 -30.92 -1.89
N VAL C 151 24.33 -30.03 -1.21
CA VAL C 151 25.44 -30.52 -0.38
C VAL C 151 24.98 -30.74 1.06
N GLY C 152 23.66 -30.62 1.35
CA GLY C 152 23.18 -31.02 2.67
C GLY C 152 22.66 -29.87 3.51
N CYS C 153 22.74 -28.60 3.04
CA CYS C 153 22.15 -27.53 3.85
C CYS C 153 20.62 -27.64 3.81
N ARG C 154 19.97 -27.30 4.93
CA ARG C 154 18.51 -27.39 5.02
C ARG C 154 17.91 -26.11 5.57
N PHE C 155 18.75 -25.11 5.89
CA PHE C 155 18.24 -23.80 6.24
C PHE C 155 19.25 -22.75 5.80
N CYS C 156 18.81 -21.48 5.73
CA CYS C 156 19.72 -20.41 5.32
C CYS C 156 19.47 -19.18 6.18
N LYS C 157 20.33 -18.17 6.01
CA LYS C 157 20.19 -16.97 6.81
C LYS C 157 20.51 -15.78 5.91
N TRP C 158 19.74 -14.67 6.10
CA TRP C 158 20.01 -13.45 5.33
C TRP C 158 19.77 -12.27 6.29
N ARG C 159 20.76 -11.37 6.36
CA ARG C 159 20.71 -10.29 7.32
C ARG C 159 20.43 -8.96 6.60
N ASN C 160 19.40 -8.24 7.06
CA ASN C 160 19.25 -6.83 6.72
C ASN C 160 19.40 -6.03 8.01
N VAL C 161 19.84 -4.78 7.92
CA VAL C 161 20.03 -3.98 9.09
C VAL C 161 19.24 -2.68 8.97
N TYR C 162 18.90 -2.12 10.13
CA TYR C 162 18.23 -0.83 10.20
C TYR C 162 18.94 0.01 11.24
N LYS C 163 19.39 1.19 10.80
CA LYS C 163 20.18 2.00 11.66
C LYS C 163 19.29 3.13 12.20
N ILE C 164 19.07 3.14 13.53
CA ILE C 164 18.36 4.22 14.15
C ILE C 164 19.25 5.46 14.18
N GLN C 165 18.74 6.59 13.64
CA GLN C 165 19.45 7.83 13.78
C GLN C 165 18.38 8.85 14.14
N ASN C 166 18.66 9.69 15.16
CA ASN C 166 17.77 10.78 15.57
C ASN C 166 16.43 10.15 15.94
N GLY C 167 16.45 8.93 16.52
CA GLY C 167 15.19 8.41 17.02
C GLY C 167 14.31 7.80 15.94
N THR C 168 14.82 7.60 14.70
CA THR C 168 13.91 7.05 13.69
C THR C 168 14.72 6.36 12.58
N VAL C 169 14.02 5.81 11.59
CA VAL C 169 14.59 5.27 10.36
C VAL C 169 13.69 5.75 9.22
N SER C 170 14.21 5.81 7.98
CA SER C 170 13.39 6.31 6.90
C SER C 170 12.30 5.28 6.56
N GLU C 171 11.17 5.75 6.02
CA GLU C 171 10.22 4.79 5.46
C GLU C 171 10.84 4.00 4.30
N ALA C 172 11.73 4.64 3.53
CA ALA C 172 12.41 3.95 2.42
C ALA C 172 13.08 2.67 2.92
N VAL C 173 13.82 2.73 4.05
CA VAL C 173 14.53 1.52 4.49
C VAL C 173 13.54 0.50 5.06
N VAL C 174 12.49 0.98 5.76
CA VAL C 174 11.52 0.07 6.33
C VAL C 174 10.87 -0.75 5.22
N ARG C 175 10.45 -0.07 4.12
CA ARG C 175 9.78 -0.76 3.02
C ARG C 175 10.77 -1.64 2.26
N PHE C 176 11.91 -1.08 1.87
CA PHE C 176 12.78 -1.79 0.94
C PHE C 176 13.41 -3.04 1.59
N ASN C 177 13.86 -2.93 2.85
CA ASN C 177 14.48 -4.10 3.49
C ASN C 177 13.43 -5.16 3.80
N ALA C 178 12.20 -4.77 4.15
CA ALA C 178 11.13 -5.78 4.34
C ALA C 178 10.85 -6.55 3.04
N GLU C 179 10.81 -5.82 1.92
CA GLU C 179 10.57 -6.42 0.61
C GLU C 179 11.70 -7.37 0.27
N THR C 180 12.96 -6.97 0.53
CA THR C 180 14.11 -7.84 0.27
C THR C 180 13.97 -9.13 1.08
N LEU C 181 13.70 -9.01 2.39
CA LEU C 181 13.64 -10.17 3.27
C LEU C 181 12.51 -11.09 2.81
N ALA C 182 11.36 -10.53 2.44
CA ALA C 182 10.23 -11.37 2.09
C ALA C 182 10.49 -12.15 0.78
N ARG C 183 11.16 -11.51 -0.19
CA ARG C 183 11.54 -12.15 -1.45
C ARG C 183 12.59 -13.26 -1.21
N TYR C 184 13.59 -12.95 -0.38
CA TYR C 184 14.56 -13.95 0.04
C TYR C 184 13.88 -15.15 0.66
N ALA C 185 12.88 -14.92 1.54
CA ALA C 185 12.28 -16.03 2.27
C ALA C 185 11.59 -17.00 1.30
N VAL C 186 10.82 -16.49 0.33
CA VAL C 186 10.07 -17.36 -0.54
CA VAL C 186 10.06 -17.32 -0.57
C VAL C 186 11.00 -18.07 -1.52
N LEU C 187 12.04 -17.37 -2.04
CA LEU C 187 12.99 -18.09 -2.90
C LEU C 187 13.67 -19.23 -2.13
N SER C 188 14.06 -18.98 -0.86
CA SER C 188 14.69 -20.00 -0.07
C SER C 188 13.77 -21.21 0.07
N GLN C 189 12.49 -20.97 0.40
CA GLN C 189 11.56 -22.09 0.60
C GLN C 189 11.36 -22.89 -0.68
N LEU C 190 11.34 -22.21 -1.83
CA LEU C 190 11.22 -22.86 -3.13
C LEU C 190 12.35 -23.89 -3.28
N CYS C 191 13.53 -23.57 -2.74
CA CYS C 191 14.69 -24.40 -2.97
C CYS C 191 14.93 -25.36 -1.82
N GLY C 192 14.03 -25.41 -0.84
CA GLY C 192 14.15 -26.41 0.22
C GLY C 192 14.96 -25.93 1.43
N LEU C 193 15.24 -24.64 1.53
CA LEU C 193 15.94 -24.13 2.73
C LEU C 193 14.97 -23.33 3.61
N VAL C 194 14.88 -23.69 4.90
CA VAL C 194 14.14 -22.89 5.87
C VAL C 194 14.85 -21.54 5.97
N PRO C 195 14.17 -20.41 5.62
CA PRO C 195 14.79 -19.11 5.75
C PRO C 195 14.76 -18.61 7.20
N ILE C 196 15.95 -18.22 7.68
CA ILE C 196 16.00 -17.36 8.87
C ILE C 196 15.97 -15.91 8.38
N VAL C 197 14.88 -15.21 8.72
CA VAL C 197 14.70 -13.82 8.29
C VAL C 197 15.27 -12.92 9.39
N GLU C 198 16.37 -12.20 9.12
CA GLU C 198 17.04 -11.45 10.16
C GLU C 198 16.90 -9.93 9.88
N PRO C 199 15.92 -9.23 10.52
CA PRO C 199 15.79 -7.78 10.38
C PRO C 199 16.39 -7.17 11.64
N GLU C 200 17.67 -6.83 11.56
CA GLU C 200 18.34 -6.40 12.78
C GLU C 200 18.25 -4.89 12.93
N VAL C 201 17.50 -4.44 13.93
CA VAL C 201 17.57 -3.04 14.36
C VAL C 201 18.84 -2.92 15.19
N MET C 202 19.82 -2.12 14.71
CA MET C 202 21.13 -2.22 15.30
C MET C 202 21.19 -1.47 16.64
N ILE C 203 22.08 -1.92 17.50
CA ILE C 203 22.28 -1.35 18.83
C ILE C 203 23.03 -0.02 18.76
N ASP C 204 23.70 0.27 17.64
CA ASP C 204 24.53 1.45 17.54
C ASP C 204 23.70 2.72 17.74
N GLY C 205 24.20 3.64 18.55
CA GLY C 205 23.55 4.94 18.64
C GLY C 205 23.22 5.29 20.08
N THR C 206 22.64 6.49 20.24
CA THR C 206 22.38 7.04 21.55
C THR C 206 20.89 6.88 21.89
N HIS C 207 20.10 6.12 21.10
CA HIS C 207 18.68 5.99 21.40
C HIS C 207 18.43 5.19 22.69
N ASP C 208 17.28 5.44 23.33
CA ASP C 208 16.88 4.67 24.50
C ASP C 208 16.06 3.44 24.12
N ILE C 209 15.69 2.63 25.12
CA ILE C 209 15.01 1.38 24.86
C ILE C 209 13.59 1.62 24.32
N GLU C 210 12.91 2.67 24.79
CA GLU C 210 11.62 3.05 24.21
C GLU C 210 11.74 3.28 22.69
N THR C 211 12.79 4.00 22.23
CA THR C 211 12.97 4.22 20.80
C THR C 211 13.24 2.90 20.09
N CYS C 212 14.13 2.06 20.68
CA CYS C 212 14.34 0.73 20.09
C CYS C 212 13.00 -0.03 19.92
N GLN C 213 12.12 0.01 20.95
CA GLN C 213 10.85 -0.67 20.92
C GLN C 213 10.00 -0.16 19.74
N ARG C 214 9.87 1.17 19.63
CA ARG C 214 9.01 1.74 18.61
C ARG C 214 9.51 1.36 17.22
N VAL C 215 10.80 1.58 16.98
CA VAL C 215 11.38 1.31 15.68
C VAL C 215 11.32 -0.20 15.38
N SER C 216 11.66 -1.07 16.34
CA SER C 216 11.59 -2.53 16.11
C SER C 216 10.16 -2.95 15.77
N GLN C 217 9.18 -2.44 16.50
CA GLN C 217 7.80 -2.88 16.23
C GLN C 217 7.42 -2.46 14.79
N HIS C 218 7.80 -1.24 14.39
CA HIS C 218 7.44 -0.71 13.09
C HIS C 218 8.16 -1.49 11.97
N VAL C 219 9.47 -1.72 12.14
CA VAL C 219 10.26 -2.46 11.15
C VAL C 219 9.73 -3.90 11.02
N TRP C 220 9.51 -4.58 12.16
CA TRP C 220 9.11 -5.99 12.11
C TRP C 220 7.67 -6.15 11.58
N ALA C 221 6.76 -5.19 11.92
CA ALA C 221 5.41 -5.31 11.37
C ALA C 221 5.46 -5.23 9.84
N GLU C 222 6.31 -4.40 9.26
CA GLU C 222 6.41 -4.30 7.81
C GLU C 222 7.07 -5.55 7.22
N VAL C 223 8.07 -6.13 7.91
CA VAL C 223 8.59 -7.45 7.46
C VAL C 223 7.45 -8.48 7.40
N VAL C 224 6.60 -8.52 8.43
CA VAL C 224 5.51 -9.49 8.47
C VAL C 224 4.52 -9.23 7.32
N SER C 225 4.19 -7.94 7.08
CA SER C 225 3.27 -7.57 6.01
CA SER C 225 3.28 -7.55 6.01
C SER C 225 3.84 -8.03 4.66
N ALA C 226 5.14 -7.79 4.44
CA ALA C 226 5.78 -8.19 3.19
C ALA C 226 5.76 -9.74 3.06
N LEU C 227 6.04 -10.47 4.14
CA LEU C 227 5.99 -11.94 4.11
C LEU C 227 4.58 -12.41 3.71
N HIS C 228 3.50 -11.81 4.23
CA HIS C 228 2.18 -12.18 3.75
C HIS C 228 2.03 -11.89 2.24
N ARG C 229 2.46 -10.69 1.80
CA ARG C 229 2.30 -10.31 0.40
C ARG C 229 3.07 -11.27 -0.54
N HIS C 230 4.27 -11.72 -0.16
CA HIS C 230 5.06 -12.60 -1.03
C HIS C 230 4.69 -14.08 -0.82
N GLY C 231 3.82 -14.41 0.13
CA GLY C 231 3.21 -15.75 0.16
C GLY C 231 4.09 -16.76 0.94
N VAL C 232 4.81 -16.34 1.99
CA VAL C 232 5.68 -17.25 2.74
C VAL C 232 4.88 -18.40 3.37
N VAL C 233 5.50 -19.57 3.50
CA VAL C 233 4.94 -20.66 4.29
C VAL C 233 5.36 -20.37 5.72
N TRP C 234 4.43 -19.80 6.52
CA TRP C 234 4.76 -19.32 7.85
C TRP C 234 5.36 -20.42 8.72
N GLU C 235 4.85 -21.60 8.60
CA GLU C 235 5.19 -22.73 9.44
C GLU C 235 6.60 -23.21 9.16
N GLY C 236 7.21 -22.76 8.05
CA GLY C 236 8.54 -23.21 7.66
C GLY C 236 9.52 -22.05 7.58
N CYS C 237 9.36 -21.04 8.46
CA CYS C 237 10.14 -19.81 8.42
C CYS C 237 10.58 -19.53 9.86
N LEU C 238 11.70 -18.85 10.08
CA LEU C 238 12.13 -18.43 11.42
C LEU C 238 12.49 -16.95 11.38
N LEU C 239 12.43 -16.29 12.52
CA LEU C 239 12.82 -14.89 12.59
C LEU C 239 14.09 -14.82 13.46
N LYS C 240 15.06 -14.03 13.06
CA LYS C 240 16.24 -13.71 13.87
C LYS C 240 16.30 -12.19 14.11
N PRO C 241 15.59 -11.68 15.13
CA PRO C 241 15.54 -10.25 15.41
C PRO C 241 16.56 -9.87 16.49
N ASN C 242 16.79 -8.56 16.62
CA ASN C 242 17.46 -7.96 17.76
C ASN C 242 16.53 -8.12 18.97
N MET C 243 17.14 -8.22 20.14
CA MET C 243 16.38 -7.93 21.35
C MET C 243 16.16 -6.41 21.43
N VAL C 244 15.12 -5.98 22.16
CA VAL C 244 14.86 -4.55 22.32
C VAL C 244 15.65 -4.09 23.54
N VAL C 245 16.71 -3.28 23.33
CA VAL C 245 17.63 -2.84 24.38
C VAL C 245 17.99 -1.38 24.12
N PRO C 246 18.56 -0.67 25.12
CA PRO C 246 19.03 0.72 24.89
C PRO C 246 20.17 0.69 23.87
N GLY C 247 20.36 1.81 23.18
CA GLY C 247 21.48 1.90 22.26
C GLY C 247 22.80 1.92 23.02
N ALA C 248 23.85 1.49 22.30
CA ALA C 248 25.15 1.23 22.93
C ALA C 248 25.78 2.51 23.44
N GLU C 249 25.46 3.66 22.88
CA GLU C 249 26.07 4.90 23.33
C GLU C 249 25.04 5.72 24.08
N SER C 250 23.90 5.12 24.51
CA SER C 250 22.84 5.92 25.12
C SER C 250 23.22 6.31 26.55
N GLY C 251 24.07 5.51 27.22
CA GLY C 251 24.29 5.62 28.64
C GLY C 251 23.08 5.19 29.49
N GLN C 252 22.04 4.57 28.90
CA GLN C 252 20.91 4.06 29.65
C GLN C 252 21.14 2.56 29.83
N THR C 253 20.75 1.99 30.98
CA THR C 253 20.88 0.55 31.18
C THR C 253 19.46 -0.01 31.35
N ALA C 254 19.30 -1.33 31.14
CA ALA C 254 18.00 -1.93 31.35
C ALA C 254 18.27 -3.25 32.07
N THR C 255 17.36 -3.74 32.92
CA THR C 255 17.56 -5.07 33.53
C THR C 255 17.14 -6.15 32.53
N ALA C 256 17.54 -7.39 32.81
CA ALA C 256 17.14 -8.52 31.97
C ALA C 256 15.61 -8.59 31.87
N GLU C 257 14.90 -8.33 32.99
CA GLU C 257 13.45 -8.45 33.00
C GLU C 257 12.83 -7.36 32.13
N GLN C 258 13.40 -6.16 32.13
CA GLN C 258 12.87 -5.09 31.28
C GLN C 258 13.13 -5.39 29.81
N VAL C 259 14.32 -5.84 29.48
CA VAL C 259 14.62 -6.26 28.09
C VAL C 259 13.62 -7.31 27.61
N ALA C 260 13.37 -8.31 28.49
CA ALA C 260 12.46 -9.41 28.09
C ALA C 260 11.06 -8.84 27.86
N GLU C 261 10.62 -7.97 28.75
CA GLU C 261 9.29 -7.43 28.63
C GLU C 261 9.14 -6.58 27.37
N TYR C 262 10.09 -5.66 27.11
CA TYR C 262 10.00 -4.86 25.90
C TYR C 262 10.09 -5.75 24.64
N THR C 263 10.95 -6.79 24.64
CA THR C 263 11.16 -7.59 23.45
C THR C 263 9.92 -8.44 23.18
N VAL C 264 9.42 -9.13 24.21
CA VAL C 264 8.36 -10.11 23.98
C VAL C 264 7.06 -9.35 23.70
N LYS C 265 6.82 -8.21 24.38
CA LYS C 265 5.61 -7.46 24.07
C LYS C 265 5.64 -7.01 22.60
N THR C 266 6.82 -6.66 22.07
CA THR C 266 6.95 -6.18 20.70
C THR C 266 6.65 -7.34 19.74
N LEU C 267 7.29 -8.49 19.97
CA LEU C 267 7.07 -9.66 19.10
C LEU C 267 5.59 -10.04 19.14
N ALA C 268 4.97 -9.98 20.33
CA ALA C 268 3.60 -10.44 20.48
C ALA C 268 2.67 -9.51 19.68
N ARG C 269 3.08 -8.26 19.44
CA ARG C 269 2.22 -7.35 18.68
C ARG C 269 2.24 -7.62 17.18
N VAL C 270 3.25 -8.33 16.68
CA VAL C 270 3.48 -8.33 15.23
C VAL C 270 3.57 -9.74 14.64
N LEU C 271 4.01 -10.74 15.43
CA LEU C 271 4.55 -11.97 14.82
C LEU C 271 3.52 -13.09 14.87
N PRO C 272 3.01 -13.59 13.72
CA PRO C 272 2.03 -14.68 13.73
C PRO C 272 2.50 -15.89 14.56
N PRO C 273 1.61 -16.47 15.40
CA PRO C 273 1.95 -17.66 16.16
C PRO C 273 2.26 -18.89 15.27
N ALA C 274 1.92 -18.86 13.97
CA ALA C 274 2.24 -20.00 13.13
C ALA C 274 3.76 -20.11 12.92
N LEU C 275 4.46 -18.98 13.02
CA LEU C 275 5.92 -19.02 12.87
C LEU C 275 6.54 -19.79 14.05
N PRO C 276 7.26 -20.90 13.81
CA PRO C 276 7.62 -21.82 14.92
C PRO C 276 8.65 -21.26 15.90
N GLY C 277 9.46 -20.25 15.50
CA GLY C 277 10.51 -19.91 16.46
C GLY C 277 11.23 -18.61 16.10
N VAL C 278 11.77 -17.99 17.15
CA VAL C 278 12.56 -16.78 17.06
C VAL C 278 13.95 -17.14 17.57
N THR C 279 14.99 -16.88 16.77
CA THR C 279 16.36 -17.19 17.16
C THR C 279 17.10 -15.88 17.27
N PHE C 280 17.17 -15.34 18.50
CA PHE C 280 17.68 -13.99 18.71
C PHE C 280 19.15 -13.90 18.29
N LEU C 281 19.52 -12.75 17.71
CA LEU C 281 20.90 -12.45 17.44
C LEU C 281 21.49 -11.78 18.68
N SER C 282 22.83 -11.89 18.86
CA SER C 282 23.39 -11.35 20.09
C SER C 282 23.94 -9.93 19.89
N GLY C 283 24.28 -9.60 18.63
N GLY C 283 24.32 -9.61 18.65
CA GLY C 283 24.68 -8.25 18.27
CA GLY C 283 24.85 -8.33 18.21
C GLY C 283 25.72 -7.71 19.23
C GLY C 283 25.07 -7.24 19.26
N GLY C 284 25.39 -6.61 19.90
N GLY C 284 26.27 -7.23 19.86
CA GLY C 284 26.36 -5.90 20.72
CA GLY C 284 26.63 -6.09 20.70
C GLY C 284 26.35 -6.36 22.18
N LEU C 285 25.69 -7.49 22.50
CA LEU C 285 25.56 -7.85 23.90
C LEU C 285 26.81 -8.62 24.30
N SER C 286 27.21 -8.54 25.58
CA SER C 286 28.24 -9.44 26.11
C SER C 286 27.74 -10.90 26.11
N GLU C 287 28.68 -11.84 26.25
CA GLU C 287 28.37 -13.26 26.39
C GLU C 287 27.31 -13.51 27.46
N VAL C 288 27.56 -12.99 28.66
CA VAL C 288 26.66 -13.25 29.78
C VAL C 288 25.33 -12.55 29.56
N MET C 289 25.31 -11.29 29.05
CA MET C 289 24.03 -10.65 28.89
C MET C 289 23.17 -11.39 27.84
N ALA C 290 23.83 -11.96 26.81
CA ALA C 290 23.04 -12.69 25.83
C ALA C 290 22.32 -13.89 26.49
N SER C 291 22.99 -14.55 27.44
CA SER C 291 22.37 -15.66 28.18
C SER C 291 21.31 -15.12 29.15
N GLU C 292 21.63 -14.03 29.91
CA GLU C 292 20.67 -13.57 30.90
C GLU C 292 19.39 -13.09 30.25
N TYR C 293 19.52 -12.41 29.06
CA TYR C 293 18.34 -11.81 28.45
C TYR C 293 17.45 -12.93 27.89
N LEU C 294 18.08 -13.91 27.23
CA LEU C 294 17.28 -15.01 26.67
C LEU C 294 16.57 -15.75 27.81
N ASN C 295 17.28 -15.93 28.94
CA ASN C 295 16.67 -16.63 30.06
C ASN C 295 15.41 -15.86 30.55
N ALA C 296 15.55 -14.53 30.67
CA ALA C 296 14.42 -13.73 31.13
C ALA C 296 13.23 -13.80 30.12
N MET C 297 13.50 -13.93 28.83
CA MET C 297 12.38 -14.06 27.92
C MET C 297 11.64 -15.37 28.13
N ASN C 298 12.38 -16.40 28.47
CA ASN C 298 11.83 -17.72 28.71
C ASN C 298 11.28 -17.81 30.14
N ASN C 299 11.19 -16.67 30.85
CA ASN C 299 10.45 -16.62 32.10
C ASN C 299 9.37 -15.56 32.01
N SER C 300 9.14 -14.95 30.84
CA SER C 300 8.18 -13.87 30.72
C SER C 300 6.75 -14.39 30.87
N PRO C 301 5.84 -13.71 31.59
CA PRO C 301 4.43 -14.13 31.57
C PRO C 301 3.65 -13.61 30.35
N LEU C 302 4.26 -12.86 29.42
CA LEU C 302 3.57 -12.35 28.23
C LEU C 302 3.36 -13.47 27.19
N PRO C 303 2.45 -13.28 26.21
CA PRO C 303 2.19 -14.33 25.20
C PRO C 303 3.46 -14.54 24.39
N ARG C 304 3.89 -15.79 24.27
CA ARG C 304 5.05 -16.12 23.49
C ARG C 304 4.86 -17.53 22.92
N PRO C 305 3.97 -17.70 21.92
CA PRO C 305 3.66 -19.04 21.44
C PRO C 305 4.83 -19.64 20.64
N TRP C 306 5.74 -18.82 20.07
CA TRP C 306 6.84 -19.35 19.27
C TRP C 306 7.95 -19.71 20.25
N LYS C 307 8.81 -20.66 19.88
CA LYS C 307 10.00 -20.91 20.70
C LYS C 307 10.91 -19.70 20.67
N LEU C 308 11.47 -19.37 21.83
CA LEU C 308 12.40 -18.25 21.92
C LEU C 308 13.79 -18.86 22.20
N THR C 309 14.71 -18.74 21.23
CA THR C 309 16.01 -19.39 21.42
C THR C 309 17.07 -18.44 20.87
N PHE C 310 18.28 -18.96 20.62
CA PHE C 310 19.40 -18.14 20.25
C PHE C 310 19.93 -18.57 18.89
N SER C 311 20.51 -17.57 18.17
CA SER C 311 21.36 -17.83 17.04
C SER C 311 22.56 -16.91 17.21
N TYR C 312 23.56 -17.41 17.96
CA TYR C 312 24.60 -16.53 18.51
C TYR C 312 25.91 -16.79 17.80
N ALA C 313 26.62 -15.69 17.51
CA ALA C 313 27.96 -15.76 16.95
C ALA C 313 28.98 -15.43 18.04
N ARG C 314 29.29 -14.14 18.23
CA ARG C 314 30.27 -13.74 19.22
C ARG C 314 29.85 -14.23 20.62
N ALA C 315 28.53 -14.27 20.90
CA ALA C 315 28.11 -14.63 22.25
C ALA C 315 28.40 -16.12 22.55
N LEU C 316 28.70 -16.92 21.51
CA LEU C 316 29.13 -18.30 21.71
C LEU C 316 30.65 -18.42 21.60
N GLN C 317 31.32 -17.49 20.91
CA GLN C 317 32.69 -17.75 20.47
C GLN C 317 33.75 -16.84 21.11
N SER C 318 33.40 -15.68 21.71
CA SER C 318 34.45 -14.74 22.11
C SER C 318 35.43 -15.37 23.08
N SER C 319 34.94 -15.91 24.20
CA SER C 319 35.85 -16.55 25.14
C SER C 319 36.66 -17.67 24.49
N ALA C 320 35.99 -18.43 23.63
CA ALA C 320 36.61 -19.61 23.03
C ALA C 320 37.80 -19.18 22.15
N ILE C 321 37.63 -18.13 21.34
CA ILE C 321 38.71 -17.67 20.46
C ILE C 321 39.88 -17.18 21.30
N LYS C 322 39.55 -16.41 22.36
CA LYS C 322 40.58 -15.87 23.22
C LYS C 322 41.39 -16.98 23.89
N ALA C 323 40.72 -18.03 24.38
CA ALA C 323 41.40 -19.13 25.08
C ALA C 323 42.18 -19.97 24.07
N TRP C 324 41.64 -20.13 22.86
CA TRP C 324 42.34 -20.88 21.82
C TRP C 324 43.65 -20.17 21.45
N GLY C 325 43.56 -18.86 21.19
CA GLY C 325 44.75 -18.10 20.87
C GLY C 325 45.29 -18.44 19.49
N GLY C 326 44.53 -19.21 18.68
CA GLY C 326 44.97 -19.61 17.34
C GLY C 326 46.01 -20.73 17.34
N LYS C 327 46.22 -21.39 18.48
CA LYS C 327 47.32 -22.34 18.64
C LYS C 327 46.76 -23.71 18.98
N SER C 328 47.45 -24.76 18.54
CA SER C 328 46.94 -26.10 18.82
C SER C 328 46.94 -26.39 20.34
N SER C 329 47.85 -25.76 21.08
CA SER C 329 47.89 -25.93 22.53
C SER C 329 46.71 -25.24 23.22
N GLY C 330 45.95 -24.37 22.55
CA GLY C 330 44.83 -23.72 23.22
C GLY C 330 43.50 -24.39 22.87
N VAL C 331 43.56 -25.50 22.11
CA VAL C 331 42.32 -26.11 21.62
C VAL C 331 41.45 -26.56 22.80
N ALA C 332 42.08 -27.17 23.80
CA ALA C 332 41.35 -27.69 24.93
C ALA C 332 40.60 -26.57 25.66
N ALA C 333 41.33 -25.50 26.03
CA ALA C 333 40.74 -24.38 26.74
C ALA C 333 39.67 -23.69 25.86
N GLY C 334 39.89 -23.58 24.53
CA GLY C 334 38.89 -22.95 23.68
C GLY C 334 37.58 -23.75 23.67
N ARG C 335 37.71 -25.08 23.61
CA ARG C 335 36.57 -25.98 23.58
C ARG C 335 35.81 -25.90 24.90
N ARG C 336 36.55 -25.84 26.01
CA ARG C 336 35.89 -25.76 27.30
C ARG C 336 35.04 -24.48 27.36
N ALA C 337 35.61 -23.36 26.85
CA ALA C 337 34.89 -22.10 26.92
C ALA C 337 33.66 -22.15 26.01
N PHE C 338 33.81 -22.72 24.83
CA PHE C 338 32.68 -22.77 23.93
C PHE C 338 31.59 -23.63 24.54
N MET C 339 31.96 -24.81 25.03
CA MET C 339 30.94 -25.72 25.57
C MET C 339 30.23 -25.12 26.77
N HIS C 340 30.98 -24.41 27.62
CA HIS C 340 30.34 -23.67 28.69
C HIS C 340 29.26 -22.68 28.21
N ARG C 341 29.57 -21.87 27.20
CA ARG C 341 28.60 -20.91 26.68
C ARG C 341 27.40 -21.62 26.05
N ALA C 342 27.66 -22.74 25.34
CA ALA C 342 26.57 -23.43 24.67
C ALA C 342 25.61 -23.97 25.76
N LYS C 343 26.18 -24.51 26.83
CA LYS C 343 25.39 -25.03 27.95
C LYS C 343 24.57 -23.90 28.60
N MET C 344 25.21 -22.75 28.84
CA MET C 344 24.48 -21.65 29.47
C MET C 344 23.27 -21.23 28.61
N ASN C 345 23.46 -21.17 27.27
CA ASN C 345 22.39 -20.72 26.37
C ASN C 345 21.32 -21.79 26.24
N SER C 346 21.72 -23.07 26.30
CA SER C 346 20.76 -24.16 26.37
C SER C 346 19.84 -24.01 27.57
N LEU C 347 20.45 -23.76 28.74
CA LEU C 347 19.68 -23.54 29.96
C LEU C 347 18.77 -22.31 29.82
N ALA C 348 19.30 -21.23 29.23
CA ALA C 348 18.54 -19.99 29.05
C ALA C 348 17.32 -20.24 28.17
N GLN C 349 17.45 -21.13 27.15
CA GLN C 349 16.29 -21.41 26.31
C GLN C 349 15.18 -22.00 27.18
N LEU C 350 15.60 -22.84 28.13
CA LEU C 350 14.68 -23.53 29.01
C LEU C 350 14.20 -22.62 30.15
N GLY C 351 14.75 -21.42 30.30
CA GLY C 351 14.37 -20.56 31.42
C GLY C 351 15.03 -21.00 32.74
N ARG C 352 16.08 -21.80 32.65
CA ARG C 352 16.68 -22.37 33.86
C ARG C 352 18.14 -21.89 34.01
N TYR C 353 18.55 -20.84 33.30
CA TYR C 353 19.91 -20.36 33.42
C TYR C 353 20.09 -19.68 34.78
N ASN C 354 21.29 -19.75 35.32
CA ASN C 354 21.61 -19.20 36.62
C ASN C 354 22.91 -18.41 36.48
N ARG C 355 22.81 -17.09 36.62
CA ARG C 355 23.97 -16.19 36.48
C ARG C 355 25.13 -16.60 37.41
N GLY C 356 24.82 -17.07 38.61
CA GLY C 356 25.84 -17.42 39.62
C GLY C 356 26.65 -18.61 39.12
N ASP C 357 25.97 -19.55 38.45
CA ASP C 357 26.68 -20.70 37.91
C ASP C 357 27.54 -20.26 36.73
N ASP C 358 27.09 -19.27 36.00
CA ASP C 358 27.82 -18.81 34.84
C ASP C 358 29.15 -18.24 35.28
N ASP C 359 29.09 -17.24 36.17
CA ASP C 359 30.20 -16.30 36.24
C ASP C 359 31.37 -16.98 37.00
N LYS C 360 31.27 -18.31 37.19
CA LYS C 360 32.21 -19.13 37.95
C LYS C 360 33.66 -19.08 37.46
N ASP C 361 33.91 -19.44 36.20
CA ASP C 361 35.23 -19.57 35.59
C ASP C 361 35.84 -18.19 35.33
N SER D 2 22.86 16.82 5.55
CA SER D 2 22.69 17.07 7.00
C SER D 2 21.91 18.37 7.19
N ARG D 3 20.77 18.49 6.49
CA ARG D 3 19.73 19.46 6.84
C ARG D 3 18.71 18.75 7.78
N ARG D 4 18.47 19.35 8.96
CA ARG D 4 17.74 18.71 10.06
C ARG D 4 16.55 19.59 10.44
N VAL D 5 15.58 19.03 11.15
CA VAL D 5 14.43 19.80 11.57
C VAL D 5 13.93 19.11 12.83
N GLU D 6 13.44 19.89 13.77
CA GLU D 6 12.84 19.27 14.93
C GLU D 6 11.35 19.02 14.71
N VAL D 7 10.89 17.78 14.88
CA VAL D 7 9.52 17.41 14.60
C VAL D 7 8.94 16.83 15.88
N LEU D 8 7.62 16.65 15.89
CA LEU D 8 6.96 15.89 16.94
C LEU D 8 7.22 14.40 16.69
N LEU D 9 7.46 13.62 17.77
CA LEU D 9 7.44 12.17 17.64
C LEU D 9 6.20 11.69 16.90
N THR D 10 5.03 12.24 17.23
CA THR D 10 3.78 11.74 16.64
C THR D 10 3.71 12.08 15.14
N GLN D 11 4.66 12.84 14.59
CA GLN D 11 4.72 13.01 13.14
C GLN D 11 5.56 11.95 12.44
N LEU D 12 6.19 11.05 13.22
CA LEU D 12 7.03 10.01 12.67
C LEU D 12 6.21 8.74 12.55
N PRO D 13 6.41 7.97 11.46
CA PRO D 13 5.66 6.72 11.26
C PRO D 13 5.69 5.70 12.39
N ALA D 14 6.85 5.58 13.07
CA ALA D 14 6.93 4.50 14.07
C ALA D 14 6.16 4.89 15.34
N TYR D 15 5.72 6.14 15.45
CA TYR D 15 5.12 6.60 16.69
C TYR D 15 3.62 6.81 16.54
N ASN D 16 2.96 5.95 15.75
CA ASN D 16 1.57 6.14 15.40
C ASN D 16 0.66 5.47 16.46
N ARG D 17 1.17 4.77 17.49
CA ARG D 17 0.26 4.04 18.37
C ARG D 17 -0.75 4.96 19.08
N LEU D 18 -2.03 4.58 19.17
CA LEU D 18 -2.98 5.39 19.91
C LEU D 18 -2.52 5.60 21.37
N LYS D 19 -2.67 6.82 21.89
CA LYS D 19 -2.44 7.11 23.29
C LYS D 19 -3.78 7.43 23.92
N THR D 20 -4.25 6.56 24.80
CA THR D 20 -5.60 6.70 25.31
C THR D 20 -5.47 6.54 26.82
N PRO D 21 -6.09 7.43 27.62
CA PRO D 21 -5.97 7.32 29.08
C PRO D 21 -6.76 6.07 29.55
N TYR D 22 -7.52 5.41 28.67
CA TYR D 22 -8.27 4.23 29.06
C TYR D 22 -7.47 2.93 28.91
N GLU D 23 -6.19 2.99 28.52
CA GLU D 23 -5.51 1.76 28.12
C GLU D 23 -5.62 0.65 29.18
N GLU D 24 -5.31 0.94 30.45
CA GLU D 24 -5.34 -0.08 31.49
C GLU D 24 -6.75 -0.66 31.66
N GLU D 25 -7.76 0.23 31.69
CA GLU D 25 -9.12 -0.27 31.77
C GLU D 25 -9.51 -1.14 30.56
N LEU D 26 -9.09 -0.76 29.35
CA LEU D 26 -9.41 -1.57 28.15
C LEU D 26 -8.82 -2.97 28.27
N ILE D 27 -7.56 -3.03 28.69
CA ILE D 27 -6.91 -4.32 28.87
C ILE D 27 -7.65 -5.17 29.90
N GLU D 28 -8.08 -4.55 31.02
CA GLU D 28 -8.79 -5.26 32.08
C GLU D 28 -10.16 -5.74 31.56
N THR D 29 -10.87 -4.89 30.81
CA THR D 29 -12.15 -5.32 30.27
C THR D 29 -11.97 -6.52 29.33
N ALA D 30 -10.94 -6.46 28.45
CA ALA D 30 -10.75 -7.54 27.50
C ALA D 30 -10.49 -8.86 28.25
N LYS D 31 -9.79 -8.79 29.37
CA LYS D 31 -9.50 -9.95 30.22
C LYS D 31 -10.80 -10.46 30.85
N LYS D 32 -11.62 -9.57 31.41
CA LYS D 32 -12.90 -10.03 31.96
C LYS D 32 -13.78 -10.70 30.89
N MET D 33 -13.82 -10.13 29.68
CA MET D 33 -14.67 -10.63 28.61
C MET D 33 -14.23 -12.01 28.16
N THR D 34 -12.95 -12.35 28.38
CA THR D 34 -12.44 -13.63 27.89
C THR D 34 -12.15 -14.57 29.07
N ALA D 35 -12.84 -14.39 30.19
CA ALA D 35 -12.73 -15.28 31.34
C ALA D 35 -12.99 -16.74 30.91
N PRO D 36 -12.23 -17.70 31.49
CA PRO D 36 -12.42 -19.12 31.17
C PRO D 36 -13.87 -19.56 31.33
N GLY D 37 -14.37 -20.33 30.36
CA GLY D 37 -15.70 -20.91 30.45
C GLY D 37 -16.79 -19.89 30.19
N LYS D 38 -16.43 -18.70 29.71
CA LYS D 38 -17.49 -17.72 29.42
C LYS D 38 -17.33 -17.16 27.99
N GLY D 39 -18.43 -16.60 27.48
CA GLY D 39 -18.39 -15.92 26.20
C GLY D 39 -19.44 -14.80 26.16
N LEU D 40 -19.67 -14.21 24.98
CA LEU D 40 -20.60 -13.09 24.90
C LEU D 40 -21.95 -13.54 24.35
N LEU D 41 -23.00 -12.90 24.86
CA LEU D 41 -24.29 -13.05 24.22
C LEU D 41 -24.42 -11.81 23.29
N ALA D 42 -24.63 -12.04 21.99
CA ALA D 42 -24.85 -10.93 21.06
C ALA D 42 -26.36 -10.66 21.02
N ALA D 43 -26.84 -9.60 21.70
CA ALA D 43 -28.28 -9.35 21.69
C ALA D 43 -28.55 -8.01 20.97
N ASP D 44 -27.73 -7.69 19.95
CA ASP D 44 -27.72 -6.36 19.37
C ASP D 44 -28.47 -6.25 18.05
N GLU D 45 -29.47 -7.13 17.79
CA GLU D 45 -30.26 -7.05 16.56
C GLU D 45 -30.96 -5.69 16.43
N SER D 46 -30.86 -5.08 15.23
CA SER D 46 -31.54 -3.83 14.92
C SER D 46 -33.04 -4.11 14.94
N THR D 47 -33.88 -3.06 14.87
CA THR D 47 -35.34 -3.26 14.81
C THR D 47 -35.75 -4.14 13.60
N GLY D 48 -35.08 -3.97 12.44
CA GLY D 48 -35.29 -4.80 11.26
C GLY D 48 -34.92 -6.28 11.47
N SER D 49 -33.77 -6.57 12.13
CA SER D 49 -33.46 -7.93 12.52
C SER D 49 -34.53 -8.51 13.46
N CYS D 50 -35.06 -7.70 14.40
CA CYS D 50 -36.10 -8.20 15.30
C CYS D 50 -37.32 -8.73 14.55
N SER D 51 -37.69 -8.10 13.42
CA SER D 51 -38.82 -8.59 12.61
C SER D 51 -38.57 -10.04 12.17
N LYS D 52 -37.33 -10.30 11.76
CA LYS D 52 -36.85 -11.61 11.36
C LYS D 52 -36.90 -12.57 12.55
N ARG D 53 -36.33 -12.18 13.69
CA ARG D 53 -36.41 -12.99 14.90
C ARG D 53 -37.84 -13.27 15.33
N PHE D 54 -38.79 -12.35 15.05
CA PHE D 54 -40.15 -12.48 15.56
C PHE D 54 -41.06 -13.16 14.52
N ALA D 55 -40.51 -13.43 13.34
CA ALA D 55 -41.32 -13.87 12.18
C ALA D 55 -42.03 -15.19 12.49
N GLY D 56 -41.30 -16.16 13.09
CA GLY D 56 -41.89 -17.46 13.44
C GLY D 56 -42.95 -17.36 14.54
N ILE D 57 -42.75 -16.50 15.52
CA ILE D 57 -43.60 -16.54 16.69
C ILE D 57 -44.75 -15.54 16.57
N GLY D 58 -44.75 -14.74 15.48
CA GLY D 58 -45.82 -13.79 15.17
C GLY D 58 -45.94 -12.73 16.25
N LEU D 59 -44.83 -12.28 16.86
CA LEU D 59 -44.89 -11.21 17.82
C LEU D 59 -44.71 -9.86 17.07
N SER D 60 -45.56 -8.87 17.34
CA SER D 60 -45.40 -7.58 16.66
C SER D 60 -44.12 -6.88 17.13
N ASN D 61 -43.50 -6.18 16.21
CA ASN D 61 -42.20 -5.61 16.42
C ASN D 61 -42.38 -4.24 17.08
N THR D 62 -42.58 -4.19 18.39
CA THR D 62 -42.67 -2.89 19.05
C THR D 62 -41.48 -2.74 20.00
N ALA D 63 -41.22 -1.50 20.47
CA ALA D 63 -40.19 -1.24 21.47
C ALA D 63 -40.45 -2.09 22.71
N GLU D 64 -41.71 -2.20 23.18
CA GLU D 64 -42.03 -3.00 24.36
C GLU D 64 -41.78 -4.51 24.13
N HIS D 65 -42.13 -5.01 22.94
CA HIS D 65 -41.87 -6.41 22.66
C HIS D 65 -40.38 -6.70 22.54
N ARG D 66 -39.63 -5.74 21.98
CA ARG D 66 -38.19 -5.89 21.91
C ARG D 66 -37.61 -5.92 23.32
N ARG D 67 -38.20 -5.13 24.23
CA ARG D 67 -37.71 -5.04 25.59
C ARG D 67 -37.93 -6.42 26.25
N GLN D 68 -39.10 -7.02 25.99
CA GLN D 68 -39.44 -8.31 26.59
C GLN D 68 -38.55 -9.41 26.04
N TYR D 69 -38.21 -9.34 24.74
CA TYR D 69 -37.30 -10.31 24.15
C TYR D 69 -35.91 -10.19 24.81
N ARG D 70 -35.39 -8.97 24.97
CA ARG D 70 -34.09 -8.86 25.67
C ARG D 70 -34.24 -9.32 27.13
N ALA D 71 -35.36 -8.96 27.81
CA ALA D 71 -35.59 -9.36 29.21
C ALA D 71 -35.63 -10.90 29.35
N LEU D 72 -36.17 -11.61 28.36
CA LEU D 72 -36.17 -13.06 28.39
C LEU D 72 -34.77 -13.56 28.74
N MET D 73 -33.75 -13.00 28.11
CA MET D 73 -32.38 -13.44 28.33
C MET D 73 -31.72 -12.69 29.50
N LEU D 74 -31.90 -11.36 29.58
CA LEU D 74 -31.11 -10.56 30.52
C LEU D 74 -31.64 -10.69 31.93
N GLU D 75 -32.94 -10.99 32.09
CA GLU D 75 -33.49 -11.17 33.45
C GLU D 75 -33.50 -12.65 33.86
N CYS D 76 -32.84 -13.49 33.05
CA CYS D 76 -32.75 -14.91 33.31
C CYS D 76 -31.74 -15.15 34.44
N ALA D 77 -32.17 -15.75 35.55
CA ALA D 77 -31.25 -16.04 36.68
C ALA D 77 -30.10 -16.94 36.24
N GLY D 78 -28.85 -16.68 36.67
CA GLY D 78 -27.81 -17.69 36.45
C GLY D 78 -27.00 -17.55 35.16
N PHE D 79 -27.40 -16.69 34.20
CA PHE D 79 -26.71 -16.73 32.91
C PHE D 79 -25.24 -16.24 33.04
N GLU D 80 -24.96 -15.50 34.12
CA GLU D 80 -23.62 -14.93 34.32
C GLU D 80 -22.60 -16.01 34.66
N GLN D 81 -23.05 -17.24 34.94
CA GLN D 81 -22.13 -18.36 35.03
C GLN D 81 -21.44 -18.61 33.70
N TYR D 82 -22.11 -18.25 32.58
CA TYR D 82 -21.60 -18.67 31.26
C TYR D 82 -21.33 -17.46 30.37
N ILE D 83 -21.85 -16.29 30.72
CA ILE D 83 -21.79 -15.11 29.84
C ILE D 83 -20.95 -14.04 30.53
N SER D 84 -19.88 -13.60 29.87
CA SER D 84 -19.00 -12.57 30.46
C SER D 84 -19.43 -11.17 30.04
N GLY D 85 -20.17 -11.04 28.92
CA GLY D 85 -20.50 -9.72 28.39
C GLY D 85 -21.72 -9.85 27.45
N VAL D 86 -22.51 -8.79 27.29
CA VAL D 86 -23.70 -8.79 26.43
C VAL D 86 -23.57 -7.60 25.49
N ILE D 87 -23.63 -7.89 24.18
CA ILE D 87 -23.68 -6.82 23.18
C ILE D 87 -25.14 -6.32 23.08
N LEU D 88 -25.40 -5.09 23.49
CA LEU D 88 -26.72 -4.53 23.43
C LEU D 88 -26.89 -3.73 22.14
N HIS D 89 -28.14 -3.59 21.73
CA HIS D 89 -28.53 -2.59 20.75
C HIS D 89 -28.74 -1.27 21.49
N ASP D 90 -28.49 -0.16 20.78
CA ASP D 90 -28.70 1.20 21.22
C ASP D 90 -30.01 1.35 22.01
N GLU D 91 -31.12 0.81 21.51
CA GLU D 91 -32.40 1.06 22.16
C GLU D 91 -32.40 0.43 23.57
N THR D 92 -31.81 -0.79 23.68
CA THR D 92 -31.88 -1.54 24.93
C THR D 92 -30.99 -0.91 26.00
N VAL D 93 -29.92 -0.21 25.61
CA VAL D 93 -29.07 0.49 26.57
C VAL D 93 -29.91 1.39 27.49
N TYR D 94 -31.00 1.96 26.96
CA TYR D 94 -31.76 2.97 27.70
C TYR D 94 -33.03 2.34 28.28
N GLN D 95 -33.28 1.04 27.99
CA GLN D 95 -34.53 0.49 28.50
C GLN D 95 -34.31 -0.05 29.92
N ARG D 96 -35.39 -0.33 30.64
CA ARG D 96 -35.31 -0.78 32.01
C ARG D 96 -35.80 -2.21 32.13
N ALA D 97 -35.11 -2.97 32.99
CA ALA D 97 -35.53 -4.29 33.40
C ALA D 97 -36.69 -4.16 34.39
N SER D 98 -37.33 -5.29 34.65
CA SER D 98 -38.39 -5.26 35.65
C SER D 98 -37.81 -5.04 37.05
N THR D 99 -36.49 -5.10 37.22
CA THR D 99 -35.86 -4.77 38.50
C THR D 99 -35.92 -3.26 38.73
N GLY D 100 -36.25 -2.45 37.71
CA GLY D 100 -36.17 -1.01 37.89
C GLY D 100 -34.87 -0.42 37.31
N GLU D 101 -33.83 -1.25 37.12
CA GLU D 101 -32.56 -0.75 36.58
C GLU D 101 -32.57 -0.66 35.04
N THR D 102 -31.67 0.18 34.50
CA THR D 102 -31.38 0.08 33.07
C THR D 102 -30.66 -1.25 32.84
N PHE D 103 -30.77 -1.77 31.61
CA PHE D 103 -30.09 -3.05 31.35
C PHE D 103 -28.58 -2.94 31.62
N PRO D 104 -27.83 -1.87 31.24
CA PRO D 104 -26.41 -1.78 31.61
C PRO D 104 -26.20 -1.86 33.13
N GLN D 105 -27.10 -1.26 33.93
CA GLN D 105 -26.92 -1.33 35.38
C GLN D 105 -27.15 -2.76 35.87
N LEU D 106 -28.19 -3.41 35.32
CA LEU D 106 -28.48 -4.78 35.71
C LEU D 106 -27.23 -5.64 35.42
N LEU D 107 -26.64 -5.47 34.22
CA LEU D 107 -25.45 -6.23 33.85
C LEU D 107 -24.28 -6.02 34.83
N ARG D 108 -23.96 -4.74 35.10
CA ARG D 108 -22.88 -4.40 36.04
C ARG D 108 -23.14 -5.05 37.40
N ARG D 109 -24.38 -4.95 37.94
CA ARG D 109 -24.61 -5.57 39.24
C ARG D 109 -24.29 -7.09 39.20
N ARG D 110 -24.53 -7.76 38.08
CA ARG D 110 -24.34 -9.20 37.98
C ARG D 110 -22.93 -9.58 37.53
N GLY D 111 -22.03 -8.60 37.45
CA GLY D 111 -20.65 -8.89 37.07
C GLY D 111 -20.50 -9.10 35.54
N VAL D 112 -21.50 -8.76 34.72
CA VAL D 112 -21.45 -8.98 33.26
C VAL D 112 -21.06 -7.64 32.61
N VAL D 113 -20.13 -7.68 31.65
CA VAL D 113 -19.73 -6.43 30.98
C VAL D 113 -20.81 -5.96 29.99
N PRO D 114 -21.35 -4.70 30.08
CA PRO D 114 -22.27 -4.20 29.05
C PRO D 114 -21.47 -3.73 27.83
N GLY D 115 -21.93 -4.12 26.65
CA GLY D 115 -21.33 -3.60 25.42
C GLY D 115 -22.42 -3.11 24.48
N ILE D 116 -22.00 -2.54 23.33
CA ILE D 116 -22.94 -1.81 22.49
C ILE D 116 -22.47 -2.02 21.04
N LYS D 117 -23.42 -2.33 20.16
CA LYS D 117 -23.10 -2.39 18.75
C LYS D 117 -23.12 -0.94 18.25
N THR D 118 -21.98 -0.48 17.68
CA THR D 118 -21.90 0.93 17.30
C THR D 118 -21.90 1.13 15.79
N ASP D 119 -21.94 0.09 14.95
CA ASP D 119 -21.99 0.34 13.52
C ASP D 119 -23.40 0.79 13.13
N CYS D 120 -23.59 1.40 11.95
CA CYS D 120 -24.91 1.85 11.50
C CYS D 120 -25.33 1.04 10.28
N GLY D 121 -24.88 -0.21 10.13
CA GLY D 121 -25.50 -1.12 9.17
C GLY D 121 -24.73 -1.21 7.83
N LEU D 122 -25.16 -2.16 7.00
CA LEU D 122 -24.46 -2.49 5.76
C LEU D 122 -25.00 -1.61 4.64
N GLU D 123 -24.15 -1.19 3.69
CA GLU D 123 -24.66 -0.48 2.53
C GLU D 123 -23.86 -0.99 1.31
N PRO D 124 -24.29 -0.71 0.06
CA PRO D 124 -23.55 -1.19 -1.12
C PRO D 124 -22.12 -0.64 -1.10
N LEU D 125 -21.16 -1.48 -1.44
CA LEU D 125 -19.77 -1.05 -1.49
C LEU D 125 -19.56 -0.05 -2.64
N VAL D 126 -20.32 -0.20 -3.72
CA VAL D 126 -20.22 0.64 -4.92
C VAL D 126 -18.95 0.28 -5.75
N GLU D 127 -17.77 0.33 -5.15
CA GLU D 127 -16.57 -0.22 -5.77
C GLU D 127 -16.67 -1.76 -5.78
N GLY D 128 -15.72 -2.44 -6.42
CA GLY D 128 -15.66 -3.87 -6.20
C GLY D 128 -16.80 -4.51 -7.01
N ALA D 129 -17.34 -5.64 -6.50
CA ALA D 129 -18.21 -6.46 -7.32
C ALA D 129 -19.63 -6.34 -6.76
N ASP D 130 -20.58 -6.59 -7.63
CA ASP D 130 -21.98 -6.57 -7.20
C ASP D 130 -22.25 -7.48 -6.00
N GLY D 131 -22.99 -6.98 -5.01
CA GLY D 131 -23.36 -7.74 -3.83
C GLY D 131 -22.39 -7.49 -2.66
N GLU D 132 -21.21 -6.88 -2.94
CA GLU D 132 -20.31 -6.60 -1.80
C GLU D 132 -20.83 -5.39 -1.04
N GLN D 133 -20.50 -5.31 0.25
CA GLN D 133 -21.09 -4.31 1.12
C GLN D 133 -20.04 -3.69 2.03
N MET D 134 -20.20 -2.37 2.25
CA MET D 134 -19.39 -1.72 3.31
C MET D 134 -20.31 -1.53 4.53
N THR D 135 -19.75 -1.01 5.61
CA THR D 135 -20.51 -0.69 6.83
C THR D 135 -20.37 0.81 7.13
N ALA D 136 -21.51 1.45 7.44
CA ALA D 136 -21.64 2.88 7.71
C ALA D 136 -21.48 3.10 9.22
N GLY D 137 -21.11 4.34 9.62
CA GLY D 137 -21.33 4.77 11.00
C GLY D 137 -20.16 5.54 11.62
N LEU D 138 -19.10 5.91 10.86
CA LEU D 138 -17.98 6.54 11.54
C LEU D 138 -18.30 8.04 11.79
N ASP D 139 -19.19 8.65 11.00
CA ASP D 139 -19.60 10.01 11.28
C ASP D 139 -20.30 10.11 12.65
N GLY D 140 -19.85 11.10 13.45
CA GLY D 140 -20.33 11.31 14.80
C GLY D 140 -19.95 10.20 15.80
N TYR D 141 -19.02 9.32 15.41
CA TYR D 141 -18.71 8.10 16.18
C TYR D 141 -18.26 8.47 17.60
N VAL D 142 -17.35 9.44 17.74
CA VAL D 142 -16.75 9.73 19.02
C VAL D 142 -17.84 10.20 20.01
N LYS D 143 -18.72 11.10 19.59
CA LYS D 143 -19.80 11.55 20.45
C LYS D 143 -20.67 10.35 20.89
N ARG D 144 -20.99 9.44 19.97
CA ARG D 144 -21.86 8.32 20.33
C ARG D 144 -21.12 7.45 21.35
N ALA D 145 -19.83 7.14 21.04
CA ALA D 145 -19.09 6.19 21.88
C ALA D 145 -18.91 6.75 23.28
N LYS D 146 -18.64 8.06 23.39
CA LYS D 146 -18.51 8.69 24.72
C LYS D 146 -19.81 8.58 25.50
N LYS D 147 -20.95 8.76 24.84
CA LYS D 147 -22.24 8.66 25.52
C LYS D 147 -22.49 7.23 26.01
N TYR D 148 -22.12 6.22 25.22
CA TYR D 148 -22.27 4.84 25.64
C TYR D 148 -21.37 4.55 26.85
N TYR D 149 -20.12 5.01 26.79
CA TYR D 149 -19.22 4.81 27.92
C TYR D 149 -19.82 5.44 29.19
N ALA D 150 -20.39 6.64 29.04
CA ALA D 150 -20.94 7.34 30.18
C ALA D 150 -22.10 6.61 30.83
N VAL D 151 -22.88 5.80 30.10
CA VAL D 151 -23.96 5.07 30.76
C VAL D 151 -23.50 3.66 31.14
N GLY D 152 -22.19 3.34 31.01
CA GLY D 152 -21.71 2.10 31.62
C GLY D 152 -21.27 1.04 30.59
N CYS D 153 -21.40 1.29 29.28
CA CYS D 153 -20.79 0.33 28.33
C CYS D 153 -19.27 0.39 28.38
N ARG D 154 -18.63 -0.76 28.20
CA ARG D 154 -17.17 -0.86 28.29
C ARG D 154 -16.58 -1.59 27.11
N PHE D 155 -17.44 -2.07 26.17
CA PHE D 155 -16.92 -2.61 24.92
C PHE D 155 -17.95 -2.34 23.82
N CYS D 156 -17.54 -2.47 22.54
CA CYS D 156 -18.48 -2.23 21.46
C CYS D 156 -18.23 -3.26 20.37
N LYS D 157 -19.09 -3.24 19.35
CA LYS D 157 -18.99 -4.24 18.30
C LYS D 157 -19.32 -3.55 16.98
N TRP D 158 -18.55 -3.87 15.91
CA TRP D 158 -18.81 -3.34 14.58
C TRP D 158 -18.60 -4.45 13.56
N ARG D 159 -19.62 -4.67 12.71
CA ARG D 159 -19.57 -5.81 11.80
C ARG D 159 -19.35 -5.33 10.37
N ASN D 160 -18.34 -5.86 9.71
CA ASN D 160 -18.21 -5.77 8.25
C ASN D 160 -18.37 -7.17 7.67
N VAL D 161 -18.83 -7.28 6.42
CA VAL D 161 -19.03 -8.60 5.86
C VAL D 161 -18.31 -8.68 4.51
N TYR D 162 -18.02 -9.93 4.13
CA TYR D 162 -17.28 -10.19 2.92
C TYR D 162 -17.96 -11.40 2.26
N LYS D 163 -18.40 -11.21 1.03
CA LYS D 163 -19.23 -12.23 0.43
C LYS D 163 -18.37 -12.94 -0.59
N ILE D 164 -18.11 -14.24 -0.35
CA ILE D 164 -17.39 -15.02 -1.35
C ILE D 164 -18.30 -15.25 -2.57
N GLN D 165 -17.83 -14.86 -3.77
CA GLN D 165 -18.56 -15.20 -4.99
C GLN D 165 -17.52 -15.69 -5.98
N ASN D 166 -17.78 -16.84 -6.62
CA ASN D 166 -16.88 -17.43 -7.60
C ASN D 166 -15.54 -17.67 -6.95
N GLY D 167 -15.51 -18.03 -5.68
CA GLY D 167 -14.24 -18.43 -5.10
C GLY D 167 -13.38 -17.25 -4.63
N THR D 168 -13.90 -16.01 -4.66
CA THR D 168 -13.02 -14.90 -4.36
C THR D 168 -13.84 -13.70 -3.86
N VAL D 169 -13.15 -12.60 -3.52
CA VAL D 169 -13.75 -11.33 -3.15
C VAL D 169 -12.89 -10.25 -3.84
N SER D 170 -13.42 -9.05 -4.04
CA SER D 170 -12.65 -8.05 -4.74
C SER D 170 -11.54 -7.52 -3.82
N GLU D 171 -10.44 -7.04 -4.42
CA GLU D 171 -9.46 -6.30 -3.62
C GLU D 171 -10.08 -5.06 -2.98
N ALA D 172 -11.02 -4.43 -3.70
CA ALA D 172 -11.71 -3.24 -3.19
C ALA D 172 -12.33 -3.51 -1.83
N VAL D 173 -13.05 -4.66 -1.68
CA VAL D 173 -13.72 -4.89 -0.41
C VAL D 173 -12.68 -5.24 0.67
N VAL D 174 -11.64 -5.98 0.29
CA VAL D 174 -10.61 -6.42 1.23
C VAL D 174 -9.98 -5.16 1.86
N ARG D 175 -9.59 -4.19 1.04
CA ARG D 175 -8.93 -3.00 1.52
C ARG D 175 -9.92 -2.08 2.25
N PHE D 176 -11.09 -1.84 1.67
CA PHE D 176 -11.96 -0.79 2.22
C PHE D 176 -12.54 -1.22 3.57
N ASN D 177 -12.98 -2.47 3.67
CA ASN D 177 -13.57 -2.94 4.92
C ASN D 177 -12.50 -3.06 6.02
N ALA D 178 -11.28 -3.48 5.67
CA ALA D 178 -10.19 -3.48 6.67
C ALA D 178 -9.92 -2.07 7.21
N GLU D 179 -9.88 -1.05 6.30
CA GLU D 179 -9.65 0.33 6.70
C GLU D 179 -10.76 0.78 7.64
N THR D 180 -12.02 0.46 7.29
CA THR D 180 -13.17 0.83 8.10
C THR D 180 -13.01 0.24 9.52
N LEU D 181 -12.76 -1.07 9.61
CA LEU D 181 -12.65 -1.75 10.89
C LEU D 181 -11.50 -1.13 11.69
N ALA D 182 -10.37 -0.82 11.01
CA ALA D 182 -9.23 -0.33 11.80
C ALA D 182 -9.51 1.06 12.41
N ARG D 183 -10.19 1.93 11.63
CA ARG D 183 -10.57 3.27 12.07
C ARG D 183 -11.58 3.18 13.22
N TYR D 184 -12.59 2.31 13.07
CA TYR D 184 -13.52 2.07 14.14
C TYR D 184 -12.79 1.65 15.41
N ALA D 185 -11.79 0.75 15.31
CA ALA D 185 -11.18 0.20 16.51
C ALA D 185 -10.46 1.30 17.30
N VAL D 186 -9.73 2.21 16.59
CA VAL D 186 -8.96 3.21 17.30
CA VAL D 186 -8.96 3.25 17.23
C VAL D 186 -9.88 4.28 17.90
N LEU D 187 -10.93 4.67 17.17
CA LEU D 187 -11.90 5.59 17.74
C LEU D 187 -12.58 5.03 18.99
N SER D 188 -12.94 3.74 18.93
CA SER D 188 -13.54 3.08 20.12
C SER D 188 -12.59 3.17 21.33
N GLN D 189 -11.32 2.80 21.11
CA GLN D 189 -10.37 2.78 22.24
C GLN D 189 -10.18 4.17 22.81
N LEU D 190 -10.16 5.20 21.92
CA LEU D 190 -10.04 6.57 22.39
C LEU D 190 -11.15 6.89 23.40
N CYS D 191 -12.34 6.32 23.20
CA CYS D 191 -13.47 6.69 24.01
C CYS D 191 -13.69 5.65 25.13
N GLY D 192 -12.76 4.72 25.33
CA GLY D 192 -12.84 3.80 26.47
C GLY D 192 -13.68 2.54 26.21
N LEU D 193 -13.95 2.21 24.94
CA LEU D 193 -14.66 0.97 24.65
C LEU D 193 -13.70 -0.03 23.99
N VAL D 194 -13.63 -1.26 24.53
CA VAL D 194 -12.88 -2.33 23.88
C VAL D 194 -13.60 -2.64 22.57
N PRO D 195 -12.94 -2.48 21.39
CA PRO D 195 -13.56 -2.81 20.12
C PRO D 195 -13.54 -4.30 19.85
N ILE D 196 -14.73 -4.85 19.57
CA ILE D 196 -14.77 -6.14 18.91
C ILE D 196 -14.77 -5.86 17.40
N VAL D 197 -13.70 -6.29 16.73
CA VAL D 197 -13.52 -6.10 15.29
C VAL D 197 -14.11 -7.36 14.64
N GLU D 198 -15.19 -7.18 13.86
CA GLU D 198 -15.84 -8.38 13.31
C GLU D 198 -15.73 -8.34 11.78
N PRO D 199 -14.75 -9.07 11.17
CA PRO D 199 -14.68 -9.19 9.70
C PRO D 199 -15.28 -10.53 9.34
N GLU D 200 -16.58 -10.52 9.04
CA GLU D 200 -17.25 -11.80 8.82
C GLU D 200 -17.16 -12.22 7.35
N VAL D 201 -16.40 -13.29 7.08
CA VAL D 201 -16.50 -13.92 5.75
C VAL D 201 -17.74 -14.80 5.76
N MET D 202 -18.73 -14.49 4.92
CA MET D 202 -20.05 -15.08 5.12
C MET D 202 -20.08 -16.53 4.63
N ILE D 203 -20.95 -17.33 5.25
CA ILE D 203 -21.14 -18.72 4.91
C ILE D 203 -21.88 -18.90 3.58
N ASP D 204 -22.61 -17.86 3.14
CA ASP D 204 -23.47 -18.01 1.97
C ASP D 204 -22.64 -18.41 0.73
N GLY D 205 -23.15 -19.35 -0.03
CA GLY D 205 -22.56 -19.67 -1.31
C GLY D 205 -22.18 -21.13 -1.41
N THR D 206 -21.61 -21.50 -2.58
CA THR D 206 -21.35 -22.89 -2.87
C THR D 206 -19.87 -23.20 -2.69
N HIS D 207 -19.06 -22.27 -2.14
CA HIS D 207 -17.64 -22.52 -1.99
C HIS D 207 -17.35 -23.60 -0.96
N ASP D 208 -16.17 -24.26 -1.12
CA ASP D 208 -15.77 -25.30 -0.16
C ASP D 208 -14.91 -24.69 0.97
N ILE D 209 -14.46 -25.55 1.88
CA ILE D 209 -13.78 -25.07 3.07
C ILE D 209 -12.39 -24.51 2.73
N GLU D 210 -11.73 -25.09 1.74
CA GLU D 210 -10.46 -24.59 1.24
C GLU D 210 -10.63 -23.14 0.77
N THR D 211 -11.70 -22.86 0.00
CA THR D 211 -11.93 -21.48 -0.45
C THR D 211 -12.16 -20.56 0.74
N CYS D 212 -13.00 -21.00 1.70
CA CYS D 212 -13.22 -20.17 2.87
C CYS D 212 -11.87 -19.88 3.58
N GLN D 213 -10.98 -20.88 3.69
CA GLN D 213 -9.69 -20.71 4.35
C GLN D 213 -8.89 -19.62 3.62
N ARG D 214 -8.77 -19.72 2.27
CA ARG D 214 -7.90 -18.81 1.55
C ARG D 214 -8.47 -17.38 1.64
N VAL D 215 -9.80 -17.22 1.47
CA VAL D 215 -10.40 -15.90 1.52
C VAL D 215 -10.30 -15.32 2.95
N SER D 216 -10.55 -16.16 3.97
CA SER D 216 -10.50 -15.69 5.36
C SER D 216 -9.08 -15.24 5.70
N GLN D 217 -8.09 -16.04 5.29
CA GLN D 217 -6.72 -15.67 5.62
C GLN D 217 -6.39 -14.31 4.99
N HIS D 218 -6.79 -14.13 3.74
CA HIS D 218 -6.46 -12.91 3.02
C HIS D 218 -7.19 -11.70 3.63
N VAL D 219 -8.48 -11.84 3.90
CA VAL D 219 -9.28 -10.77 4.50
C VAL D 219 -8.71 -10.35 5.88
N TRP D 220 -8.48 -11.35 6.74
CA TRP D 220 -8.05 -11.07 8.12
C TRP D 220 -6.59 -10.53 8.16
N ALA D 221 -5.71 -10.99 7.25
CA ALA D 221 -4.37 -10.41 7.21
C ALA D 221 -4.43 -8.90 6.89
N GLU D 222 -5.34 -8.50 5.98
CA GLU D 222 -5.44 -7.08 5.66
C GLU D 222 -6.08 -6.31 6.85
N VAL D 223 -7.03 -6.90 7.56
CA VAL D 223 -7.56 -6.24 8.77
C VAL D 223 -6.41 -6.00 9.76
N VAL D 224 -5.58 -7.01 10.00
CA VAL D 224 -4.44 -6.89 10.89
C VAL D 224 -3.50 -5.76 10.42
N SER D 225 -3.16 -5.74 9.13
CA SER D 225 -2.31 -4.71 8.56
CA SER D 225 -2.29 -4.71 8.58
C SER D 225 -2.89 -3.32 8.82
N ALA D 226 -4.20 -3.15 8.55
CA ALA D 226 -4.85 -1.86 8.77
C ALA D 226 -4.81 -1.47 10.26
N LEU D 227 -5.04 -2.42 11.16
CA LEU D 227 -4.96 -2.15 12.59
C LEU D 227 -3.54 -1.66 12.98
N HIS D 228 -2.47 -2.26 12.41
CA HIS D 228 -1.13 -1.70 12.67
C HIS D 228 -1.05 -0.25 12.16
N ARG D 229 -1.52 -0.03 10.92
CA ARG D 229 -1.39 1.31 10.33
C ARG D 229 -2.13 2.37 11.17
N HIS D 230 -3.32 2.06 11.70
CA HIS D 230 -4.09 3.03 12.47
C HIS D 230 -3.64 3.10 13.94
N GLY D 231 -2.77 2.21 14.41
CA GLY D 231 -2.17 2.35 15.73
C GLY D 231 -3.06 1.78 16.87
N VAL D 232 -3.77 0.67 16.65
CA VAL D 232 -4.59 0.05 17.68
C VAL D 232 -3.73 -0.39 18.88
N VAL D 233 -4.31 -0.31 20.09
CA VAL D 233 -3.73 -0.96 21.25
C VAL D 233 -4.14 -2.44 21.17
N TRP D 234 -3.19 -3.28 20.72
CA TRP D 234 -3.49 -4.70 20.47
C TRP D 234 -4.06 -5.39 21.69
N GLU D 235 -3.51 -5.06 22.85
CA GLU D 235 -3.82 -5.75 24.08
C GLU D 235 -5.23 -5.39 24.55
N GLY D 236 -5.87 -4.38 23.93
CA GLY D 236 -7.18 -3.97 24.36
C GLY D 236 -8.23 -4.07 23.25
N CYS D 237 -8.09 -5.10 22.38
CA CYS D 237 -8.88 -5.27 21.18
C CYS D 237 -9.30 -6.75 21.13
N LEU D 238 -10.47 -7.08 20.55
CA LEU D 238 -10.86 -8.47 20.33
C LEU D 238 -11.23 -8.68 18.86
N LEU D 239 -11.18 -9.91 18.39
CA LEU D 239 -11.58 -10.21 17.02
C LEU D 239 -12.80 -11.12 17.10
N LYS D 240 -13.80 -10.84 16.25
CA LYS D 240 -14.98 -11.68 16.12
C LYS D 240 -15.06 -12.18 14.66
N PRO D 241 -14.32 -13.25 14.30
CA PRO D 241 -14.30 -13.74 12.91
C PRO D 241 -15.33 -14.87 12.73
N ASN D 242 -15.59 -15.22 11.46
CA ASN D 242 -16.22 -16.49 11.11
C ASN D 242 -15.26 -17.63 11.44
N MET D 243 -15.84 -18.81 11.73
CA MET D 243 -15.07 -20.02 11.65
C MET D 243 -14.84 -20.32 10.17
N VAL D 244 -13.79 -21.11 9.86
CA VAL D 244 -13.59 -21.53 8.48
C VAL D 244 -14.37 -22.83 8.23
N VAL D 245 -15.45 -22.75 7.41
CA VAL D 245 -16.35 -23.89 7.20
C VAL D 245 -16.73 -23.92 5.72
N PRO D 246 -17.28 -25.04 5.21
CA PRO D 246 -17.80 -25.08 3.83
C PRO D 246 -18.94 -24.06 3.69
N GLY D 247 -19.15 -23.57 2.48
CA GLY D 247 -20.29 -22.71 2.21
C GLY D 247 -21.61 -23.45 2.40
N ALA D 248 -22.65 -22.66 2.73
CA ALA D 248 -23.92 -23.24 3.14
C ALA D 248 -24.58 -24.02 2.00
N GLU D 249 -24.30 -23.68 0.75
CA GLU D 249 -24.92 -24.36 -0.38
C GLU D 249 -23.88 -25.22 -1.08
N SER D 250 -22.74 -25.53 -0.41
CA SER D 250 -21.69 -26.25 -1.12
C SER D 250 -22.05 -27.73 -1.26
N GLY D 251 -22.88 -28.24 -0.34
CA GLY D 251 -23.11 -29.67 -0.24
C GLY D 251 -21.93 -30.43 0.38
N GLN D 252 -20.91 -29.74 0.90
CA GLN D 252 -19.74 -30.37 1.48
C GLN D 252 -19.98 -30.30 2.98
N THR D 253 -19.61 -31.35 3.73
CA THR D 253 -19.60 -31.22 5.19
C THR D 253 -18.16 -31.37 5.67
N ALA D 254 -17.91 -30.86 6.86
CA ALA D 254 -16.57 -30.98 7.41
C ALA D 254 -16.78 -31.49 8.84
N THR D 255 -15.86 -32.25 9.40
CA THR D 255 -15.97 -32.64 10.81
C THR D 255 -15.58 -31.45 11.71
N ALA D 256 -15.92 -31.58 12.99
CA ALA D 256 -15.56 -30.53 13.94
C ALA D 256 -14.03 -30.38 13.97
N GLU D 257 -13.31 -31.51 13.91
CA GLU D 257 -11.85 -31.47 13.97
C GLU D 257 -11.30 -30.75 12.73
N GLN D 258 -11.92 -30.94 11.55
CA GLN D 258 -11.45 -30.25 10.36
C GLN D 258 -11.71 -28.76 10.43
N VAL D 259 -12.91 -28.37 10.88
CA VAL D 259 -13.20 -26.95 11.07
C VAL D 259 -12.18 -26.31 12.02
N ALA D 260 -11.87 -27.01 13.13
CA ALA D 260 -10.93 -26.48 14.11
C ALA D 260 -9.55 -26.31 13.49
N GLU D 261 -9.13 -27.31 12.71
CA GLU D 261 -7.80 -27.26 12.12
C GLU D 261 -7.72 -26.12 11.11
N TYR D 262 -8.70 -26.04 10.20
CA TYR D 262 -8.69 -24.95 9.23
C TYR D 262 -8.79 -23.59 9.91
N THR D 263 -9.63 -23.45 10.96
CA THR D 263 -9.85 -22.14 11.57
C THR D 263 -8.59 -21.69 12.32
N VAL D 264 -8.08 -22.60 13.17
CA VAL D 264 -6.97 -22.24 14.01
C VAL D 264 -5.70 -21.98 13.19
N LYS D 265 -5.43 -22.83 12.18
CA LYS D 265 -4.26 -22.60 11.35
C LYS D 265 -4.34 -21.24 10.67
N THR D 266 -5.56 -20.81 10.28
CA THR D 266 -5.71 -19.52 9.62
C THR D 266 -5.41 -18.38 10.59
N LEU D 267 -6.05 -18.42 11.77
CA LEU D 267 -5.82 -17.39 12.79
C LEU D 267 -4.33 -17.35 13.16
N ALA D 268 -3.68 -18.52 13.28
CA ALA D 268 -2.27 -18.54 13.70
C ALA D 268 -1.37 -17.88 12.63
N ARG D 269 -1.82 -17.83 11.36
CA ARG D 269 -0.96 -17.25 10.33
C ARG D 269 -1.04 -15.73 10.33
N VAL D 270 -2.07 -15.15 10.99
CA VAL D 270 -2.31 -13.71 10.76
C VAL D 270 -2.39 -12.92 12.07
N LEU D 271 -2.81 -13.56 13.20
CA LEU D 271 -3.33 -12.76 14.30
C LEU D 271 -2.27 -12.61 15.41
N PRO D 272 -1.79 -11.39 15.71
CA PRO D 272 -0.78 -11.21 16.77
C PRO D 272 -1.22 -11.83 18.09
N PRO D 273 -0.30 -12.55 18.76
CA PRO D 273 -0.59 -13.12 20.09
C PRO D 273 -0.88 -12.06 21.16
N ALA D 274 -0.58 -10.77 20.91
CA ALA D 274 -0.92 -9.77 21.92
C ALA D 274 -2.43 -9.58 22.01
N LEU D 275 -3.15 -9.85 20.91
CA LEU D 275 -4.60 -9.72 20.94
C LEU D 275 -5.17 -10.75 21.91
N PRO D 276 -5.90 -10.33 22.98
CA PRO D 276 -6.24 -11.26 24.05
C PRO D 276 -7.24 -12.37 23.69
N GLY D 277 -8.09 -12.15 22.69
CA GLY D 277 -9.11 -13.20 22.52
C GLY D 277 -9.88 -13.05 21.20
N VAL D 278 -10.43 -14.20 20.77
CA VAL D 278 -11.25 -14.33 19.59
C VAL D 278 -12.63 -14.81 20.08
N THR D 279 -13.69 -14.09 19.68
CA THR D 279 -15.05 -14.44 20.06
C THR D 279 -15.78 -14.75 18.76
N PHE D 280 -15.83 -16.04 18.42
CA PHE D 280 -16.37 -16.45 17.13
C PHE D 280 -17.85 -16.10 17.01
N LEU D 281 -18.25 -15.64 15.81
CA LEU D 281 -19.66 -15.53 15.47
C LEU D 281 -20.18 -16.91 15.05
N SER D 282 -21.47 -17.14 15.16
CA SER D 282 -22.01 -18.45 14.80
C SER D 282 -22.60 -18.45 13.40
N GLY D 283 -22.98 -17.25 12.91
N GLY D 283 -22.95 -17.25 12.90
CA GLY D 283 -23.52 -16.98 11.59
CA GLY D 283 -23.28 -17.12 11.49
C GLY D 283 -23.78 -18.18 10.68
C GLY D 283 -24.39 -18.09 11.12
N GLY D 284 -24.98 -18.76 10.78
N GLY D 284 -24.18 -18.89 10.08
CA GLY D 284 -25.43 -19.76 9.83
CA GLY D 284 -25.26 -19.79 9.67
C GLY D 284 -25.12 -21.18 10.27
N LEU D 285 -24.33 -21.38 11.35
CA LEU D 285 -24.20 -22.73 11.88
C LEU D 285 -25.43 -23.06 12.75
N SER D 286 -25.82 -24.34 12.87
CA SER D 286 -26.83 -24.72 13.85
C SER D 286 -26.31 -24.51 15.28
N GLU D 287 -27.25 -24.45 16.25
CA GLU D 287 -26.91 -24.36 17.68
C GLU D 287 -25.86 -25.40 18.08
N VAL D 288 -26.09 -26.68 17.70
CA VAL D 288 -25.20 -27.75 18.09
C VAL D 288 -23.83 -27.62 17.42
N MET D 289 -23.81 -27.25 16.12
CA MET D 289 -22.53 -27.21 15.45
C MET D 289 -21.71 -26.08 16.06
N ALA D 290 -22.38 -24.98 16.42
CA ALA D 290 -21.58 -23.87 17.00
C ALA D 290 -20.86 -24.32 18.29
N SER D 291 -21.52 -25.18 19.09
CA SER D 291 -20.92 -25.72 20.30
C SER D 291 -19.83 -26.74 19.96
N GLU D 292 -20.12 -27.68 19.03
CA GLU D 292 -19.13 -28.69 18.68
C GLU D 292 -17.87 -28.07 18.06
N TYR D 293 -18.03 -27.03 17.23
CA TYR D 293 -16.87 -26.49 16.53
C TYR D 293 -16.01 -25.71 17.52
N LEU D 294 -16.66 -24.93 18.41
CA LEU D 294 -15.87 -24.21 19.40
C LEU D 294 -15.11 -25.19 20.30
N ASN D 295 -15.78 -26.31 20.62
CA ASN D 295 -15.16 -27.30 21.48
C ASN D 295 -13.91 -27.86 20.81
N ALA D 296 -14.02 -28.18 19.49
CA ALA D 296 -12.88 -28.75 18.80
C ALA D 296 -11.71 -27.72 18.72
N MET D 297 -12.02 -26.43 18.63
CA MET D 297 -10.91 -25.46 18.65
C MET D 297 -10.18 -25.44 19.98
N ASN D 298 -10.95 -25.68 21.05
CA ASN D 298 -10.38 -25.72 22.40
C ASN D 298 -9.77 -27.09 22.68
N ASN D 299 -9.68 -27.97 21.66
CA ASN D 299 -8.91 -29.21 21.80
C ASN D 299 -7.83 -29.27 20.72
N SER D 300 -7.62 -28.19 19.97
CA SER D 300 -6.65 -28.19 18.88
C SER D 300 -5.21 -28.23 19.40
N PRO D 301 -4.30 -29.04 18.82
CA PRO D 301 -2.88 -28.97 19.16
C PRO D 301 -2.15 -27.81 18.44
N LEU D 302 -2.80 -27.01 17.56
CA LEU D 302 -2.10 -25.93 16.85
C LEU D 302 -1.89 -24.71 17.80
N PRO D 303 -0.97 -23.78 17.47
CA PRO D 303 -0.72 -22.62 18.34
C PRO D 303 -2.00 -21.80 18.41
N ARG D 304 -2.40 -21.48 19.65
CA ARG D 304 -3.59 -20.66 19.83
C ARG D 304 -3.38 -19.85 21.11
N PRO D 305 -2.51 -18.81 21.08
CA PRO D 305 -2.19 -18.10 22.31
C PRO D 305 -3.37 -17.26 22.82
N TRP D 306 -4.29 -16.82 21.96
CA TRP D 306 -5.42 -16.00 22.36
C TRP D 306 -6.50 -16.94 22.91
N LYS D 307 -7.38 -16.41 23.78
CA LYS D 307 -8.54 -17.20 24.20
C LYS D 307 -9.47 -17.38 22.99
N LEU D 308 -10.04 -18.58 22.88
CA LEU D 308 -10.98 -18.87 21.80
C LEU D 308 -12.35 -19.09 22.45
N THR D 309 -13.31 -18.19 22.19
CA THR D 309 -14.61 -18.32 22.86
C THR D 309 -15.68 -17.93 21.85
N PHE D 310 -16.90 -17.63 22.34
CA PHE D 310 -18.04 -17.38 21.48
C PHE D 310 -18.55 -15.95 21.70
N SER D 311 -19.14 -15.40 20.63
CA SER D 311 -20.01 -14.25 20.72
C SER D 311 -21.22 -14.59 19.83
N TYR D 312 -22.20 -15.27 20.44
CA TYR D 312 -23.26 -15.94 19.69
C TYR D 312 -24.58 -15.18 19.82
N ALA D 313 -25.30 -15.13 18.70
CA ALA D 313 -26.65 -14.59 18.66
C ALA D 313 -27.62 -15.75 18.48
N ARG D 314 -27.91 -16.17 17.24
CA ARG D 314 -28.91 -17.22 17.04
C ARG D 314 -28.45 -18.52 17.70
N ALA D 315 -27.15 -18.78 17.80
CA ALA D 315 -26.73 -20.06 18.35
C ALA D 315 -27.01 -20.13 19.85
N LEU D 316 -27.33 -18.99 20.48
CA LEU D 316 -27.74 -18.98 21.88
C LEU D 316 -29.25 -18.80 21.99
N GLN D 317 -29.93 -18.23 20.97
CA GLN D 317 -31.29 -17.77 21.15
C GLN D 317 -32.34 -18.55 20.34
N SER D 318 -31.98 -19.28 19.27
CA SER D 318 -33.02 -19.86 18.41
C SER D 318 -34.02 -20.72 19.18
N SER D 319 -33.54 -21.74 19.90
CA SER D 319 -34.46 -22.58 20.65
C SER D 319 -35.23 -21.78 21.70
N ALA D 320 -34.53 -20.80 22.31
CA ALA D 320 -35.15 -20.04 23.39
C ALA D 320 -36.35 -19.24 22.86
N ILE D 321 -36.20 -18.58 21.69
CA ILE D 321 -37.26 -17.77 21.13
C ILE D 321 -38.42 -18.69 20.78
N LYS D 322 -38.12 -19.84 20.21
CA LYS D 322 -39.19 -20.77 19.81
C LYS D 322 -40.01 -21.20 21.04
N ALA D 323 -39.31 -21.57 22.13
CA ALA D 323 -39.99 -22.05 23.35
C ALA D 323 -40.75 -20.88 24.02
N TRP D 324 -40.18 -19.67 23.96
CA TRP D 324 -40.84 -18.50 24.54
C TRP D 324 -42.13 -18.21 23.79
N GLY D 325 -42.04 -18.15 22.45
CA GLY D 325 -43.25 -17.92 21.66
C GLY D 325 -43.74 -16.47 21.78
N GLY D 326 -42.96 -15.57 22.39
CA GLY D 326 -43.40 -14.19 22.61
C GLY D 326 -44.44 -14.00 23.72
N LYS D 327 -44.63 -15.02 24.57
CA LYS D 327 -45.71 -15.01 25.54
C LYS D 327 -45.13 -15.14 26.94
N SER D 328 -45.80 -14.52 27.93
CA SER D 328 -45.22 -14.61 29.27
C SER D 328 -45.27 -16.05 29.79
N SER D 329 -46.23 -16.84 29.34
CA SER D 329 -46.28 -18.23 29.74
C SER D 329 -45.15 -19.07 29.13
N GLY D 330 -44.38 -18.56 28.15
CA GLY D 330 -43.31 -19.35 27.60
C GLY D 330 -41.95 -18.93 28.18
N VAL D 331 -41.94 -17.97 29.11
CA VAL D 331 -40.70 -17.38 29.57
C VAL D 331 -39.79 -18.46 30.21
N ALA D 332 -40.40 -19.32 31.04
CA ALA D 332 -39.56 -20.29 31.74
C ALA D 332 -38.99 -21.31 30.75
N ALA D 333 -39.80 -21.85 29.82
CA ALA D 333 -39.28 -22.79 28.81
C ALA D 333 -38.21 -22.11 27.94
N GLY D 334 -38.42 -20.84 27.58
CA GLY D 334 -37.42 -20.14 26.78
C GLY D 334 -36.06 -20.03 27.52
N ARG D 335 -36.14 -19.71 28.82
CA ARG D 335 -34.95 -19.57 29.65
C ARG D 335 -34.25 -20.92 29.82
N ARG D 336 -35.01 -22.00 29.97
CA ARG D 336 -34.36 -23.31 30.11
C ARG D 336 -33.57 -23.63 28.83
N ALA D 337 -34.14 -23.30 27.65
CA ALA D 337 -33.41 -23.57 26.40
C ALA D 337 -32.17 -22.68 26.32
N PHE D 338 -32.34 -21.40 26.65
CA PHE D 338 -31.20 -20.49 26.56
C PHE D 338 -30.08 -20.94 27.51
N MET D 339 -30.44 -21.29 28.74
CA MET D 339 -29.45 -21.69 29.74
C MET D 339 -28.74 -22.97 29.30
N HIS D 340 -29.49 -23.90 28.71
CA HIS D 340 -28.82 -25.10 28.21
C HIS D 340 -27.77 -24.77 27.13
N ARG D 341 -28.13 -23.91 26.17
CA ARG D 341 -27.17 -23.52 25.15
C ARG D 341 -25.96 -22.77 25.74
N ALA D 342 -26.21 -21.92 26.73
CA ALA D 342 -25.12 -21.13 27.30
C ALA D 342 -24.15 -22.08 28.00
N LYS D 343 -24.71 -23.06 28.72
CA LYS D 343 -23.90 -24.06 29.42
C LYS D 343 -23.07 -24.85 28.41
N MET D 344 -23.71 -25.32 27.31
CA MET D 344 -22.96 -26.10 26.33
C MET D 344 -21.77 -25.28 25.78
N ASN D 345 -21.99 -23.98 25.52
CA ASN D 345 -20.94 -23.14 24.93
C ASN D 345 -19.85 -22.83 25.95
N SER D 346 -20.25 -22.67 27.23
CA SER D 346 -19.30 -22.53 28.31
C SER D 346 -18.37 -23.75 28.36
N LEU D 347 -18.95 -24.95 28.33
CA LEU D 347 -18.16 -26.18 28.30
C LEU D 347 -17.26 -26.23 27.05
N ALA D 348 -17.82 -25.84 25.89
CA ALA D 348 -17.05 -25.86 24.64
C ALA D 348 -15.82 -24.92 24.76
N GLN D 349 -15.96 -23.77 25.45
CA GLN D 349 -14.83 -22.86 25.57
C GLN D 349 -13.72 -23.58 26.32
N LEU D 350 -14.12 -24.41 27.29
CA LEU D 350 -13.19 -25.16 28.12
C LEU D 350 -12.69 -26.43 27.44
N GLY D 351 -13.22 -26.76 26.25
CA GLY D 351 -12.80 -27.99 25.59
C GLY D 351 -13.47 -29.22 26.22
N ARG D 352 -14.53 -29.02 27.00
CA ARG D 352 -15.10 -30.14 27.75
C ARG D 352 -16.55 -30.40 27.32
N TYR D 353 -16.98 -29.86 26.16
CA TYR D 353 -18.34 -30.08 25.73
C TYR D 353 -18.48 -31.54 25.29
N ASN D 354 -19.69 -32.08 25.50
CA ASN D 354 -19.97 -33.48 25.24
C ASN D 354 -21.25 -33.53 24.37
N ARG D 355 -21.10 -33.91 23.11
CA ARG D 355 -22.21 -33.94 22.16
C ARG D 355 -23.37 -34.78 22.70
N GLY D 356 -23.05 -35.90 23.39
CA GLY D 356 -24.06 -36.84 23.88
C GLY D 356 -24.91 -36.16 24.95
N ASP D 357 -24.28 -35.27 25.75
CA ASP D 357 -25.03 -34.54 26.75
C ASP D 357 -25.92 -33.51 26.09
N ASP D 358 -25.51 -33.02 24.93
CA ASP D 358 -26.24 -31.96 24.29
C ASP D 358 -27.58 -32.50 23.80
N ASP D 359 -27.54 -33.63 23.08
CA ASP D 359 -28.69 -34.48 22.90
C ASP D 359 -28.83 -35.51 24.04
N VAL E 2 13.53 8.39 -52.95
CA VAL E 2 14.33 9.64 -52.80
C VAL E 2 15.35 9.71 -53.96
N GLN E 3 15.47 10.91 -54.52
CA GLN E 3 16.51 11.25 -55.47
C GLN E 3 16.79 12.74 -55.29
N LEU E 4 18.07 13.10 -55.37
CA LEU E 4 18.51 14.47 -55.46
C LEU E 4 18.06 15.02 -56.81
N GLN E 5 18.14 16.35 -56.95
CA GLN E 5 17.76 16.97 -58.21
C GLN E 5 18.93 17.82 -58.69
N GLU E 6 19.51 17.44 -59.84
CA GLU E 6 20.59 18.22 -60.43
C GLU E 6 20.00 19.32 -61.33
N SER E 7 20.66 20.48 -61.43
CA SER E 7 20.30 21.38 -62.50
C SER E 7 21.56 22.19 -62.90
N GLY E 8 21.41 23.03 -63.93
CA GLY E 8 22.44 23.99 -64.28
C GLY E 8 23.17 23.57 -65.54
N GLY E 9 22.80 22.42 -66.11
CA GLY E 9 23.45 21.95 -67.33
C GLY E 9 23.13 22.86 -68.53
N GLY E 10 23.74 22.58 -69.68
CA GLY E 10 23.42 23.30 -70.89
C GLY E 10 24.50 23.10 -71.94
N LEU E 11 24.50 23.95 -72.98
CA LEU E 11 25.36 23.84 -74.12
C LEU E 11 26.22 25.12 -74.16
N VAL E 12 27.54 24.96 -74.16
CA VAL E 12 28.46 26.09 -74.08
C VAL E 12 29.63 25.78 -75.01
N GLN E 13 30.42 26.83 -75.32
CA GLN E 13 31.61 26.60 -76.15
C GLN E 13 32.81 26.32 -75.27
N PRO E 14 33.87 25.70 -75.85
CA PRO E 14 35.14 25.53 -75.12
C PRO E 14 35.58 26.84 -74.47
N GLY E 15 35.97 26.75 -73.20
CA GLY E 15 36.44 27.90 -72.46
C GLY E 15 35.32 28.50 -71.62
N GLY E 16 34.03 28.12 -71.89
CA GLY E 16 32.93 28.64 -71.11
C GLY E 16 32.76 27.93 -69.75
N SER E 17 31.74 28.36 -69.00
CA SER E 17 31.45 27.87 -67.65
C SER E 17 29.97 27.52 -67.54
N LEU E 18 29.72 26.65 -66.56
CA LEU E 18 28.40 26.27 -66.08
C LEU E 18 28.52 26.10 -64.56
N ARG E 19 27.40 26.30 -63.87
CA ARG E 19 27.31 26.07 -62.45
C ARG E 19 26.22 25.03 -62.22
N LEU E 20 26.61 23.82 -61.80
CA LEU E 20 25.67 22.77 -61.49
C LEU E 20 25.24 22.90 -60.04
N SER E 21 23.95 22.58 -59.81
CA SER E 21 23.40 22.65 -58.48
C SER E 21 22.76 21.30 -58.17
N CYS E 22 22.96 20.84 -56.92
CA CYS E 22 22.38 19.59 -56.45
C CYS E 22 21.52 19.94 -55.24
N ALA E 23 20.19 19.69 -55.35
CA ALA E 23 19.22 20.10 -54.33
C ALA E 23 18.54 18.84 -53.77
N ALA E 24 18.25 18.85 -52.47
CA ALA E 24 17.47 17.79 -51.85
C ALA E 24 16.20 18.41 -51.30
N SER E 25 15.10 17.68 -51.38
CA SER E 25 13.90 18.27 -50.86
C SER E 25 13.57 17.74 -49.46
N GLU E 26 14.09 16.57 -49.06
CA GLU E 26 13.70 16.17 -47.71
C GLU E 26 14.92 15.80 -46.85
N THR E 27 15.98 15.44 -47.49
CA THR E 27 17.12 15.04 -46.69
C THR E 27 17.96 16.25 -46.32
N ALA E 28 18.40 16.29 -45.06
CA ALA E 28 19.37 17.28 -44.60
C ALA E 28 20.76 16.88 -45.09
N LEU E 29 21.26 17.58 -46.11
CA LEU E 29 22.51 17.23 -46.78
C LEU E 29 23.69 17.40 -45.82
N THR E 30 23.53 18.25 -44.80
CA THR E 30 24.57 18.53 -43.82
C THR E 30 25.24 17.25 -43.29
N TYR E 31 24.48 16.13 -43.22
CA TYR E 31 25.02 14.94 -42.58
C TYR E 31 25.85 14.10 -43.54
N TYR E 32 26.02 14.52 -44.80
CA TYR E 32 26.57 13.60 -45.80
C TYR E 32 27.75 14.24 -46.54
N ALA E 33 28.75 13.43 -46.90
CA ALA E 33 29.63 13.76 -48.03
C ALA E 33 28.81 13.65 -49.31
N ILE E 34 29.09 14.56 -50.27
CA ILE E 34 28.30 14.64 -51.48
C ILE E 34 29.28 14.64 -52.66
N GLY E 35 28.91 13.94 -53.73
CA GLY E 35 29.77 13.79 -54.87
C GLY E 35 29.05 14.21 -56.17
N TRP E 36 29.88 14.71 -57.11
CA TRP E 36 29.43 14.94 -58.49
C TRP E 36 30.11 13.91 -59.36
N PHE E 37 29.37 13.33 -60.31
CA PHE E 37 29.84 12.25 -61.16
C PHE E 37 29.40 12.58 -62.59
N ARG E 38 29.96 11.91 -63.60
CA ARG E 38 29.53 12.25 -64.94
C ARG E 38 29.69 11.01 -65.79
N GLN E 39 28.82 10.93 -66.81
CA GLN E 39 28.83 9.76 -67.67
C GLN E 39 28.75 10.23 -69.11
N ALA E 40 29.87 10.05 -69.83
CA ALA E 40 30.06 10.49 -71.21
C ALA E 40 29.52 9.39 -72.11
N PRO E 41 29.16 9.69 -73.39
CA PRO E 41 28.59 8.68 -74.29
C PRO E 41 29.48 7.44 -74.39
N GLY E 42 28.88 6.26 -74.11
CA GLY E 42 29.54 4.99 -74.22
C GLY E 42 30.53 4.67 -73.10
N LYS E 43 30.72 5.56 -72.13
CA LYS E 43 31.71 5.32 -71.08
C LYS E 43 31.01 5.12 -69.74
N GLU E 44 31.73 4.58 -68.76
CA GLU E 44 31.18 4.37 -67.43
C GLU E 44 31.11 5.70 -66.66
N ARG E 45 30.20 5.75 -65.70
CA ARG E 45 30.05 6.88 -64.80
C ARG E 45 31.36 7.00 -64.00
N GLU E 46 31.82 8.23 -63.76
CA GLU E 46 33.09 8.39 -63.08
C GLU E 46 32.95 9.60 -62.15
N GLY E 47 33.66 9.54 -61.01
CA GLY E 47 33.65 10.63 -60.05
C GLY E 47 34.40 11.86 -60.61
N VAL E 48 33.85 13.04 -60.37
CA VAL E 48 34.47 14.27 -60.80
C VAL E 48 34.94 15.04 -59.56
N SER E 49 34.09 15.14 -58.54
CA SER E 49 34.42 15.96 -57.39
C SER E 49 33.64 15.48 -56.17
N CYS E 50 34.18 15.71 -54.96
CA CYS E 50 33.39 15.40 -53.77
C CYS E 50 33.72 16.41 -52.71
N ILE E 51 32.78 16.56 -51.75
CA ILE E 51 32.95 17.47 -50.63
C ILE E 51 32.48 16.73 -49.36
N SER E 52 33.27 16.82 -48.29
CA SER E 52 32.97 16.10 -47.06
C SER E 52 31.93 16.91 -46.28
N ALA E 53 31.33 16.30 -45.24
CA ALA E 53 30.62 17.08 -44.23
C ALA E 53 31.57 18.15 -43.68
N ILE E 54 31.02 19.26 -43.19
CA ILE E 54 31.83 20.40 -42.72
C ILE E 54 32.60 20.00 -41.46
N ASN E 55 33.91 20.28 -41.43
CA ASN E 55 34.72 20.20 -40.23
C ASN E 55 34.77 21.57 -39.53
N SER E 56 34.45 21.60 -38.23
CA SER E 56 34.60 22.80 -37.39
C SER E 56 35.94 23.47 -37.60
N GLY E 57 35.93 24.79 -37.81
CA GLY E 57 37.18 25.52 -37.86
C GLY E 57 37.87 25.43 -39.23
N SER E 58 38.00 24.21 -39.77
CA SER E 58 38.79 24.04 -41.00
C SER E 58 37.92 23.83 -42.24
N GLY E 59 36.59 23.68 -42.10
CA GLY E 59 35.73 23.67 -43.27
C GLY E 59 35.69 22.27 -43.92
N ALA E 60 34.87 22.13 -44.96
CA ALA E 60 34.75 20.84 -45.63
C ALA E 60 36.03 20.50 -46.36
N ARG E 61 36.38 19.22 -46.47
CA ARG E 61 37.46 18.81 -47.34
C ARG E 61 36.86 18.48 -48.71
N THR E 62 37.63 18.70 -49.77
CA THR E 62 37.11 18.46 -51.12
C THR E 62 38.14 17.62 -51.88
N ASP E 63 37.70 16.91 -52.92
CA ASP E 63 38.67 16.28 -53.79
C ASP E 63 38.13 16.36 -55.23
N TYR E 64 39.01 16.12 -56.21
CA TYR E 64 38.66 16.28 -57.62
C TYR E 64 39.41 15.21 -58.40
N ALA E 65 38.80 14.71 -59.47
CA ALA E 65 39.55 13.90 -60.44
C ALA E 65 40.66 14.76 -61.03
N ASP E 66 41.84 14.20 -61.30
CA ASP E 66 42.91 14.99 -61.89
C ASP E 66 42.45 15.65 -63.19
N SER E 67 41.49 15.08 -63.92
CA SER E 67 41.11 15.63 -65.20
C SER E 67 40.45 17.00 -65.01
N VAL E 68 40.00 17.34 -63.81
CA VAL E 68 39.20 18.56 -63.66
C VAL E 68 39.86 19.51 -62.67
N LYS E 69 40.92 19.07 -61.97
CA LYS E 69 41.56 19.89 -60.95
C LYS E 69 42.02 21.22 -61.56
N GLY E 70 41.72 22.31 -60.82
CA GLY E 70 42.14 23.64 -61.23
C GLY E 70 41.05 24.29 -62.08
N ARG E 71 40.06 23.55 -62.56
CA ARG E 71 39.05 24.11 -63.44
C ARG E 71 37.69 24.13 -62.72
N PHE E 72 37.40 23.10 -61.89
CA PHE E 72 36.11 22.99 -61.23
C PHE E 72 36.27 23.28 -59.73
N THR E 73 35.21 23.83 -59.10
CA THR E 73 35.24 24.08 -57.65
C THR E 73 33.92 23.52 -57.12
N ILE E 74 33.98 22.62 -56.16
CA ILE E 74 32.75 22.15 -55.53
C ILE E 74 32.55 22.98 -54.25
N SER E 75 31.32 23.32 -53.87
CA SER E 75 31.11 23.94 -52.56
C SER E 75 29.76 23.48 -52.01
N ARG E 76 29.47 23.78 -50.75
CA ARG E 76 28.17 23.35 -50.23
C ARG E 76 27.55 24.48 -49.43
N ASP E 77 26.21 24.51 -49.40
CA ASP E 77 25.53 25.45 -48.50
C ASP E 77 24.53 24.67 -47.66
N ASP E 78 24.88 24.45 -46.37
CA ASP E 78 24.08 23.56 -45.55
C ASP E 78 22.75 24.23 -45.18
N ALA E 79 22.71 25.56 -45.15
CA ALA E 79 21.51 26.29 -44.81
C ALA E 79 20.51 26.20 -45.97
N LYS E 80 20.99 26.23 -47.22
CA LYS E 80 20.08 26.14 -48.35
C LYS E 80 19.90 24.70 -48.78
N ASN E 81 20.73 23.79 -48.23
CA ASN E 81 20.61 22.37 -48.48
C ASN E 81 20.98 22.08 -49.94
N THR E 82 22.09 22.68 -50.40
CA THR E 82 22.58 22.54 -51.79
C THR E 82 24.05 22.20 -51.81
N VAL E 83 24.48 21.60 -52.91
CA VAL E 83 25.90 21.46 -53.22
C VAL E 83 26.08 21.96 -54.67
N THR E 84 27.15 22.73 -54.91
CA THR E 84 27.31 23.42 -56.19
C THR E 84 28.61 22.97 -56.83
N LEU E 85 28.60 22.82 -58.17
CA LEU E 85 29.85 22.56 -58.89
C LEU E 85 30.02 23.69 -59.92
N GLN E 86 30.99 24.60 -59.64
CA GLN E 86 31.35 25.67 -60.59
C GLN E 86 32.33 25.04 -61.58
N MET E 87 31.97 25.00 -62.87
CA MET E 87 32.85 24.38 -63.85
C MET E 87 33.39 25.48 -64.78
N ASN E 88 34.68 25.78 -64.70
CA ASN E 88 35.25 26.79 -65.61
C ASN E 88 36.14 26.10 -66.67
N SER E 89 36.52 26.87 -67.71
CA SER E 89 37.38 26.42 -68.78
C SER E 89 36.93 25.09 -69.35
N LEU E 90 35.64 24.94 -69.64
CA LEU E 90 35.10 23.67 -70.12
C LEU E 90 35.73 23.28 -71.46
N GLU E 91 35.90 21.98 -71.68
CA GLU E 91 36.49 21.47 -72.92
C GLU E 91 35.51 20.43 -73.49
N PRO E 92 35.60 20.11 -74.80
CA PRO E 92 34.69 19.12 -75.41
C PRO E 92 34.60 17.82 -74.62
N GLU E 93 35.73 17.38 -74.04
CA GLU E 93 35.84 16.12 -73.31
C GLU E 93 35.06 16.19 -72.01
N ASP E 94 34.59 17.37 -71.55
CA ASP E 94 33.73 17.44 -70.37
C ASP E 94 32.26 17.18 -70.74
N THR E 95 31.94 16.96 -72.03
CA THR E 95 30.56 16.65 -72.43
C THR E 95 30.14 15.32 -71.75
N ALA E 96 29.01 15.33 -71.04
CA ALA E 96 28.53 14.15 -70.30
C ALA E 96 27.22 14.54 -69.62
N ARG E 97 26.52 13.51 -69.14
CA ARG E 97 25.44 13.74 -68.18
C ARG E 97 26.06 13.74 -66.79
N TYR E 98 25.76 14.78 -66.00
CA TYR E 98 26.36 14.95 -64.66
C TYR E 98 25.30 14.64 -63.60
N TYR E 99 25.75 13.91 -62.56
CA TYR E 99 24.82 13.44 -61.52
C TYR E 99 25.40 13.80 -60.15
N CYS E 100 24.49 14.12 -59.19
CA CYS E 100 25.01 14.19 -57.85
C CYS E 100 24.45 13.03 -57.02
N ALA E 101 25.14 12.71 -55.91
CA ALA E 101 24.76 11.59 -55.08
C ALA E 101 25.29 11.82 -53.65
N LEU E 102 24.66 11.14 -52.67
CA LEU E 102 25.07 11.19 -51.26
C LEU E 102 25.94 9.96 -50.98
N ASP E 103 26.98 10.16 -50.17
CA ASP E 103 27.72 9.00 -49.72
C ASP E 103 26.94 8.46 -48.49
N THR E 104 26.61 7.18 -48.53
CA THR E 104 25.80 6.59 -47.47
C THR E 104 26.71 6.11 -46.32
N THR E 105 28.03 6.14 -46.50
CA THR E 105 28.99 5.76 -45.46
C THR E 105 29.31 7.02 -44.63
N ASP E 106 29.35 6.87 -43.29
CA ASP E 106 29.86 7.91 -42.41
C ASP E 106 31.37 8.08 -42.66
N ARG E 107 31.76 9.13 -43.38
CA ARG E 107 33.16 9.25 -43.82
C ARG E 107 33.92 10.12 -42.82
N TYR E 108 34.30 9.50 -41.71
CA TYR E 108 35.02 10.21 -40.69
C TYR E 108 36.33 9.47 -40.47
N ASP E 109 37.41 10.22 -40.41
CA ASP E 109 38.72 9.65 -40.19
C ASP E 109 39.18 10.07 -38.80
N SER E 110 39.05 9.17 -37.79
CA SER E 110 39.32 9.63 -36.45
C SER E 110 40.81 9.80 -36.22
N ALA E 111 41.67 9.08 -36.95
CA ALA E 111 43.09 9.28 -36.72
C ALA E 111 43.47 10.71 -37.07
N ASN E 112 42.85 11.28 -38.10
CA ASN E 112 43.13 12.68 -38.44
C ASN E 112 42.06 13.66 -37.93
N GLY E 113 41.03 13.18 -37.22
CA GLY E 113 40.05 14.07 -36.61
C GLY E 113 39.20 14.85 -37.60
N ARG E 114 38.81 14.24 -38.74
CA ARG E 114 38.08 15.07 -39.69
C ARG E 114 37.20 14.19 -40.60
N TYR E 115 36.14 14.83 -41.12
CA TYR E 115 35.32 14.23 -42.18
C TYR E 115 36.14 14.29 -43.46
N TYR E 116 35.97 13.31 -44.34
CA TYR E 116 36.62 13.34 -45.63
C TYR E 116 35.57 12.92 -46.67
N CYS E 117 35.97 12.80 -47.95
CA CYS E 117 35.08 12.36 -48.97
C CYS E 117 35.90 11.58 -49.99
N THR E 118 35.24 10.74 -50.80
CA THR E 118 35.92 10.00 -51.84
C THR E 118 35.16 10.27 -53.15
N ILE E 119 35.88 10.22 -54.29
CA ILE E 119 35.36 10.30 -55.65
CA ILE E 119 35.19 10.31 -55.58
C ILE E 119 34.90 8.91 -56.12
N SER E 120 35.24 7.88 -55.36
CA SER E 120 34.83 6.54 -55.78
C SER E 120 33.29 6.43 -55.59
N SER E 121 32.59 5.85 -56.56
CA SER E 121 31.13 5.82 -56.54
C SER E 121 30.55 4.66 -55.69
N ASP E 122 31.37 3.75 -55.11
CA ASP E 122 30.91 2.51 -54.49
C ASP E 122 29.77 2.72 -53.46
N THR E 123 29.90 3.70 -52.57
CA THR E 123 28.97 3.80 -51.44
C THR E 123 28.01 4.99 -51.66
N TYR E 124 27.94 5.52 -52.89
CA TYR E 124 27.04 6.64 -53.16
C TYR E 124 25.66 6.13 -53.59
N ALA E 125 24.61 6.93 -53.31
CA ALA E 125 23.26 6.51 -53.66
C ALA E 125 22.42 7.77 -53.83
N TYR E 126 21.14 7.57 -54.23
CA TYR E 126 20.15 8.62 -54.34
C TYR E 126 20.48 9.53 -55.54
N TRP E 127 21.14 8.95 -56.56
CA TRP E 127 21.48 9.58 -57.84
C TRP E 127 20.24 10.28 -58.38
N GLY E 128 20.35 11.55 -58.79
CA GLY E 128 19.21 12.13 -59.50
C GLY E 128 19.15 11.70 -60.98
N GLN E 129 18.23 12.29 -61.74
CA GLN E 129 18.10 12.10 -63.18
C GLN E 129 19.28 12.74 -63.94
N GLY E 130 20.10 13.57 -63.26
CA GLY E 130 21.28 14.12 -63.90
C GLY E 130 20.96 15.34 -64.75
N THR E 131 21.98 16.06 -65.19
CA THR E 131 21.80 17.25 -66.01
C THR E 131 22.85 17.18 -67.13
N GLN E 132 22.41 17.44 -68.36
CA GLN E 132 23.27 17.28 -69.54
C GLN E 132 24.20 18.51 -69.70
N VAL E 133 25.50 18.24 -69.91
CA VAL E 133 26.48 19.29 -70.19
C VAL E 133 27.12 18.99 -71.52
N THR E 134 26.99 19.92 -72.50
CA THR E 134 27.57 19.72 -73.82
C THR E 134 28.50 20.90 -74.10
N VAL E 135 29.76 20.59 -74.40
CA VAL E 135 30.73 21.61 -74.76
C VAL E 135 31.15 21.38 -76.21
N SER E 136 30.79 22.28 -77.13
CA SER E 136 31.39 22.21 -78.46
C SER E 136 31.33 23.54 -79.21
N SER E 137 32.13 23.61 -80.29
CA SER E 137 32.13 24.73 -81.23
C SER E 137 30.98 24.57 -82.25
N HIS E 138 30.50 25.72 -82.75
CA HIS E 138 29.46 25.76 -83.77
C HIS E 138 29.88 26.76 -84.86
N VAL F 2 -14.62 50.02 -16.64
CA VAL F 2 -15.36 50.21 -17.94
C VAL F 2 -16.18 51.49 -17.86
N GLN F 3 -16.34 52.14 -19.02
CA GLN F 3 -17.39 53.11 -19.24
C GLN F 3 -17.99 52.82 -20.62
N LEU F 4 -19.27 53.15 -20.71
CA LEU F 4 -19.91 53.26 -22.00
C LEU F 4 -19.57 54.63 -22.58
N GLN F 5 -19.88 54.82 -23.87
CA GLN F 5 -19.52 56.04 -24.56
C GLN F 5 -20.77 56.56 -25.29
N GLU F 6 -21.34 57.67 -24.81
CA GLU F 6 -22.52 58.25 -25.42
C GLU F 6 -22.12 59.21 -26.54
N SER F 7 -22.92 59.28 -27.62
CA SER F 7 -22.69 60.31 -28.61
C SER F 7 -24.01 60.66 -29.27
N GLY F 8 -24.00 61.68 -30.15
CA GLY F 8 -25.16 62.03 -30.94
C GLY F 8 -25.83 63.29 -30.40
N GLY F 9 -25.25 63.86 -29.31
CA GLY F 9 -25.82 65.07 -28.74
C GLY F 9 -25.65 66.27 -29.67
N GLY F 10 -26.33 67.38 -29.33
CA GLY F 10 -26.13 68.62 -30.07
C GLY F 10 -27.19 69.64 -29.66
N LEU F 11 -27.31 70.71 -30.47
CA LEU F 11 -28.32 71.74 -30.31
C LEU F 11 -29.40 71.57 -31.40
N VAL F 12 -30.67 71.59 -31.02
CA VAL F 12 -31.75 71.56 -32.00
C VAL F 12 -32.83 72.56 -31.54
N GLN F 13 -33.76 72.86 -32.46
CA GLN F 13 -34.86 73.77 -32.14
C GLN F 13 -36.06 72.97 -31.66
N PRO F 14 -36.98 73.58 -30.88
CA PRO F 14 -38.19 72.87 -30.44
C PRO F 14 -38.86 72.18 -31.63
N GLY F 15 -39.27 70.91 -31.46
CA GLY F 15 -39.89 70.19 -32.54
C GLY F 15 -38.86 69.34 -33.29
N GLY F 16 -37.56 69.59 -33.10
CA GLY F 16 -36.52 68.82 -33.80
C GLY F 16 -36.28 67.42 -33.19
N SER F 17 -35.36 66.65 -33.81
CA SER F 17 -35.03 65.28 -33.47
C SER F 17 -33.51 65.11 -33.33
N LEU F 18 -33.11 64.11 -32.52
CA LEU F 18 -31.73 63.66 -32.34
C LEU F 18 -31.73 62.15 -32.15
N ARG F 19 -30.64 61.49 -32.54
CA ARG F 19 -30.49 60.08 -32.28
C ARG F 19 -29.22 59.87 -31.45
N LEU F 20 -29.39 59.47 -30.17
CA LEU F 20 -28.24 59.20 -29.31
C LEU F 20 -27.81 57.76 -29.47
N SER F 21 -26.51 57.56 -29.35
CA SER F 21 -25.92 56.24 -29.47
C SER F 21 -25.06 55.98 -28.24
N CYS F 22 -25.11 54.73 -27.76
CA CYS F 22 -24.35 54.30 -26.59
C CYS F 22 -23.53 53.10 -27.05
N ALA F 23 -22.19 53.24 -27.05
CA ALA F 23 -21.28 52.18 -27.50
C ALA F 23 -20.51 51.60 -26.31
N ALA F 24 -20.33 50.27 -26.32
CA ALA F 24 -19.42 49.64 -25.39
C ALA F 24 -18.28 49.07 -26.22
N SER F 25 -17.06 49.36 -25.80
CA SER F 25 -15.96 48.88 -26.61
C SER F 25 -15.36 47.62 -25.98
N GLU F 26 -15.52 47.42 -24.67
CA GLU F 26 -14.89 46.25 -24.11
C GLU F 26 -15.86 45.47 -23.24
N THR F 27 -17.13 45.54 -23.58
CA THR F 27 -18.08 44.78 -22.79
C THR F 27 -19.19 44.25 -23.73
N ALA F 28 -19.61 43.00 -23.54
CA ALA F 28 -20.67 42.38 -24.33
C ALA F 28 -22.04 42.84 -23.79
N LEU F 29 -22.69 43.77 -24.49
CA LEU F 29 -23.92 44.37 -23.98
C LEU F 29 -25.05 43.33 -23.86
N THR F 30 -24.93 42.27 -24.65
CA THR F 30 -25.96 41.25 -24.77
C THR F 30 -26.45 40.75 -23.39
N TYR F 31 -25.58 40.75 -22.39
CA TYR F 31 -25.94 40.19 -21.08
C TYR F 31 -26.73 41.16 -20.22
N TYR F 32 -26.96 42.41 -20.67
CA TYR F 32 -27.44 43.41 -19.72
C TYR F 32 -28.73 44.09 -20.19
N ALA F 33 -29.58 44.50 -19.24
CA ALA F 33 -30.53 45.57 -19.54
C ALA F 33 -29.74 46.89 -19.58
N ILE F 34 -30.15 47.83 -20.45
CA ILE F 34 -29.43 49.06 -20.67
C ILE F 34 -30.42 50.20 -20.51
N GLY F 35 -29.97 51.29 -19.89
CA GLY F 35 -30.84 52.43 -19.67
C GLY F 35 -30.21 53.70 -20.23
N TRP F 36 -31.08 54.62 -20.65
CA TRP F 36 -30.72 56.02 -20.93
C TRP F 36 -31.27 56.89 -19.80
N PHE F 37 -30.47 57.88 -19.36
CA PHE F 37 -30.81 58.74 -18.23
C PHE F 37 -30.46 60.16 -18.64
N ARG F 38 -30.92 61.16 -17.90
CA ARG F 38 -30.55 62.50 -18.28
C ARG F 38 -30.49 63.32 -17.01
N GLN F 39 -29.68 64.38 -17.06
CA GLN F 39 -29.61 65.27 -15.92
C GLN F 39 -29.75 66.69 -16.45
N ALA F 40 -30.89 67.32 -16.14
CA ALA F 40 -31.18 68.67 -16.57
C ALA F 40 -30.54 69.61 -15.53
N PRO F 41 -30.27 70.89 -15.90
CA PRO F 41 -29.71 71.85 -14.93
C PRO F 41 -30.54 71.95 -13.67
N GLY F 42 -29.87 71.77 -12.51
CA GLY F 42 -30.52 71.97 -11.23
C GLY F 42 -31.23 70.70 -10.74
N LYS F 43 -31.27 69.66 -11.56
CA LYS F 43 -32.03 68.47 -11.15
C LYS F 43 -31.08 67.30 -10.95
N GLU F 44 -31.58 66.27 -10.28
CA GLU F 44 -30.87 65.00 -10.21
C GLU F 44 -31.02 64.25 -11.52
N ARG F 45 -30.11 63.31 -11.75
CA ARG F 45 -30.17 62.41 -12.90
C ARG F 45 -31.45 61.58 -12.79
N GLU F 46 -32.14 61.35 -13.92
CA GLU F 46 -33.41 60.67 -13.88
C GLU F 46 -33.46 59.74 -15.09
N GLY F 47 -34.21 58.62 -14.96
CA GLY F 47 -34.31 57.65 -16.03
C GLY F 47 -35.20 58.20 -17.16
N VAL F 48 -34.83 57.91 -18.39
CA VAL F 48 -35.62 58.30 -19.54
C VAL F 48 -36.18 57.04 -20.20
N SER F 49 -35.33 56.04 -20.42
CA SER F 49 -35.76 54.87 -21.18
C SER F 49 -34.91 53.67 -20.81
N CYS F 50 -35.45 52.45 -20.87
CA CYS F 50 -34.63 51.27 -20.68
C CYS F 50 -35.06 50.18 -21.65
N ILE F 51 -34.14 49.23 -21.90
CA ILE F 51 -34.43 48.12 -22.78
C ILE F 51 -33.83 46.86 -22.14
N SER F 52 -34.63 45.77 -22.09
CA SER F 52 -34.20 44.58 -21.38
C SER F 52 -33.23 43.79 -22.27
N ALA F 53 -32.59 42.76 -21.69
CA ALA F 53 -31.98 41.72 -22.51
C ALA F 53 -33.03 41.15 -23.48
N ILE F 54 -32.59 40.64 -24.65
CA ILE F 54 -33.49 40.14 -25.67
C ILE F 54 -34.18 38.86 -25.19
N ASN F 55 -35.52 38.80 -25.30
CA ASN F 55 -36.27 37.58 -25.10
C ASN F 55 -36.42 36.85 -26.44
N SER F 56 -35.99 35.57 -26.49
CA SER F 56 -36.26 34.68 -27.62
C SER F 56 -37.69 34.82 -28.12
N GLY F 57 -37.86 34.94 -29.43
CA GLY F 57 -39.20 34.92 -30.00
C GLY F 57 -39.90 36.28 -29.90
N SER F 58 -39.90 36.90 -28.70
CA SER F 58 -40.70 38.11 -28.52
C SER F 58 -39.83 39.39 -28.43
N GLY F 59 -38.51 39.29 -28.38
CA GLY F 59 -37.72 40.52 -28.44
C GLY F 59 -37.60 41.23 -27.08
N ALA F 60 -36.82 42.28 -27.06
CA ALA F 60 -36.57 43.03 -25.81
C ALA F 60 -37.83 43.76 -25.36
N ARG F 61 -38.05 43.85 -24.06
CA ARG F 61 -39.06 44.73 -23.52
C ARG F 61 -38.44 46.11 -23.24
N THR F 62 -39.24 47.18 -23.30
CA THR F 62 -38.68 48.51 -23.11
C THR F 62 -39.57 49.27 -22.14
N ASP F 63 -39.05 50.33 -21.53
CA ASP F 63 -39.92 51.20 -20.74
C ASP F 63 -39.44 52.66 -20.92
N TYR F 64 -40.27 53.62 -20.53
CA TYR F 64 -40.01 55.05 -20.76
C TYR F 64 -40.58 55.86 -19.60
N ALA F 65 -39.90 56.95 -19.23
CA ALA F 65 -40.47 57.90 -18.29
C ALA F 65 -41.72 58.49 -18.93
N ASP F 66 -42.73 58.78 -18.10
CA ASP F 66 -43.97 59.38 -18.59
C ASP F 66 -43.70 60.62 -19.43
N SER F 67 -42.69 61.42 -19.07
CA SER F 67 -42.49 62.68 -19.79
C SER F 67 -42.04 62.42 -21.23
N VAL F 68 -41.59 61.22 -21.60
CA VAL F 68 -41.02 61.08 -22.94
C VAL F 68 -41.79 60.04 -23.76
N LYS F 69 -42.79 59.38 -23.13
CA LYS F 69 -43.55 58.34 -23.82
C LYS F 69 -44.16 58.90 -25.10
N GLY F 70 -43.98 58.14 -26.20
CA GLY F 70 -44.57 58.50 -27.47
C GLY F 70 -43.64 59.37 -28.30
N ARG F 71 -42.60 59.97 -27.69
CA ARG F 71 -41.68 60.83 -28.42
C ARG F 71 -40.32 60.15 -28.65
N PHE F 72 -39.87 59.30 -27.69
CA PHE F 72 -38.56 58.66 -27.77
C PHE F 72 -38.70 57.17 -28.02
N THR F 73 -37.75 56.54 -28.73
CA THR F 73 -37.72 55.10 -28.95
C THR F 73 -36.33 54.59 -28.60
N ILE F 74 -36.25 53.61 -27.70
CA ILE F 74 -34.98 52.99 -27.42
C ILE F 74 -34.86 51.72 -28.26
N SER F 75 -33.66 51.37 -28.75
CA SER F 75 -33.52 50.06 -29.39
C SER F 75 -32.11 49.54 -29.16
N ARG F 76 -31.86 48.25 -29.44
CA ARG F 76 -30.51 47.77 -29.17
C ARG F 76 -30.04 46.93 -30.35
N ASP F 77 -28.72 46.92 -30.57
CA ASP F 77 -28.14 46.05 -31.59
C ASP F 77 -27.01 45.24 -30.96
N ASP F 78 -27.29 43.98 -30.62
CA ASP F 78 -26.31 43.18 -29.87
C ASP F 78 -25.14 42.81 -30.78
N ALA F 79 -25.35 42.74 -32.10
CA ALA F 79 -24.26 42.42 -33.03
C ALA F 79 -23.26 43.59 -33.11
N LYS F 80 -23.75 44.83 -33.11
CA LYS F 80 -22.85 45.97 -33.21
C LYS F 80 -22.51 46.49 -31.81
N ASN F 81 -23.16 45.93 -30.79
CA ASN F 81 -22.85 46.19 -29.40
C ASN F 81 -23.18 47.66 -29.06
N THR F 82 -24.38 48.11 -29.47
CA THR F 82 -24.83 49.48 -29.37
C THR F 82 -26.27 49.52 -28.81
N VAL F 83 -26.64 50.65 -28.17
CA VAL F 83 -28.01 50.93 -27.82
C VAL F 83 -28.32 52.35 -28.31
N THR F 84 -29.53 52.58 -28.84
CA THR F 84 -29.86 53.82 -29.55
C THR F 84 -31.07 54.47 -28.90
N LEU F 85 -31.07 55.81 -28.81
CA LEU F 85 -32.23 56.54 -28.34
C LEU F 85 -32.64 57.55 -29.41
N GLN F 86 -33.74 57.27 -30.11
CA GLN F 86 -34.32 58.19 -31.09
C GLN F 86 -35.21 59.17 -30.33
N MET F 87 -34.90 60.46 -30.41
CA MET F 87 -35.68 61.46 -29.69
C MET F 87 -36.41 62.34 -30.70
N ASN F 88 -37.75 62.26 -30.75
CA ASN F 88 -38.52 63.14 -31.62
C ASN F 88 -39.26 64.22 -30.80
N SER F 89 -39.74 65.26 -31.51
CA SER F 89 -40.57 66.32 -30.94
C SER F 89 -39.92 66.89 -29.69
N LEU F 90 -38.65 67.26 -29.79
CA LEU F 90 -37.93 67.75 -28.63
C LEU F 90 -38.49 69.08 -28.13
N GLU F 91 -38.47 69.30 -26.82
CA GLU F 91 -38.97 70.53 -26.22
C GLU F 91 -37.84 71.12 -25.36
N PRO F 92 -37.86 72.44 -25.02
CA PRO F 92 -36.83 73.02 -24.15
C PRO F 92 -36.55 72.20 -22.89
N GLU F 93 -37.61 71.65 -22.29
CA GLU F 93 -37.53 70.86 -21.06
C GLU F 93 -36.72 69.56 -21.27
N ASP F 94 -36.43 69.14 -22.53
CA ASP F 94 -35.59 67.98 -22.76
C ASP F 94 -34.10 68.32 -22.70
N THR F 95 -33.74 69.61 -22.51
CA THR F 95 -32.34 70.01 -22.45
C THR F 95 -31.71 69.32 -21.22
N ALA F 96 -30.58 68.60 -21.41
CA ALA F 96 -29.94 67.88 -20.34
C ALA F 96 -28.70 67.22 -20.89
N ARG F 97 -27.86 66.74 -19.97
CA ARG F 97 -26.79 65.81 -20.34
C ARG F 97 -27.38 64.39 -20.25
N TYR F 98 -27.24 63.62 -21.34
CA TYR F 98 -27.82 62.29 -21.44
C TYR F 98 -26.72 61.24 -21.24
N TYR F 99 -27.04 60.20 -20.45
CA TYR F 99 -26.05 59.18 -20.09
C TYR F 99 -26.65 57.81 -20.36
N CYS F 100 -25.82 56.87 -20.81
CA CYS F 100 -26.29 55.49 -20.78
C CYS F 100 -25.56 54.73 -19.66
N ALA F 101 -26.16 53.61 -19.23
CA ALA F 101 -25.60 52.82 -18.14
C ALA F 101 -26.15 51.39 -18.26
N LEU F 102 -25.41 50.43 -17.67
CA LEU F 102 -25.81 49.02 -17.67
C LEU F 102 -26.48 48.73 -16.32
N ASP F 103 -27.54 47.90 -16.36
CA ASP F 103 -28.10 47.48 -15.09
C ASP F 103 -27.22 46.33 -14.57
N THR F 104 -26.76 46.41 -13.33
CA THR F 104 -25.96 45.31 -12.79
C THR F 104 -26.81 44.14 -12.30
N THR F 105 -28.14 44.31 -12.30
CA THR F 105 -29.06 43.25 -11.88
C THR F 105 -29.44 42.43 -13.09
N ASP F 106 -29.41 41.10 -12.93
CA ASP F 106 -30.00 40.13 -13.84
C ASP F 106 -31.52 40.33 -13.78
N ARG F 107 -32.08 41.06 -14.74
CA ARG F 107 -33.49 41.45 -14.60
C ARG F 107 -34.32 40.39 -15.32
N TYR F 108 -34.55 39.28 -14.62
CA TYR F 108 -35.35 38.21 -15.20
C TYR F 108 -36.55 38.01 -14.28
N ASP F 109 -37.74 37.87 -14.89
CA ASP F 109 -38.94 37.66 -14.11
C ASP F 109 -39.43 36.25 -14.42
N SER F 110 -39.13 35.29 -13.54
CA SER F 110 -39.43 33.91 -13.95
C SER F 110 -40.93 33.63 -13.90
N ALA F 111 -41.68 34.35 -13.05
CA ALA F 111 -43.13 34.09 -13.05
C ALA F 111 -43.72 34.42 -14.41
N ASN F 112 -43.22 35.46 -15.09
CA ASN F 112 -43.74 35.77 -16.43
C ASN F 112 -42.86 35.20 -17.55
N GLY F 113 -41.74 34.54 -17.22
CA GLY F 113 -40.84 33.96 -18.21
C GLY F 113 -40.16 34.98 -19.11
N ARG F 114 -39.71 36.13 -18.58
CA ARG F 114 -39.12 37.10 -19.51
C ARG F 114 -38.14 38.04 -18.82
N TYR F 115 -37.17 38.55 -19.61
CA TYR F 115 -36.27 39.61 -19.17
C TYR F 115 -37.06 40.92 -19.18
N TYR F 116 -36.78 41.83 -18.26
CA TYR F 116 -37.48 43.11 -18.23
C TYR F 116 -36.42 44.18 -17.95
N CYS F 117 -36.84 45.45 -17.75
CA CYS F 117 -35.84 46.46 -17.40
C CYS F 117 -36.55 47.46 -16.50
N THR F 118 -35.81 48.30 -15.77
CA THR F 118 -36.39 49.38 -14.99
C THR F 118 -35.67 50.68 -15.37
N ILE F 119 -36.40 51.80 -15.26
CA ILE F 119 -35.93 53.17 -15.45
CA ILE F 119 -35.77 53.10 -15.48
C ILE F 119 -35.27 53.68 -14.17
N SER F 120 -35.46 52.97 -13.06
CA SER F 120 -34.88 53.45 -11.82
C SER F 120 -33.34 53.30 -11.90
N SER F 121 -32.57 54.31 -11.47
CA SER F 121 -31.11 54.26 -11.61
C SER F 121 -30.38 53.44 -10.53
N ASP F 122 -31.08 52.94 -9.48
CA ASP F 122 -30.45 52.38 -8.29
C ASP F 122 -29.41 51.27 -8.59
N THR F 123 -29.70 50.37 -9.53
CA THR F 123 -28.82 49.23 -9.73
C THR F 123 -27.95 49.43 -10.97
N TYR F 124 -27.87 50.63 -11.57
CA TYR F 124 -27.13 50.81 -12.81
C TYR F 124 -25.68 51.21 -12.51
N ALA F 125 -24.75 51.01 -13.46
CA ALA F 125 -23.36 51.40 -13.26
C ALA F 125 -22.75 51.63 -14.64
N TYR F 126 -21.48 52.03 -14.68
CA TYR F 126 -20.70 52.14 -15.92
C TYR F 126 -21.11 53.36 -16.74
N TRP F 127 -21.67 54.38 -16.05
CA TRP F 127 -22.14 55.65 -16.61
C TRP F 127 -21.04 56.20 -17.50
N GLY F 128 -21.38 56.59 -18.75
CA GLY F 128 -20.34 57.27 -19.51
C GLY F 128 -20.18 58.75 -19.12
N GLN F 129 -19.36 59.51 -19.87
CA GLN F 129 -19.22 60.95 -19.66
C GLN F 129 -20.47 61.71 -20.13
N GLY F 130 -21.38 61.03 -20.86
CA GLY F 130 -22.64 61.63 -21.26
C GLY F 130 -22.50 62.50 -22.51
N THR F 131 -23.65 62.93 -23.09
CA THR F 131 -23.65 63.73 -24.30
C THR F 131 -24.71 64.82 -24.09
N GLN F 132 -24.33 66.07 -24.38
CA GLN F 132 -25.17 67.24 -24.14
C GLN F 132 -26.26 67.38 -25.22
N VAL F 133 -27.51 67.58 -24.79
CA VAL F 133 -28.62 67.89 -25.68
C VAL F 133 -29.22 69.19 -25.24
N THR F 134 -29.24 70.18 -26.17
CA THR F 134 -29.81 71.49 -25.90
C THR F 134 -30.92 71.75 -26.91
N VAL F 135 -32.12 72.06 -26.39
CA VAL F 135 -33.25 72.42 -27.23
C VAL F 135 -33.61 73.87 -26.96
N SER F 136 -33.38 74.77 -27.95
CA SER F 136 -33.93 76.11 -27.83
C SER F 136 -33.96 76.84 -29.18
N SER F 137 -34.69 77.97 -29.22
CA SER F 137 -34.72 78.90 -30.36
C SER F 137 -33.48 79.82 -30.34
N HIS F 138 -33.01 80.19 -31.54
CA HIS F 138 -31.82 81.04 -31.70
C HIS F 138 -30.93 81.00 -30.44
N VAL G 2 32.38 -28.40 36.16
CA VAL G 2 31.94 -29.69 35.58
C VAL G 2 33.06 -30.73 35.76
N GLN G 3 32.65 -31.87 36.30
CA GLN G 3 33.52 -33.00 36.54
C GLN G 3 32.62 -34.23 36.56
N LEU G 4 33.07 -35.32 35.94
CA LEU G 4 32.52 -36.64 36.12
C LEU G 4 32.77 -37.08 37.56
N GLN G 5 32.06 -38.14 37.99
CA GLN G 5 32.25 -38.66 39.34
C GLN G 5 32.61 -40.16 39.21
N GLU G 6 33.83 -40.51 39.65
CA GLU G 6 34.25 -41.90 39.68
C GLU G 6 33.79 -42.57 40.98
N SER G 7 33.44 -43.85 40.93
CA SER G 7 33.30 -44.60 42.17
C SER G 7 33.66 -46.06 41.91
N GLY G 8 33.68 -46.87 42.98
CA GLY G 8 33.83 -48.31 42.85
C GLY G 8 35.21 -48.78 43.28
N GLY G 9 36.06 -47.83 43.67
CA GLY G 9 37.40 -48.14 44.17
C GLY G 9 37.36 -48.92 45.48
N GLY G 10 38.51 -49.44 45.92
CA GLY G 10 38.55 -50.16 47.18
C GLY G 10 39.86 -50.91 47.36
N LEU G 11 39.94 -51.76 48.41
CA LEU G 11 41.14 -52.52 48.71
C LEU G 11 40.83 -54.01 48.49
N VAL G 12 41.63 -54.70 47.69
CA VAL G 12 41.41 -56.12 47.41
C VAL G 12 42.76 -56.81 47.37
N GLN G 13 42.73 -58.16 47.41
CA GLN G 13 43.96 -58.94 47.30
C GLN G 13 44.21 -59.28 45.84
N PRO G 14 45.48 -59.61 45.49
CA PRO G 14 45.78 -60.06 44.13
C PRO G 14 44.77 -61.13 43.68
N GLY G 15 44.28 -61.02 42.44
CA GLY G 15 43.35 -62.00 41.91
C GLY G 15 41.91 -61.51 42.08
N GLY G 16 41.68 -60.49 42.90
CA GLY G 16 40.33 -59.98 43.13
C GLY G 16 39.81 -59.07 42.00
N SER G 17 38.55 -58.61 42.11
CA SER G 17 37.90 -57.72 41.15
C SER G 17 37.31 -56.51 41.85
N LEU G 18 37.19 -55.42 41.07
CA LEU G 18 36.45 -54.22 41.38
C LEU G 18 35.75 -53.77 40.09
N ARG G 19 34.67 -53.03 40.27
CA ARG G 19 33.96 -52.45 39.13
C ARG G 19 33.93 -50.92 39.35
N LEU G 20 34.68 -50.19 38.51
CA LEU G 20 34.64 -48.73 38.57
C LEU G 20 33.47 -48.24 37.72
N SER G 21 32.86 -47.15 38.22
CA SER G 21 31.75 -46.51 37.55
C SER G 21 32.08 -45.02 37.39
N CYS G 22 31.71 -44.50 36.22
CA CYS G 22 31.93 -43.11 35.87
C CYS G 22 30.55 -42.54 35.56
N ALA G 23 30.10 -41.56 36.35
CA ALA G 23 28.75 -41.01 36.20
C ALA G 23 28.87 -39.52 35.81
N ALA G 24 27.92 -39.05 35.01
CA ALA G 24 27.79 -37.61 34.74
C ALA G 24 26.43 -37.18 35.24
N SER G 25 26.35 -35.98 35.78
CA SER G 25 25.05 -35.53 36.25
C SER G 25 24.39 -34.63 35.23
N GLU G 26 25.12 -33.97 34.33
CA GLU G 26 24.40 -33.08 33.43
C GLU G 26 24.78 -33.34 31.98
N THR G 27 25.94 -33.95 31.78
CA THR G 27 26.32 -34.12 30.40
C THR G 27 25.75 -35.43 29.87
N ALA G 28 25.22 -35.41 28.63
CA ALA G 28 24.84 -36.64 27.93
C ALA G 28 26.10 -37.35 27.41
N LEU G 29 26.51 -38.45 28.10
CA LEU G 29 27.77 -39.12 27.81
C LEU G 29 27.72 -39.75 26.43
N THR G 30 26.52 -40.04 25.95
CA THR G 30 26.31 -40.69 24.66
C THR G 30 27.11 -39.98 23.55
N TYR G 31 27.37 -38.67 23.67
CA TYR G 31 28.00 -37.93 22.61
C TYR G 31 29.50 -38.07 22.60
N TYR G 32 30.08 -38.81 23.57
CA TYR G 32 31.53 -38.71 23.77
C TYR G 32 32.18 -40.10 23.80
N ALA G 33 33.42 -40.18 23.31
CA ALA G 33 34.32 -41.25 23.75
C ALA G 33 34.72 -40.95 25.21
N ILE G 34 34.87 -42.03 26.01
CA ILE G 34 35.13 -41.89 27.42
C ILE G 34 36.35 -42.78 27.72
N GLY G 35 37.25 -42.27 28.57
CA GLY G 35 38.48 -42.98 28.88
C GLY G 35 38.67 -43.10 30.40
N TRP G 36 39.28 -44.24 30.83
CA TRP G 36 39.74 -44.46 32.18
C TRP G 36 41.25 -44.31 32.20
N PHE G 37 41.78 -43.61 33.22
CA PHE G 37 43.21 -43.39 33.37
C PHE G 37 43.60 -43.71 34.81
N ARG G 38 44.89 -43.94 35.07
CA ARG G 38 45.23 -44.13 36.47
C ARG G 38 46.58 -43.50 36.75
N GLN G 39 46.76 -43.12 38.01
CA GLN G 39 47.98 -42.47 38.40
C GLN G 39 48.48 -43.10 39.69
N ALA G 40 49.63 -43.80 39.59
CA ALA G 40 50.23 -44.46 40.74
C ALA G 40 51.11 -43.42 41.44
N PRO G 41 51.34 -43.55 42.78
CA PRO G 41 52.20 -42.60 43.50
C PRO G 41 53.57 -42.42 42.83
N GLY G 42 53.92 -41.16 42.57
CA GLY G 42 55.23 -40.81 42.05
C GLY G 42 55.35 -41.01 40.54
N LYS G 43 54.33 -41.56 39.87
CA LYS G 43 54.43 -41.84 38.45
C LYS G 43 53.49 -40.96 37.65
N GLU G 44 53.64 -40.98 36.31
CA GLU G 44 52.78 -40.18 35.45
C GLU G 44 51.46 -40.90 35.25
N ARG G 45 50.40 -40.12 35.00
CA ARG G 45 49.09 -40.65 34.70
C ARG G 45 49.20 -41.42 33.39
N GLU G 46 48.47 -42.54 33.28
CA GLU G 46 48.55 -43.34 32.07
C GLU G 46 47.15 -43.80 31.70
N GLY G 47 46.93 -44.02 30.40
CA GLY G 47 45.61 -44.45 29.96
C GLY G 47 45.46 -45.94 30.26
N VAL G 48 44.24 -46.35 30.65
CA VAL G 48 43.99 -47.75 30.95
C VAL G 48 43.06 -48.33 29.90
N SER G 49 41.98 -47.59 29.56
CA SER G 49 40.98 -48.15 28.67
C SER G 49 40.14 -47.02 28.11
N CYS G 50 39.56 -47.22 26.92
CA CYS G 50 38.67 -46.20 26.37
C CYS G 50 37.57 -46.91 25.61
N ILE G 51 36.44 -46.21 25.44
CA ILE G 51 35.32 -46.73 24.68
C ILE G 51 34.78 -45.58 23.82
N SER G 52 34.48 -45.89 22.55
CA SER G 52 34.05 -44.88 21.59
C SER G 52 32.57 -44.66 21.81
N ALA G 53 32.02 -43.59 21.22
CA ALA G 53 30.57 -43.49 21.05
C ALA G 53 30.06 -44.76 20.35
N ILE G 54 28.79 -45.10 20.57
CA ILE G 54 28.23 -46.34 20.04
C ILE G 54 28.10 -46.27 18.52
N ASN G 55 28.57 -47.31 17.81
CA ASN G 55 28.32 -47.48 16.39
C ASN G 55 27.07 -48.33 16.19
N SER G 56 26.06 -47.82 15.49
CA SER G 56 24.84 -48.59 15.29
C SER G 56 25.17 -49.93 14.58
N GLY G 57 24.50 -50.98 15.06
CA GLY G 57 24.71 -52.29 14.46
C GLY G 57 25.93 -52.98 15.06
N SER G 58 27.09 -52.30 15.08
CA SER G 58 28.32 -52.97 15.48
C SER G 58 28.80 -52.62 16.89
N GLY G 59 28.18 -51.64 17.57
CA GLY G 59 28.51 -51.39 18.97
C GLY G 59 29.76 -50.52 19.12
N ALA G 60 30.05 -50.09 20.35
CA ALA G 60 31.17 -49.20 20.59
C ALA G 60 32.48 -49.93 20.34
N ARG G 61 33.53 -49.24 19.90
CA ARG G 61 34.85 -49.81 19.84
C ARG G 61 35.59 -49.47 21.13
N THR G 62 36.53 -50.33 21.54
CA THR G 62 37.21 -50.12 22.83
C THR G 62 38.71 -50.31 22.63
N ASP G 63 39.53 -49.77 23.53
CA ASP G 63 40.93 -50.09 23.51
C ASP G 63 41.42 -50.19 24.96
N TYR G 64 42.61 -50.76 25.16
CA TYR G 64 43.15 -51.06 26.49
C TYR G 64 44.66 -50.91 26.42
N ALA G 65 45.29 -50.42 27.49
CA ALA G 65 46.74 -50.57 27.67
C ALA G 65 47.10 -52.06 27.59
N ASP G 66 48.27 -52.35 27.00
CA ASP G 66 48.73 -53.74 26.91
C ASP G 66 48.73 -54.40 28.29
N SER G 67 49.03 -53.63 29.35
CA SER G 67 49.23 -54.25 30.64
C SER G 67 47.90 -54.77 31.18
N VAL G 68 46.75 -54.36 30.62
CA VAL G 68 45.49 -54.72 31.26
C VAL G 68 44.62 -55.55 30.33
N LYS G 69 45.10 -55.76 29.09
CA LYS G 69 44.34 -56.54 28.11
C LYS G 69 44.04 -57.93 28.66
N GLY G 70 42.79 -58.35 28.49
CA GLY G 70 42.32 -59.66 28.91
C GLY G 70 41.82 -59.65 30.36
N ARG G 71 42.11 -58.61 31.14
CA ARG G 71 41.73 -58.59 32.54
C ARG G 71 40.64 -57.55 32.82
N PHE G 72 40.65 -56.42 32.11
CA PHE G 72 39.68 -55.35 32.32
C PHE G 72 38.72 -55.29 31.14
N THR G 73 37.45 -54.91 31.40
CA THR G 73 36.46 -54.74 30.33
C THR G 73 35.83 -53.37 30.57
N ILE G 74 35.89 -52.51 29.55
CA ILE G 74 35.14 -51.26 29.64
C ILE G 74 33.78 -51.45 28.98
N SER G 75 32.71 -50.85 29.49
CA SER G 75 31.44 -50.88 28.77
C SER G 75 30.69 -49.56 29.02
N ARG G 76 29.59 -49.30 28.29
CA ARG G 76 28.91 -48.04 28.56
C ARG G 76 27.41 -48.29 28.60
N ASP G 77 26.69 -47.46 29.37
CA ASP G 77 25.24 -47.55 29.35
C ASP G 77 24.67 -46.15 29.09
N ASP G 78 24.24 -45.89 27.85
CA ASP G 78 23.89 -44.55 27.45
C ASP G 78 22.57 -44.12 28.10
N ALA G 79 21.69 -45.09 28.43
CA ALA G 79 20.43 -44.79 29.08
C ALA G 79 20.66 -44.34 30.52
N LYS G 80 21.61 -44.97 31.21
CA LYS G 80 21.87 -44.60 32.60
C LYS G 80 22.94 -43.50 32.65
N ASN G 81 23.58 -43.21 31.49
CA ASN G 81 24.56 -42.14 31.40
C ASN G 81 25.79 -42.50 32.25
N THR G 82 26.27 -43.75 32.09
CA THR G 82 27.36 -44.28 32.86
C THR G 82 28.39 -44.97 31.94
N VAL G 83 29.64 -45.06 32.40
CA VAL G 83 30.64 -45.91 31.79
C VAL G 83 31.25 -46.77 32.91
N THR G 84 31.49 -48.06 32.64
CA THR G 84 31.91 -49.00 33.68
C THR G 84 33.27 -49.59 33.29
N LEU G 85 34.14 -49.81 34.28
CA LEU G 85 35.36 -50.58 34.04
C LEU G 85 35.37 -51.75 35.02
N GLN G 86 35.11 -52.94 34.51
CA GLN G 86 35.18 -54.21 35.26
C GLN G 86 36.65 -54.64 35.30
N MET G 87 37.23 -54.73 36.48
CA MET G 87 38.65 -55.03 36.58
C MET G 87 38.79 -56.39 37.26
N ASN G 88 39.20 -57.41 36.50
CA ASN G 88 39.40 -58.74 37.10
C ASN G 88 40.89 -59.04 37.24
N SER G 89 41.22 -60.11 38.00
CA SER G 89 42.59 -60.56 38.18
C SER G 89 43.51 -59.39 38.52
N LEU G 90 43.12 -58.60 39.50
CA LEU G 90 43.94 -57.43 39.88
C LEU G 90 45.31 -57.87 40.41
N GLU G 91 46.33 -57.07 40.14
CA GLU G 91 47.68 -57.32 40.59
C GLU G 91 48.16 -56.10 41.38
N PRO G 92 49.17 -56.24 42.28
CA PRO G 92 49.69 -55.09 43.03
C PRO G 92 49.99 -53.87 42.15
N GLU G 93 50.52 -54.11 40.96
CA GLU G 93 50.89 -53.03 40.05
C GLU G 93 49.67 -52.33 39.46
N ASP G 94 48.42 -52.78 39.72
CA ASP G 94 47.23 -52.01 39.36
C ASP G 94 46.91 -50.95 40.40
N THR G 95 47.63 -50.91 41.53
CA THR G 95 47.37 -49.93 42.60
C THR G 95 47.56 -48.49 42.04
N ALA G 96 46.55 -47.62 42.17
CA ALA G 96 46.64 -46.26 41.65
C ALA G 96 45.32 -45.59 41.95
N ARG G 97 45.30 -44.25 41.80
CA ARG G 97 44.04 -43.52 41.72
C ARG G 97 43.56 -43.55 40.27
N TYR G 98 42.30 -43.97 40.09
CA TYR G 98 41.72 -44.11 38.76
C TYR G 98 40.75 -42.96 38.47
N TYR G 99 40.81 -42.42 37.23
CA TYR G 99 40.02 -41.26 36.84
C TYR G 99 39.31 -41.55 35.53
N CYS G 100 38.08 -41.03 35.38
CA CYS G 100 37.50 -41.07 34.05
C CYS G 100 37.43 -39.63 33.47
N ALA G 101 37.30 -39.56 32.16
CA ALA G 101 37.36 -38.29 31.44
C ALA G 101 36.66 -38.44 30.10
N LEU G 102 36.19 -37.29 29.55
CA LEU G 102 35.54 -37.24 28.24
C LEU G 102 36.61 -36.84 27.21
N ASP G 103 36.56 -37.48 26.05
CA ASP G 103 37.35 -36.96 24.95
C ASP G 103 36.56 -35.78 24.35
N THR G 104 37.20 -34.62 24.25
CA THR G 104 36.54 -33.43 23.75
C THR G 104 36.64 -33.37 22.23
N THR G 105 37.33 -34.34 21.62
CA THR G 105 37.43 -34.46 20.16
C THR G 105 36.30 -35.33 19.67
N ASP G 106 35.65 -34.92 18.57
CA ASP G 106 34.72 -35.79 17.86
C ASP G 106 35.54 -36.92 17.19
N ARG G 107 35.54 -38.12 17.78
CA ARG G 107 36.43 -39.17 17.31
C ARG G 107 35.69 -40.04 16.32
N TYR G 108 35.57 -39.59 15.08
CA TYR G 108 34.88 -40.34 14.06
C TYR G 108 35.87 -40.55 12.92
N ASP G 109 35.90 -41.77 12.40
CA ASP G 109 36.78 -42.09 11.28
C ASP G 109 35.91 -42.34 10.05
N SER G 110 35.80 -41.36 9.16
CA SER G 110 34.84 -41.52 8.08
C SER G 110 35.37 -42.51 7.05
N ALA G 111 36.69 -42.67 6.92
CA ALA G 111 37.16 -43.65 5.95
C ALA G 111 36.65 -45.04 6.32
N ASN G 112 36.60 -45.36 7.62
CA ASN G 112 36.10 -46.66 8.03
C ASN G 112 34.65 -46.61 8.51
N GLY G 113 34.01 -45.44 8.49
CA GLY G 113 32.60 -45.33 8.84
C GLY G 113 32.29 -45.66 10.30
N ARG G 114 33.16 -45.25 11.26
CA ARG G 114 32.87 -45.65 12.64
C ARG G 114 33.51 -44.68 13.64
N TYR G 115 32.93 -44.60 14.83
CA TYR G 115 33.52 -43.86 15.96
C TYR G 115 34.67 -44.73 16.50
N TYR G 116 35.72 -44.09 17.02
CA TYR G 116 36.80 -44.82 17.65
C TYR G 116 37.15 -44.13 18.97
N CYS G 117 38.17 -44.61 19.65
CA CYS G 117 38.61 -43.90 20.85
C CYS G 117 40.11 -44.04 20.98
N THR G 118 40.74 -43.21 21.80
CA THR G 118 42.18 -43.31 22.03
C THR G 118 42.42 -43.32 23.54
N ILE G 119 43.50 -43.99 23.96
CA ILE G 119 43.96 -44.04 25.34
C ILE G 119 44.89 -42.86 25.62
N SER G 120 45.28 -42.12 24.58
CA SER G 120 46.11 -40.94 24.80
C SER G 120 45.32 -39.88 25.58
N SER G 121 45.91 -39.25 26.61
CA SER G 121 45.18 -38.31 27.46
C SER G 121 45.05 -36.88 26.87
N ASP G 122 45.70 -36.56 25.74
CA ASP G 122 45.84 -35.18 25.24
C ASP G 122 44.51 -34.42 25.13
N THR G 123 43.46 -35.06 24.60
CA THR G 123 42.25 -34.31 24.31
C THR G 123 41.14 -34.62 25.33
N TYR G 124 41.50 -35.25 26.47
CA TYR G 124 40.52 -35.60 27.49
C TYR G 124 40.35 -34.44 28.48
N ALA G 125 39.16 -34.30 29.07
CA ALA G 125 38.92 -33.25 30.04
C ALA G 125 37.81 -33.71 30.97
N TYR G 126 37.53 -32.90 32.01
CA TYR G 126 36.43 -33.10 32.94
C TYR G 126 36.74 -34.28 33.88
N TRP G 127 38.04 -34.58 34.09
CA TRP G 127 38.59 -35.49 35.11
C TRP G 127 37.82 -35.32 36.41
N GLY G 128 37.35 -36.41 37.00
CA GLY G 128 36.78 -36.30 38.34
C GLY G 128 37.85 -36.29 39.44
N GLN G 129 37.42 -36.41 40.73
CA GLN G 129 38.35 -36.53 41.84
C GLN G 129 39.00 -37.92 41.87
N GLY G 130 38.51 -38.88 41.06
CA GLY G 130 39.14 -40.19 40.96
C GLY G 130 38.73 -41.11 42.10
N THR G 131 39.08 -42.39 42.00
CA THR G 131 38.71 -43.38 43.00
C THR G 131 39.96 -44.26 43.25
N GLN G 132 40.28 -44.48 44.53
CA GLN G 132 41.51 -45.19 44.90
C GLN G 132 41.31 -46.72 44.74
N VAL G 133 42.23 -47.39 44.03
CA VAL G 133 42.25 -48.84 43.94
C VAL G 133 43.58 -49.33 44.51
N THR G 134 43.50 -50.19 45.54
CA THR G 134 44.68 -50.73 46.18
C THR G 134 44.60 -52.26 46.12
N VAL G 135 45.66 -52.87 45.55
CA VAL G 135 45.75 -54.31 45.50
C VAL G 135 46.96 -54.74 46.35
N SER G 136 46.74 -55.42 47.48
CA SER G 136 47.88 -56.05 48.16
C SER G 136 47.46 -57.17 49.11
N SER G 137 48.47 -57.96 49.50
CA SER G 137 48.40 -59.03 50.49
C SER G 137 48.28 -58.55 51.94
N HIS G 138 49.10 -57.56 52.33
CA HIS G 138 49.05 -56.93 53.63
C HIS G 138 48.21 -55.65 53.54
N VAL H 2 -32.81 -32.34 33.33
CA VAL H 2 -32.90 -31.62 34.65
C VAL H 2 -34.35 -31.54 35.16
N GLN H 3 -34.53 -32.13 36.34
CA GLN H 3 -35.58 -31.82 37.28
C GLN H 3 -34.92 -31.88 38.66
N LEU H 4 -35.42 -31.05 39.58
CA LEU H 4 -35.18 -31.21 41.00
C LEU H 4 -35.85 -32.52 41.44
N GLN H 5 -35.52 -32.96 42.66
CA GLN H 5 -36.08 -34.20 43.17
C GLN H 5 -36.58 -33.92 44.59
N GLU H 6 -37.89 -34.00 44.82
CA GLU H 6 -38.46 -33.79 46.14
C GLU H 6 -38.48 -35.09 46.93
N SER H 7 -38.34 -35.03 48.27
CA SER H 7 -38.57 -36.21 49.10
C SER H 7 -39.03 -35.76 50.47
N GLY H 8 -39.39 -36.74 51.31
CA GLY H 8 -39.66 -36.49 52.72
C GLY H 8 -41.15 -36.57 53.00
N GLY H 9 -41.96 -36.80 51.96
CA GLY H 9 -43.42 -36.89 52.10
C GLY H 9 -43.82 -38.16 52.87
N GLY H 10 -45.09 -38.23 53.28
CA GLY H 10 -45.59 -39.45 53.92
C GLY H 10 -46.96 -39.15 54.55
N LEU H 11 -47.38 -40.04 55.48
CA LEU H 11 -48.67 -39.94 56.13
C LEU H 11 -48.44 -39.52 57.58
N VAL H 12 -49.13 -38.49 58.06
CA VAL H 12 -48.97 -38.06 59.46
C VAL H 12 -50.36 -37.71 59.98
N GLN H 13 -50.49 -37.61 61.31
CA GLN H 13 -51.73 -37.23 61.92
C GLN H 13 -51.77 -35.73 62.16
N PRO H 14 -52.97 -35.13 62.32
CA PRO H 14 -53.05 -33.70 62.64
C PRO H 14 -52.13 -33.36 63.82
N GLY H 15 -51.36 -32.26 63.66
CA GLY H 15 -50.46 -31.84 64.71
C GLY H 15 -49.07 -32.43 64.52
N GLY H 16 -48.91 -33.38 63.58
CA GLY H 16 -47.60 -33.95 63.28
C GLY H 16 -46.76 -32.97 62.41
N SER H 17 -45.55 -33.44 62.05
CA SER H 17 -44.58 -32.62 61.32
C SER H 17 -43.92 -33.52 60.29
N LEU H 18 -43.42 -32.90 59.22
CA LEU H 18 -42.64 -33.51 58.18
C LEU H 18 -41.59 -32.48 57.71
N ARG H 19 -40.49 -32.98 57.14
CA ARG H 19 -39.45 -32.12 56.60
C ARG H 19 -39.25 -32.57 55.15
N LEU H 20 -39.63 -31.69 54.21
CA LEU H 20 -39.44 -32.00 52.81
C LEU H 20 -38.08 -31.48 52.40
N SER H 21 -37.48 -32.20 51.44
CA SER H 21 -36.18 -31.86 50.92
C SER H 21 -36.29 -31.83 49.39
N CYS H 22 -35.64 -30.84 48.77
CA CYS H 22 -35.61 -30.69 47.33
C CYS H 22 -34.13 -30.70 46.96
N ALA H 23 -33.65 -31.67 46.17
CA ALA H 23 -32.24 -31.74 45.78
C ALA H 23 -32.10 -31.41 44.29
N ALA H 24 -31.00 -30.70 43.95
CA ALA H 24 -30.64 -30.50 42.53
C ALA H 24 -29.39 -31.28 42.18
N SER H 25 -29.36 -31.84 40.97
CA SER H 25 -28.25 -32.72 40.72
C SER H 25 -27.25 -32.05 39.78
N GLU H 26 -27.67 -31.08 38.98
CA GLU H 26 -26.69 -30.64 38.01
C GLU H 26 -26.67 -29.12 37.92
N THR H 27 -27.10 -28.44 38.96
CA THR H 27 -27.23 -27.00 38.86
C THR H 27 -26.79 -26.37 40.19
N ALA H 28 -26.15 -25.18 40.07
CA ALA H 28 -25.74 -24.39 41.22
C ALA H 28 -26.97 -23.61 41.69
N LEU H 29 -27.61 -24.05 42.80
CA LEU H 29 -28.86 -23.42 43.22
C LEU H 29 -28.64 -21.98 43.67
N THR H 30 -27.41 -21.66 43.98
CA THR H 30 -27.10 -20.36 44.60
C THR H 30 -27.59 -19.19 43.75
N TYR H 31 -27.71 -19.39 42.42
CA TYR H 31 -28.15 -18.29 41.54
C TYR H 31 -29.66 -18.07 41.58
N TYR H 32 -30.45 -18.93 42.25
CA TYR H 32 -31.89 -18.89 41.98
C TYR H 32 -32.72 -18.67 43.26
N ALA H 33 -33.84 -17.93 43.13
CA ALA H 33 -34.92 -18.06 44.11
C ALA H 33 -35.58 -19.42 43.89
N ILE H 34 -36.05 -20.04 44.99
CA ILE H 34 -36.60 -21.40 44.94
C ILE H 34 -37.95 -21.37 45.64
N GLY H 35 -38.91 -22.12 45.11
CA GLY H 35 -40.25 -22.14 45.65
C GLY H 35 -40.71 -23.59 45.90
N TRP H 36 -41.56 -23.74 46.92
CA TRP H 36 -42.32 -24.95 47.18
C TRP H 36 -43.77 -24.64 46.82
N PHE H 37 -44.44 -25.63 46.18
CA PHE H 37 -45.80 -25.46 45.70
C PHE H 37 -46.57 -26.73 46.11
N ARG H 38 -47.90 -26.71 46.07
CA ARG H 38 -48.57 -27.93 46.45
C ARG H 38 -49.86 -28.00 45.64
N GLN H 39 -50.33 -29.23 45.43
CA GLN H 39 -51.55 -29.43 44.67
C GLN H 39 -52.42 -30.43 45.42
N ALA H 40 -53.52 -29.92 45.98
CA ALA H 40 -54.44 -30.66 46.82
C ALA H 40 -55.37 -31.45 45.91
N PRO H 41 -56.06 -32.53 46.41
CA PRO H 41 -57.01 -33.26 45.58
C PRO H 41 -58.06 -32.33 44.95
N GLY H 42 -58.22 -32.42 43.63
CA GLY H 42 -59.26 -31.68 42.93
C GLY H 42 -58.85 -30.25 42.62
N LYS H 43 -57.73 -29.74 43.17
CA LYS H 43 -57.45 -28.30 43.13
C LYS H 43 -56.22 -27.99 42.27
N GLU H 44 -56.05 -26.71 41.93
CA GLU H 44 -54.91 -26.29 41.12
C GLU H 44 -53.69 -26.14 42.03
N ARG H 45 -52.51 -26.25 41.41
CA ARG H 45 -51.26 -26.08 42.09
C ARG H 45 -51.18 -24.64 42.61
N GLU H 46 -50.64 -24.45 43.81
CA GLU H 46 -50.58 -23.12 44.39
C GLU H 46 -49.23 -23.00 45.11
N GLY H 47 -48.73 -21.77 45.21
CA GLY H 47 -47.45 -21.55 45.89
C GLY H 47 -47.67 -21.66 47.43
N VAL H 48 -46.68 -22.21 48.11
CA VAL H 48 -46.73 -22.38 49.54
C VAL H 48 -45.65 -21.51 50.16
N SER H 49 -44.43 -21.56 49.65
CA SER H 49 -43.33 -20.82 50.26
C SER H 49 -42.27 -20.55 49.20
N CYS H 50 -41.49 -19.48 49.38
CA CYS H 50 -40.38 -19.23 48.49
C CYS H 50 -39.24 -18.61 49.30
N ILE H 51 -38.02 -18.72 48.78
CA ILE H 51 -36.83 -18.13 49.40
C ILE H 51 -36.00 -17.51 48.29
N SER H 52 -35.51 -16.28 48.53
CA SER H 52 -34.73 -15.55 47.54
C SER H 52 -33.32 -16.15 47.48
N ALA H 53 -32.61 -15.82 46.39
CA ALA H 53 -31.16 -15.96 46.36
C ALA H 53 -30.55 -15.18 47.53
N ILE H 54 -29.41 -15.71 48.02
CA ILE H 54 -28.62 -15.15 49.09
C ILE H 54 -27.39 -14.50 48.43
N ASN H 55 -27.32 -13.17 48.56
CA ASN H 55 -26.29 -12.38 47.90
C ASN H 55 -25.36 -11.94 49.00
N SER H 56 -24.03 -11.91 48.77
CA SER H 56 -23.05 -11.60 49.81
C SER H 56 -23.51 -10.57 50.85
N GLY H 57 -23.49 -10.94 52.12
CA GLY H 57 -23.85 -10.00 53.16
C GLY H 57 -25.34 -9.80 53.34
N SER H 58 -26.23 -10.30 52.46
CA SER H 58 -27.62 -9.85 52.52
C SER H 58 -28.57 -10.90 53.10
N GLY H 59 -28.14 -12.16 53.24
CA GLY H 59 -29.09 -13.13 53.80
C GLY H 59 -30.20 -13.44 52.78
N ALA H 60 -31.33 -13.99 53.25
CA ALA H 60 -32.39 -14.43 52.34
C ALA H 60 -33.70 -13.76 52.72
N ARG H 61 -34.56 -13.49 51.76
CA ARG H 61 -35.93 -13.12 52.06
C ARG H 61 -36.82 -14.33 51.74
N THR H 62 -37.89 -14.50 52.48
CA THR H 62 -38.78 -15.64 52.27
C THR H 62 -40.21 -15.13 52.21
N ASP H 63 -41.10 -15.93 51.64
CA ASP H 63 -42.50 -15.59 51.68
C ASP H 63 -43.31 -16.89 51.84
N TYR H 64 -44.56 -16.75 52.28
CA TYR H 64 -45.40 -17.91 52.58
C TYR H 64 -46.83 -17.57 52.20
N ALA H 65 -47.57 -18.56 51.71
CA ALA H 65 -49.02 -18.40 51.58
C ALA H 65 -49.60 -18.14 52.97
N ASP H 66 -50.66 -17.33 53.00
CA ASP H 66 -51.33 -17.02 54.26
C ASP H 66 -51.72 -18.28 55.02
N SER H 67 -52.12 -19.33 54.32
CA SER H 67 -52.62 -20.50 55.04
C SER H 67 -51.50 -21.20 55.80
N VAL H 68 -50.22 -20.90 55.52
CA VAL H 68 -49.18 -21.75 56.14
C VAL H 68 -48.26 -20.89 57.03
N LYS H 69 -48.48 -19.58 57.04
CA LYS H 69 -47.61 -18.67 57.78
C LYS H 69 -47.56 -19.06 59.25
N GLY H 70 -46.31 -19.12 59.76
CA GLY H 70 -46.10 -19.44 61.17
C GLY H 70 -45.99 -20.95 61.41
N ARG H 71 -46.36 -21.80 60.44
CA ARG H 71 -46.33 -23.24 60.67
C ARG H 71 -45.23 -23.91 59.83
N PHE H 72 -44.90 -23.36 58.64
CA PHE H 72 -43.87 -23.93 57.78
C PHE H 72 -42.66 -22.97 57.73
N THR H 73 -41.46 -23.52 57.53
CA THR H 73 -40.24 -22.72 57.43
C THR H 73 -39.50 -23.27 56.21
N ILE H 74 -39.20 -22.38 55.25
CA ILE H 74 -38.35 -22.76 54.13
C ILE H 74 -36.89 -22.41 54.48
N SER H 75 -35.90 -23.20 54.05
CA SER H 75 -34.51 -22.75 54.20
C SER H 75 -33.70 -23.37 53.06
N ARG H 76 -32.43 -22.97 52.88
CA ARG H 76 -31.73 -23.52 51.72
C ARG H 76 -30.31 -23.83 52.16
N ASP H 77 -29.68 -24.75 51.45
CA ASP H 77 -28.29 -25.06 51.68
C ASP H 77 -27.54 -25.01 50.33
N ASP H 78 -26.85 -23.89 50.09
CA ASP H 78 -26.24 -23.64 48.80
C ASP H 78 -25.02 -24.55 48.61
N ALA H 79 -24.38 -24.97 49.70
CA ALA H 79 -23.24 -25.89 49.60
C ALA H 79 -23.71 -27.29 49.17
N LYS H 80 -24.88 -27.74 49.63
CA LYS H 80 -25.38 -29.07 49.30
C LYS H 80 -26.29 -29.00 48.07
N ASN H 81 -26.65 -27.78 47.63
CA ASN H 81 -27.64 -27.63 46.56
C ASN H 81 -28.99 -28.28 46.92
N THR H 82 -29.52 -27.95 48.12
CA THR H 82 -30.85 -28.38 48.54
C THR H 82 -31.66 -27.20 49.05
N VAL H 83 -32.97 -27.42 49.13
CA VAL H 83 -33.88 -26.52 49.79
C VAL H 83 -34.80 -27.38 50.65
N THR H 84 -35.18 -26.89 51.82
CA THR H 84 -35.91 -27.70 52.79
C THR H 84 -37.22 -26.96 53.13
N LEU H 85 -38.31 -27.75 53.33
CA LEU H 85 -39.50 -27.17 53.88
C LEU H 85 -39.85 -27.95 55.16
N GLN H 86 -39.62 -27.31 56.32
CA GLN H 86 -40.06 -27.87 57.59
C GLN H 86 -41.53 -27.52 57.81
N MET H 87 -42.36 -28.58 57.95
CA MET H 87 -43.79 -28.34 58.08
C MET H 87 -44.22 -28.76 59.49
N ASN H 88 -44.63 -27.79 60.32
CA ASN H 88 -45.11 -28.13 61.66
C ASN H 88 -46.62 -28.00 61.74
N SER H 89 -47.21 -28.54 62.82
CA SER H 89 -48.63 -28.37 63.13
C SER H 89 -49.49 -28.68 61.91
N LEU H 90 -49.25 -29.83 61.26
CA LEU H 90 -49.95 -30.13 60.02
C LEU H 90 -51.46 -30.35 60.28
N GLU H 91 -52.30 -29.95 59.31
CA GLU H 91 -53.74 -30.13 59.42
C GLU H 91 -54.22 -30.90 58.19
N PRO H 92 -55.42 -31.55 58.23
CA PRO H 92 -55.96 -32.28 57.05
C PRO H 92 -55.87 -31.48 55.74
N GLU H 93 -56.16 -30.19 55.82
CA GLU H 93 -56.18 -29.28 54.69
C GLU H 93 -54.78 -29.12 54.06
N ASP H 94 -53.67 -29.54 54.73
CA ASP H 94 -52.36 -29.51 54.13
C ASP H 94 -52.11 -30.71 53.19
N THR H 95 -53.02 -31.70 53.15
CA THR H 95 -52.88 -32.88 52.28
C THR H 95 -52.72 -32.43 50.81
N ALA H 96 -51.64 -32.87 50.15
CA ALA H 96 -51.35 -32.37 48.79
C ALA H 96 -50.09 -33.06 48.31
N ARG H 97 -49.89 -33.04 46.99
CA ARG H 97 -48.56 -33.33 46.47
C ARG H 97 -47.75 -32.00 46.48
N TYR H 98 -46.56 -32.06 47.07
CA TYR H 98 -45.69 -30.88 47.19
C TYR H 98 -44.55 -30.97 46.16
N TYR H 99 -44.26 -29.81 45.54
CA TYR H 99 -43.29 -29.74 44.45
C TYR H 99 -42.32 -28.59 44.69
N CYS H 100 -41.07 -28.76 44.30
CA CYS H 100 -40.19 -27.59 44.32
C CYS H 100 -39.86 -27.19 42.89
N ALA H 101 -39.44 -25.95 42.72
CA ALA H 101 -39.06 -25.42 41.39
C ALA H 101 -38.12 -24.22 41.58
N LEU H 102 -37.35 -23.89 40.52
CA LEU H 102 -36.44 -22.74 40.53
C LEU H 102 -37.14 -21.59 39.79
N ASP H 103 -36.98 -20.35 40.27
CA ASP H 103 -37.52 -19.21 39.54
C ASP H 103 -36.49 -18.86 38.46
N THR H 104 -36.93 -18.81 37.21
CA THR H 104 -36.00 -18.46 36.13
C THR H 104 -35.71 -16.96 36.08
N THR H 105 -36.49 -16.16 36.85
CA THR H 105 -36.27 -14.72 36.87
C THR H 105 -35.23 -14.38 37.93
N ASP H 106 -34.26 -13.53 37.57
CA ASP H 106 -33.39 -12.94 38.60
CA ASP H 106 -33.34 -12.78 38.44
C ASP H 106 -34.21 -11.89 39.34
N ARG H 107 -34.58 -12.25 40.58
CA ARG H 107 -35.59 -11.49 41.30
C ARG H 107 -34.87 -10.46 42.15
N TYR H 108 -34.55 -9.32 41.55
CA TYR H 108 -33.91 -8.24 42.29
C TYR H 108 -34.82 -7.01 42.25
N ASP H 109 -34.93 -6.36 43.41
CA ASP H 109 -35.75 -5.16 43.52
C ASP H 109 -34.80 -4.00 43.77
N SER H 110 -34.54 -3.21 42.71
CA SER H 110 -33.51 -2.20 42.88
C SER H 110 -34.02 -1.05 43.76
N ALA H 111 -35.33 -0.80 43.80
CA ALA H 111 -35.76 0.33 44.62
C ALA H 111 -35.46 0.03 46.09
N ASN H 112 -35.54 -1.22 46.50
CA ASN H 112 -35.21 -1.59 47.87
C ASN H 112 -33.82 -2.17 48.00
N GLY H 113 -33.06 -2.30 46.91
CA GLY H 113 -31.69 -2.80 46.98
C GLY H 113 -31.59 -4.26 47.47
N ARG H 114 -32.51 -5.17 47.08
CA ARG H 114 -32.42 -6.50 47.64
C ARG H 114 -33.05 -7.55 46.72
N TYR H 115 -32.61 -8.81 46.91
CA TYR H 115 -33.21 -9.95 46.22
C TYR H 115 -34.52 -10.31 46.91
N TYR H 116 -35.50 -10.84 46.17
CA TYR H 116 -36.77 -11.23 46.77
C TYR H 116 -37.19 -12.56 46.15
N CYS H 117 -38.40 -13.03 46.44
CA CYS H 117 -38.92 -14.20 45.75
C CYS H 117 -40.44 -14.05 45.66
N THR H 118 -41.11 -14.80 44.79
CA THR H 118 -42.57 -14.76 44.70
C THR H 118 -43.07 -16.21 44.78
N ILE H 119 -44.29 -16.38 45.33
CA ILE H 119 -44.91 -17.72 45.35
C ILE H 119 -45.81 -17.88 44.13
N SER H 120 -45.88 -16.87 43.24
CA SER H 120 -46.54 -17.10 41.95
C SER H 120 -45.71 -18.08 41.11
N SER H 121 -46.33 -19.07 40.46
CA SER H 121 -45.62 -20.11 39.71
C SER H 121 -45.18 -19.71 38.27
N ASP H 122 -45.58 -18.52 37.78
CA ASP H 122 -45.49 -18.18 36.35
C ASP H 122 -44.06 -18.33 35.78
N THR H 123 -43.03 -17.89 36.50
CA THR H 123 -41.69 -17.89 35.95
C THR H 123 -40.84 -19.07 36.45
N TYR H 124 -41.41 -20.06 37.15
CA TYR H 124 -40.65 -21.16 37.73
C TYR H 124 -40.48 -22.31 36.72
N ALA H 125 -39.42 -23.13 36.87
CA ALA H 125 -39.14 -24.23 35.95
C ALA H 125 -38.37 -25.31 36.72
N TYR H 126 -38.06 -26.43 36.06
CA TYR H 126 -37.31 -27.56 36.64
C TYR H 126 -38.16 -28.30 37.71
N TRP H 127 -39.51 -28.19 37.66
CA TRP H 127 -40.44 -28.88 38.60
C TRP H 127 -40.04 -30.34 38.81
N GLY H 128 -39.91 -30.78 40.08
CA GLY H 128 -39.77 -32.22 40.22
C GLY H 128 -41.11 -32.97 40.13
N GLN H 129 -41.06 -34.28 40.34
CA GLN H 129 -42.26 -35.13 40.31
C GLN H 129 -43.06 -35.00 41.60
N GLY H 130 -42.50 -34.32 42.59
CA GLY H 130 -43.28 -34.00 43.79
C GLY H 130 -43.25 -35.11 44.83
N THR H 131 -43.70 -34.82 46.06
CA THR H 131 -43.77 -35.82 47.13
C THR H 131 -45.13 -35.66 47.82
N GLN H 132 -45.85 -36.79 48.00
CA GLN H 132 -47.21 -36.82 48.56
C GLN H 132 -47.17 -36.64 50.08
N VAL H 133 -48.01 -35.71 50.58
CA VAL H 133 -48.17 -35.50 52.02
C VAL H 133 -49.63 -35.69 52.35
N THR H 134 -49.94 -36.66 53.23
CA THR H 134 -51.32 -36.91 53.63
C THR H 134 -51.43 -36.71 55.14
N VAL H 135 -52.37 -35.83 55.53
CA VAL H 135 -52.59 -35.58 56.96
C VAL H 135 -53.99 -36.09 57.30
N SER H 136 -54.11 -37.14 58.10
CA SER H 136 -55.42 -37.51 58.64
C SER H 136 -55.31 -38.48 59.82
N SER H 137 -56.43 -38.63 60.53
CA SER H 137 -56.63 -39.63 61.58
C SER H 137 -57.06 -40.96 60.94
N HIS H 138 -56.76 -42.08 61.62
CA HIS H 138 -57.51 -43.32 61.44
C HIS H 138 -58.06 -43.44 60.01
C ACT I . 2.22 7.11 -4.07
O ACT I . 2.00 7.14 -5.34
OXT ACT I . 2.01 8.12 -3.28
CH3 ACT I . 2.74 5.74 -3.50
C ACT J . -1.78 3.10 -7.76
O ACT J . -1.47 2.11 -8.58
OXT ACT J . -1.28 4.32 -7.82
CH3 ACT J . -2.85 2.86 -6.64
C ACT K . -0.88 -7.70 4.29
O ACT K . -0.28 -7.74 5.45
OXT ACT K . -2.10 -8.07 4.08
CH3 ACT K . -0.05 -7.17 3.08
C ACT L . 1.93 -2.91 8.51
O ACT L . 1.48 -4.03 8.89
OXT ACT L . 1.22 -2.01 8.00
CH3 ACT L . 3.43 -2.61 8.64
C1 GOL M . -23.68 -14.13 15.94
O1 GOL M . -22.81 -15.14 16.46
C2 GOL M . -24.36 -14.73 14.73
O2 GOL M . -23.48 -14.54 13.63
C3 GOL M . -25.77 -14.24 14.42
O3 GOL M . -26.76 -15.28 14.53
#